data_2B1F
# 
_entry.id   2B1F 
# 
_audit_conform.dict_name       mmcif_pdbx.dic 
_audit_conform.dict_version    5.387 
_audit_conform.dict_location   http://mmcif.pdb.org/dictionaries/ascii/mmcif_pdbx.dic 
# 
loop_
_database_2.database_id 
_database_2.database_code 
_database_2.pdbx_database_accession 
_database_2.pdbx_DOI 
PDB   2B1F         pdb_00002b1f 10.2210/pdb2b1f/pdb 
RCSB  RCSB034555   ?            ?                   
WWPDB D_1000034555 ?            ?                   
# 
loop_
_pdbx_audit_revision_history.ordinal 
_pdbx_audit_revision_history.data_content_type 
_pdbx_audit_revision_history.major_revision 
_pdbx_audit_revision_history.minor_revision 
_pdbx_audit_revision_history.revision_date 
1 'Structure model' 1 0 2006-01-31 
2 'Structure model' 1 1 2008-05-01 
3 'Structure model' 1 2 2011-07-13 
4 'Structure model' 1 3 2021-10-20 
5 'Structure model' 1 4 2024-02-14 
# 
_pdbx_audit_revision_details.ordinal             1 
_pdbx_audit_revision_details.revision_ordinal    1 
_pdbx_audit_revision_details.data_content_type   'Structure model' 
_pdbx_audit_revision_details.provider            repository 
_pdbx_audit_revision_details.type                'Initial release' 
_pdbx_audit_revision_details.description         ? 
_pdbx_audit_revision_details.details             ? 
# 
loop_
_pdbx_audit_revision_group.ordinal 
_pdbx_audit_revision_group.revision_ordinal 
_pdbx_audit_revision_group.data_content_type 
_pdbx_audit_revision_group.group 
1 2 'Structure model' 'Version format compliance' 
2 3 'Structure model' 'Version format compliance' 
3 4 'Structure model' 'Database references'       
4 5 'Structure model' 'Data collection'           
# 
loop_
_pdbx_audit_revision_category.ordinal 
_pdbx_audit_revision_category.revision_ordinal 
_pdbx_audit_revision_category.data_content_type 
_pdbx_audit_revision_category.category 
1 4 'Structure model' database_2         
2 4 'Structure model' struct_ref_seq_dif 
3 5 'Structure model' chem_comp_atom     
4 5 'Structure model' chem_comp_bond     
# 
loop_
_pdbx_audit_revision_item.ordinal 
_pdbx_audit_revision_item.revision_ordinal 
_pdbx_audit_revision_item.data_content_type 
_pdbx_audit_revision_item.item 
1 4 'Structure model' '_database_2.pdbx_DOI'                
2 4 'Structure model' '_database_2.pdbx_database_accession' 
3 4 'Structure model' '_struct_ref_seq_dif.details'         
# 
_pdbx_database_status.status_code                     REL 
_pdbx_database_status.entry_id                        2B1F 
_pdbx_database_status.recvd_initial_deposition_date   2005-09-15 
_pdbx_database_status.deposit_site                    RCSB 
_pdbx_database_status.process_site                    RCSB 
_pdbx_database_status.status_code_sf                  REL 
_pdbx_database_status.status_code_mr                  ? 
_pdbx_database_status.SG_entry                        ? 
_pdbx_database_status.pdb_format_compatible           Y 
_pdbx_database_status.status_code_cs                  ? 
_pdbx_database_status.status_code_nmr_data            ? 
_pdbx_database_status.methods_development_category    ? 
# 
loop_
_pdbx_database_related.db_name 
_pdbx_database_related.db_id 
_pdbx_database_related.details 
_pdbx_database_related.content_type 
PDB 2ZTA 'Crystal structure of the GCN4 leucine zipper, a two-stranded, parallel coiled coil'                         unspecified 
PDB 1GCM 'Crystal structure of Gcn4 Leucine Zipper Core Mutant P-Li'                                                  unspecified 
PDB 1GCL 'Crystal structure of Gcn4 Leucine Zipper Core Mutant P-Li'                                                  unspecified 
PDB 2B22 'Crystal structure of antiparallel four-stranded coiled coil specified by a 3-3-1 hydrophobic heptad repeat' unspecified 
# 
loop_
_audit_author.name 
_audit_author.pdbx_ordinal 
'Deng, Y.'         1 
'Liu, J.'          2 
'Zheng, Q.'        3 
'Eliezer, D.'      4 
'Kallenbach, N.R.' 5 
'Lu, M.'           6 
# 
_citation.id                        primary 
_citation.title                     'Antiparallel four-stranded coiled coil specified by a 3-3-1 hydrophobic heptad repeat.' 
_citation.journal_abbrev            Structure 
_citation.journal_volume            14 
_citation.page_first                247 
_citation.page_last                 255 
_citation.year                      2006 
_citation.journal_id_ASTM           STRUE6 
_citation.country                   UK 
_citation.journal_id_ISSN           0969-2126 
_citation.journal_id_CSD            2005 
_citation.book_publisher            ? 
_citation.pdbx_database_id_PubMed   16472744 
_citation.pdbx_database_id_DOI      10.1016/j.str.2005.10.010 
# 
loop_
_citation_author.citation_id 
_citation_author.name 
_citation_author.ordinal 
_citation_author.identifier_ORCID 
primary 'Deng, Y.'         1 ? 
primary 'Liu, J.'          2 ? 
primary 'Zheng, Q.'        3 ? 
primary 'Eliezer, D.'      4 ? 
primary 'Kallenbach, N.R.' 5 ? 
primary 'Lu, M.'           6 ? 
# 
loop_
_entity.id 
_entity.type 
_entity.src_method 
_entity.pdbx_description 
_entity.formula_weight 
_entity.pdbx_number_of_molecules 
_entity.pdbx_ec 
_entity.pdbx_mutation 
_entity.pdbx_fragment 
_entity.details 
1 polymer man 'General control protein GCN4' 3902.540 4   ? ? ? ? 
2 water   nat water                          18.015   117 ? ? ? ? 
# 
_entity_name_com.entity_id   1 
_entity_name_com.name        'Amino acid biosynthesis regulatory protein' 
# 
_entity_poly.entity_id                      1 
_entity_poly.type                           'polypeptide(L)' 
_entity_poly.nstd_linkage                   no 
_entity_poly.nstd_monomer                   no 
_entity_poly.pdbx_seq_one_letter_code       MKVKQLEDAVEELLSANYHLENAVARLKKLVGER 
_entity_poly.pdbx_seq_one_letter_code_can   MKVKQLEDAVEELLSANYHLENAVARLKKLVGER 
_entity_poly.pdbx_strand_id                 A,B,C,D 
_entity_poly.pdbx_target_identifier         ? 
# 
_pdbx_entity_nonpoly.entity_id   2 
_pdbx_entity_nonpoly.name        water 
_pdbx_entity_nonpoly.comp_id     HOH 
# 
loop_
_entity_poly_seq.entity_id 
_entity_poly_seq.num 
_entity_poly_seq.mon_id 
_entity_poly_seq.hetero 
1 1  MET n 
1 2  LYS n 
1 3  VAL n 
1 4  LYS n 
1 5  GLN n 
1 6  LEU n 
1 7  GLU n 
1 8  ASP n 
1 9  ALA n 
1 10 VAL n 
1 11 GLU n 
1 12 GLU n 
1 13 LEU n 
1 14 LEU n 
1 15 SER n 
1 16 ALA n 
1 17 ASN n 
1 18 TYR n 
1 19 HIS n 
1 20 LEU n 
1 21 GLU n 
1 22 ASN n 
1 23 ALA n 
1 24 VAL n 
1 25 ALA n 
1 26 ARG n 
1 27 LEU n 
1 28 LYS n 
1 29 LYS n 
1 30 LEU n 
1 31 VAL n 
1 32 GLY n 
1 33 GLU n 
1 34 ARG n 
# 
_entity_src_gen.entity_id                          1 
_entity_src_gen.pdbx_src_id                        1 
_entity_src_gen.pdbx_alt_source_flag               sample 
_entity_src_gen.pdbx_seq_type                      ? 
_entity_src_gen.pdbx_beg_seq_num                   ? 
_entity_src_gen.pdbx_end_seq_num                   ? 
_entity_src_gen.gene_src_common_name               
;baker's yeast
;
_entity_src_gen.gene_src_genus                     Saccharomyces 
_entity_src_gen.pdbx_gene_src_gene                 'GCN4, AAS3, ARG9' 
_entity_src_gen.gene_src_species                   ? 
_entity_src_gen.gene_src_strain                    ? 
_entity_src_gen.gene_src_tissue                    ? 
_entity_src_gen.gene_src_tissue_fraction           ? 
_entity_src_gen.gene_src_details                   ? 
_entity_src_gen.pdbx_gene_src_fragment             ? 
_entity_src_gen.pdbx_gene_src_scientific_name      'Saccharomyces cerevisiae' 
_entity_src_gen.pdbx_gene_src_ncbi_taxonomy_id     4932 
_entity_src_gen.pdbx_gene_src_variant              ? 
_entity_src_gen.pdbx_gene_src_cell_line            ? 
_entity_src_gen.pdbx_gene_src_atcc                 ? 
_entity_src_gen.pdbx_gene_src_organ                ? 
_entity_src_gen.pdbx_gene_src_organelle            ? 
_entity_src_gen.pdbx_gene_src_cell                 ? 
_entity_src_gen.pdbx_gene_src_cellular_location    ? 
_entity_src_gen.host_org_common_name               ? 
_entity_src_gen.pdbx_host_org_scientific_name      'Escherichia coli' 
_entity_src_gen.pdbx_host_org_ncbi_taxonomy_id     562 
_entity_src_gen.host_org_genus                     Escherichia 
_entity_src_gen.pdbx_host_org_gene                 ? 
_entity_src_gen.pdbx_host_org_organ                ? 
_entity_src_gen.host_org_species                   ? 
_entity_src_gen.pdbx_host_org_tissue               ? 
_entity_src_gen.pdbx_host_org_tissue_fraction      ? 
_entity_src_gen.pdbx_host_org_strain               BL21/pLysis 
_entity_src_gen.pdbx_host_org_variant              ? 
_entity_src_gen.pdbx_host_org_cell_line            ? 
_entity_src_gen.pdbx_host_org_atcc                 ? 
_entity_src_gen.pdbx_host_org_culture_collection   ? 
_entity_src_gen.pdbx_host_org_cell                 ? 
_entity_src_gen.pdbx_host_org_organelle            ? 
_entity_src_gen.pdbx_host_org_cellular_location    ? 
_entity_src_gen.pdbx_host_org_vector_type          PLASMID 
_entity_src_gen.pdbx_host_org_vector               ? 
_entity_src_gen.host_org_details                   ? 
_entity_src_gen.expression_system_id               ? 
_entity_src_gen.plasmid_name                       pPA 
_entity_src_gen.plasmid_details                    ? 
_entity_src_gen.pdbx_description                   ? 
# 
loop_
_chem_comp.id 
_chem_comp.type 
_chem_comp.mon_nstd_flag 
_chem_comp.name 
_chem_comp.pdbx_synonyms 
_chem_comp.formula 
_chem_comp.formula_weight 
ALA 'L-peptide linking' y ALANINE         ? 'C3 H7 N O2'     89.093  
ARG 'L-peptide linking' y ARGININE        ? 'C6 H15 N4 O2 1' 175.209 
ASN 'L-peptide linking' y ASPARAGINE      ? 'C4 H8 N2 O3'    132.118 
ASP 'L-peptide linking' y 'ASPARTIC ACID' ? 'C4 H7 N O4'     133.103 
GLN 'L-peptide linking' y GLUTAMINE       ? 'C5 H10 N2 O3'   146.144 
GLU 'L-peptide linking' y 'GLUTAMIC ACID' ? 'C5 H9 N O4'     147.129 
GLY 'peptide linking'   y GLYCINE         ? 'C2 H5 N O2'     75.067  
HIS 'L-peptide linking' y HISTIDINE       ? 'C6 H10 N3 O2 1' 156.162 
HOH non-polymer         . WATER           ? 'H2 O'           18.015  
LEU 'L-peptide linking' y LEUCINE         ? 'C6 H13 N O2'    131.173 
LYS 'L-peptide linking' y LYSINE          ? 'C6 H15 N2 O2 1' 147.195 
MET 'L-peptide linking' y METHIONINE      ? 'C5 H11 N O2 S'  149.211 
SER 'L-peptide linking' y SERINE          ? 'C3 H7 N O3'     105.093 
TYR 'L-peptide linking' y TYROSINE        ? 'C9 H11 N O3'    181.189 
VAL 'L-peptide linking' y VALINE          ? 'C5 H11 N O2'    117.146 
# 
loop_
_pdbx_poly_seq_scheme.asym_id 
_pdbx_poly_seq_scheme.entity_id 
_pdbx_poly_seq_scheme.seq_id 
_pdbx_poly_seq_scheme.mon_id 
_pdbx_poly_seq_scheme.ndb_seq_num 
_pdbx_poly_seq_scheme.pdb_seq_num 
_pdbx_poly_seq_scheme.auth_seq_num 
_pdbx_poly_seq_scheme.pdb_mon_id 
_pdbx_poly_seq_scheme.auth_mon_id 
_pdbx_poly_seq_scheme.pdb_strand_id 
_pdbx_poly_seq_scheme.pdb_ins_code 
_pdbx_poly_seq_scheme.hetero 
A 1 1  MET 1  0  0  MET MET A . n 
A 1 2  LYS 2  1  1  LYS LYS A . n 
A 1 3  VAL 3  2  2  VAL VAL A . n 
A 1 4  LYS 4  3  3  LYS LYS A . n 
A 1 5  GLN 5  4  4  GLN GLN A . n 
A 1 6  LEU 6  5  5  LEU LEU A . n 
A 1 7  GLU 7  6  6  GLU GLU A . n 
A 1 8  ASP 8  7  7  ASP ASP A . n 
A 1 9  ALA 9  8  8  ALA ALA A . n 
A 1 10 VAL 10 9  9  VAL VAL A . n 
A 1 11 GLU 11 10 10 GLU GLU A . n 
A 1 12 GLU 12 11 11 GLU GLU A . n 
A 1 13 LEU 13 12 12 LEU LEU A . n 
A 1 14 LEU 14 13 13 LEU LEU A . n 
A 1 15 SER 15 14 14 SER SER A . n 
A 1 16 ALA 16 15 15 ALA ALA A . n 
A 1 17 ASN 17 16 16 ASN ASN A . n 
A 1 18 TYR 18 17 17 TYR TYR A . n 
A 1 19 HIS 19 18 18 HIS HIS A . n 
A 1 20 LEU 20 19 19 LEU LEU A . n 
A 1 21 GLU 21 20 20 GLU GLU A . n 
A 1 22 ASN 22 21 21 ASN ASN A . n 
A 1 23 ALA 23 22 22 ALA ALA A . n 
A 1 24 VAL 24 23 23 VAL VAL A . n 
A 1 25 ALA 25 24 24 ALA ALA A . n 
A 1 26 ARG 26 25 25 ARG ARG A . n 
A 1 27 LEU 27 26 26 LEU LEU A . n 
A 1 28 LYS 28 27 27 LYS LYS A . n 
A 1 29 LYS 29 28 28 LYS LYS A . n 
A 1 30 LEU 30 29 29 LEU LEU A . n 
A 1 31 VAL 31 30 30 VAL VAL A . n 
A 1 32 GLY 32 31 31 GLY GLY A . n 
A 1 33 GLU 33 32 ?  ?   ?   A . n 
A 1 34 ARG 34 33 ?  ?   ?   A . n 
B 1 1  MET 1  0  ?  ?   ?   B . n 
B 1 2  LYS 2  1  1  LYS LYS B . n 
B 1 3  VAL 3  2  2  VAL VAL B . n 
B 1 4  LYS 4  3  3  LYS LYS B . n 
B 1 5  GLN 5  4  4  GLN GLN B . n 
B 1 6  LEU 6  5  5  LEU LEU B . n 
B 1 7  GLU 7  6  6  GLU GLU B . n 
B 1 8  ASP 8  7  7  ASP ASP B . n 
B 1 9  ALA 9  8  8  ALA ALA B . n 
B 1 10 VAL 10 9  9  VAL VAL B . n 
B 1 11 GLU 11 10 10 GLU GLU B . n 
B 1 12 GLU 12 11 11 GLU GLU B . n 
B 1 13 LEU 13 12 12 LEU LEU B . n 
B 1 14 LEU 14 13 13 LEU LEU B . n 
B 1 15 SER 15 14 14 SER SER B . n 
B 1 16 ALA 16 15 15 ALA ALA B . n 
B 1 17 ASN 17 16 16 ASN ASN B . n 
B 1 18 TYR 18 17 17 TYR TYR B . n 
B 1 19 HIS 19 18 18 HIS HIS B . n 
B 1 20 LEU 20 19 19 LEU LEU B . n 
B 1 21 GLU 21 20 20 GLU GLU B . n 
B 1 22 ASN 22 21 21 ASN ASN B . n 
B 1 23 ALA 23 22 22 ALA ALA B . n 
B 1 24 VAL 24 23 23 VAL VAL B . n 
B 1 25 ALA 25 24 24 ALA ALA B . n 
B 1 26 ARG 26 25 25 ARG ARG B . n 
B 1 27 LEU 27 26 26 LEU LEU B . n 
B 1 28 LYS 28 27 27 LYS LYS B . n 
B 1 29 LYS 29 28 28 LYS LYS B . n 
B 1 30 LEU 30 29 29 LEU LEU B . n 
B 1 31 VAL 31 30 30 VAL VAL B . n 
B 1 32 GLY 32 31 31 GLY GLY B . n 
B 1 33 GLU 33 32 32 GLU GLU B . n 
B 1 34 ARG 34 33 ?  ?   ?   B . n 
C 1 1  MET 1  0  ?  ?   ?   C . n 
C 1 2  LYS 2  1  1  LYS LYS C . n 
C 1 3  VAL 3  2  2  VAL VAL C . n 
C 1 4  LYS 4  3  3  LYS LYS C . n 
C 1 5  GLN 5  4  4  GLN GLN C . n 
C 1 6  LEU 6  5  5  LEU LEU C . n 
C 1 7  GLU 7  6  6  GLU GLU C . n 
C 1 8  ASP 8  7  7  ASP ASP C . n 
C 1 9  ALA 9  8  8  ALA ALA C . n 
C 1 10 VAL 10 9  9  VAL VAL C . n 
C 1 11 GLU 11 10 10 GLU GLU C . n 
C 1 12 GLU 12 11 11 GLU GLU C . n 
C 1 13 LEU 13 12 12 LEU LEU C . n 
C 1 14 LEU 14 13 13 LEU LEU C . n 
C 1 15 SER 15 14 14 SER SER C . n 
C 1 16 ALA 16 15 15 ALA ALA C . n 
C 1 17 ASN 17 16 16 ASN ASN C . n 
C 1 18 TYR 18 17 17 TYR TYR C . n 
C 1 19 HIS 19 18 18 HIS HIS C . n 
C 1 20 LEU 20 19 19 LEU LEU C . n 
C 1 21 GLU 21 20 20 GLU GLU C . n 
C 1 22 ASN 22 21 21 ASN ASN C . n 
C 1 23 ALA 23 22 22 ALA ALA C . n 
C 1 24 VAL 24 23 23 VAL VAL C . n 
C 1 25 ALA 25 24 24 ALA ALA C . n 
C 1 26 ARG 26 25 25 ARG ARG C . n 
C 1 27 LEU 27 26 26 LEU LEU C . n 
C 1 28 LYS 28 27 27 LYS LYS C . n 
C 1 29 LYS 29 28 28 LYS LYS C . n 
C 1 30 LEU 30 29 29 LEU LEU C . n 
C 1 31 VAL 31 30 30 VAL VAL C . n 
C 1 32 GLY 32 31 31 GLY GLY C . n 
C 1 33 GLU 33 32 ?  ?   ?   C . n 
C 1 34 ARG 34 33 ?  ?   ?   C . n 
D 1 1  MET 1  0  ?  ?   ?   D . n 
D 1 2  LYS 2  1  ?  ?   ?   D . n 
D 1 3  VAL 3  2  2  VAL VAL D . n 
D 1 4  LYS 4  3  3  LYS LYS D . n 
D 1 5  GLN 5  4  4  GLN GLN D . n 
D 1 6  LEU 6  5  5  LEU LEU D . n 
D 1 7  GLU 7  6  6  GLU GLU D . n 
D 1 8  ASP 8  7  7  ASP ASP D . n 
D 1 9  ALA 9  8  8  ALA ALA D . n 
D 1 10 VAL 10 9  9  VAL VAL D . n 
D 1 11 GLU 11 10 10 GLU GLU D . n 
D 1 12 GLU 12 11 11 GLU GLU D . n 
D 1 13 LEU 13 12 12 LEU LEU D . n 
D 1 14 LEU 14 13 13 LEU LEU D . n 
D 1 15 SER 15 14 14 SER SER D . n 
D 1 16 ALA 16 15 15 ALA ALA D . n 
D 1 17 ASN 17 16 16 ASN ASN D . n 
D 1 18 TYR 18 17 17 TYR TYR D . n 
D 1 19 HIS 19 18 18 HIS HIS D . n 
D 1 20 LEU 20 19 19 LEU LEU D . n 
D 1 21 GLU 21 20 20 GLU GLU D . n 
D 1 22 ASN 22 21 21 ASN ASN D . n 
D 1 23 ALA 23 22 22 ALA ALA D . n 
D 1 24 VAL 24 23 23 VAL VAL D . n 
D 1 25 ALA 25 24 24 ALA ALA D . n 
D 1 26 ARG 26 25 25 ARG ARG D . n 
D 1 27 LEU 27 26 26 LEU LEU D . n 
D 1 28 LYS 28 27 27 LYS LYS D . n 
D 1 29 LYS 29 28 28 LYS LYS D . n 
D 1 30 LEU 30 29 29 LEU LEU D . n 
D 1 31 VAL 31 30 30 VAL VAL D . n 
D 1 32 GLY 32 31 ?  ?   ?   D . n 
D 1 33 GLU 33 32 ?  ?   ?   D . n 
D 1 34 ARG 34 33 ?  ?   ?   D . n 
# 
loop_
_pdbx_nonpoly_scheme.asym_id 
_pdbx_nonpoly_scheme.entity_id 
_pdbx_nonpoly_scheme.mon_id 
_pdbx_nonpoly_scheme.ndb_seq_num 
_pdbx_nonpoly_scheme.pdb_seq_num 
_pdbx_nonpoly_scheme.auth_seq_num 
_pdbx_nonpoly_scheme.pdb_mon_id 
_pdbx_nonpoly_scheme.auth_mon_id 
_pdbx_nonpoly_scheme.pdb_strand_id 
_pdbx_nonpoly_scheme.pdb_ins_code 
E 2 HOH 1  34 2   HOH HOH A . 
E 2 HOH 2  35 11  HOH HOH A . 
E 2 HOH 3  36 12  HOH HOH A . 
E 2 HOH 4  37 15  HOH HOH A . 
E 2 HOH 5  38 16  HOH HOH A . 
E 2 HOH 6  39 17  HOH HOH A . 
E 2 HOH 7  40 18  HOH HOH A . 
E 2 HOH 8  41 22  HOH HOH A . 
E 2 HOH 9  42 29  HOH HOH A . 
E 2 HOH 10 43 32  HOH HOH A . 
E 2 HOH 11 44 34  HOH HOH A . 
E 2 HOH 12 45 36  HOH HOH A . 
E 2 HOH 13 46 45  HOH HOH A . 
E 2 HOH 14 47 46  HOH HOH A . 
E 2 HOH 15 48 50  HOH HOH A . 
E 2 HOH 16 49 52  HOH HOH A . 
E 2 HOH 17 50 56  HOH HOH A . 
E 2 HOH 18 51 57  HOH HOH A . 
E 2 HOH 19 52 66  HOH HOH A . 
E 2 HOH 20 53 69  HOH HOH A . 
E 2 HOH 21 54 71  HOH HOH A . 
E 2 HOH 22 55 75  HOH HOH A . 
E 2 HOH 23 56 76  HOH HOH A . 
E 2 HOH 24 57 83  HOH HOH A . 
E 2 HOH 25 58 86  HOH HOH A . 
E 2 HOH 26 59 88  HOH HOH A . 
E 2 HOH 27 60 89  HOH HOH A . 
E 2 HOH 28 61 101 HOH HOH A . 
E 2 HOH 29 62 105 HOH HOH A . 
E 2 HOH 30 63 108 HOH HOH A . 
F 2 HOH 1  34 4   HOH HOH B . 
F 2 HOH 2  35 8   HOH HOH B . 
F 2 HOH 3  36 14  HOH HOH B . 
F 2 HOH 4  37 19  HOH HOH B . 
F 2 HOH 5  38 20  HOH HOH B . 
F 2 HOH 6  39 21  HOH HOH B . 
F 2 HOH 7  40 23  HOH HOH B . 
F 2 HOH 8  41 24  HOH HOH B . 
F 2 HOH 9  42 25  HOH HOH B . 
F 2 HOH 10 43 30  HOH HOH B . 
F 2 HOH 11 44 39  HOH HOH B . 
F 2 HOH 12 45 41  HOH HOH B . 
F 2 HOH 13 46 42  HOH HOH B . 
F 2 HOH 14 47 43  HOH HOH B . 
F 2 HOH 15 48 51  HOH HOH B . 
F 2 HOH 16 49 53  HOH HOH B . 
F 2 HOH 17 50 55  HOH HOH B . 
F 2 HOH 18 51 58  HOH HOH B . 
F 2 HOH 19 52 59  HOH HOH B . 
F 2 HOH 20 53 61  HOH HOH B . 
F 2 HOH 21 54 63  HOH HOH B . 
F 2 HOH 22 55 67  HOH HOH B . 
F 2 HOH 23 56 68  HOH HOH B . 
F 2 HOH 24 57 77  HOH HOH B . 
F 2 HOH 25 58 78  HOH HOH B . 
F 2 HOH 26 59 80  HOH HOH B . 
F 2 HOH 27 60 81  HOH HOH B . 
F 2 HOH 28 61 82  HOH HOH B . 
F 2 HOH 29 62 92  HOH HOH B . 
F 2 HOH 30 63 95  HOH HOH B . 
F 2 HOH 31 64 99  HOH HOH B . 
F 2 HOH 32 65 100 HOH HOH B . 
F 2 HOH 33 66 104 HOH HOH B . 
F 2 HOH 34 67 106 HOH HOH B . 
F 2 HOH 35 68 107 HOH HOH B . 
F 2 HOH 36 69 109 HOH HOH B . 
F 2 HOH 37 70 112 HOH HOH B . 
F 2 HOH 38 71 115 HOH HOH B . 
F 2 HOH 39 72 117 HOH HOH B . 
G 2 HOH 1  34 5   HOH HOH C . 
G 2 HOH 2  35 7   HOH HOH C . 
G 2 HOH 3  36 10  HOH HOH C . 
G 2 HOH 4  37 26  HOH HOH C . 
G 2 HOH 5  38 27  HOH HOH C . 
G 2 HOH 6  39 31  HOH HOH C . 
G 2 HOH 7  40 33  HOH HOH C . 
G 2 HOH 8  41 35  HOH HOH C . 
G 2 HOH 9  42 38  HOH HOH C . 
G 2 HOH 10 43 44  HOH HOH C . 
G 2 HOH 11 44 47  HOH HOH C . 
G 2 HOH 12 45 48  HOH HOH C . 
G 2 HOH 13 46 49  HOH HOH C . 
G 2 HOH 14 47 60  HOH HOH C . 
G 2 HOH 15 48 62  HOH HOH C . 
G 2 HOH 16 49 65  HOH HOH C . 
G 2 HOH 17 50 70  HOH HOH C . 
G 2 HOH 18 51 72  HOH HOH C . 
G 2 HOH 19 52 74  HOH HOH C . 
G 2 HOH 20 53 79  HOH HOH C . 
G 2 HOH 21 54 84  HOH HOH C . 
G 2 HOH 22 55 91  HOH HOH C . 
G 2 HOH 23 56 93  HOH HOH C . 
G 2 HOH 24 57 98  HOH HOH C . 
G 2 HOH 25 58 102 HOH HOH C . 
G 2 HOH 26 59 103 HOH HOH C . 
G 2 HOH 27 60 110 HOH HOH C . 
G 2 HOH 28 61 114 HOH HOH C . 
H 2 HOH 1  34 1   HOH HOH D . 
H 2 HOH 2  35 3   HOH HOH D . 
H 2 HOH 3  36 6   HOH HOH D . 
H 2 HOH 4  37 9   HOH HOH D . 
H 2 HOH 5  38 13  HOH HOH D . 
H 2 HOH 6  39 28  HOH HOH D . 
H 2 HOH 7  40 37  HOH HOH D . 
H 2 HOH 8  41 40  HOH HOH D . 
H 2 HOH 9  42 54  HOH HOH D . 
H 2 HOH 10 43 64  HOH HOH D . 
H 2 HOH 11 44 73  HOH HOH D . 
H 2 HOH 12 45 85  HOH HOH D . 
H 2 HOH 13 46 87  HOH HOH D . 
H 2 HOH 14 47 90  HOH HOH D . 
H 2 HOH 15 48 94  HOH HOH D . 
H 2 HOH 16 49 96  HOH HOH D . 
H 2 HOH 17 50 97  HOH HOH D . 
H 2 HOH 18 51 111 HOH HOH D . 
H 2 HOH 19 52 113 HOH HOH D . 
H 2 HOH 20 53 116 HOH HOH D . 
# 
loop_
_software.name 
_software.classification 
_software.version 
_software.citation_id 
_software.pdbx_ordinal 
REFMAC    refinement       5.2.0005 ? 1 
DENZO     'data reduction' .        ? 2 
SCALEPACK 'data scaling'   .        ? 3 
SOLVE     phasing          .        ? 4 
# 
_cell.entry_id           2B1F 
_cell.length_a           47.658 
_cell.length_b           47.702 
_cell.length_c           56.522 
_cell.angle_alpha        90.00 
_cell.angle_beta         90.00 
_cell.angle_gamma        90.00 
_cell.Z_PDB              16 
_cell.pdbx_unique_axis   ? 
_cell.length_a_esd       ? 
_cell.length_b_esd       ? 
_cell.length_c_esd       ? 
_cell.angle_alpha_esd    ? 
_cell.angle_beta_esd     ? 
_cell.angle_gamma_esd    ? 
# 
_symmetry.entry_id                         2B1F 
_symmetry.space_group_name_H-M             'P 21 21 21' 
_symmetry.pdbx_full_space_group_name_H-M   ? 
_symmetry.cell_setting                     ? 
_symmetry.Int_Tables_number                19 
_symmetry.space_group_name_Hall            ? 
# 
_exptl.entry_id          2B1F 
_exptl.method            'X-RAY DIFFRACTION' 
_exptl.crystals_number   1 
# 
_exptl_crystal.id                    1 
_exptl_crystal.density_meas          ? 
_exptl_crystal.density_Matthews      2.2 
_exptl_crystal.density_percent_sol   42.9 
_exptl_crystal.description           ? 
_exptl_crystal.F_000                 ? 
_exptl_crystal.preparation           ? 
# 
_exptl_crystal_grow.crystal_id      1 
_exptl_crystal_grow.method          'VAPOR DIFFUSION, HANGING DROP' 
_exptl_crystal_grow.temp            295.0 
_exptl_crystal_grow.temp_details    ? 
_exptl_crystal_grow.pH              8.2 
_exptl_crystal_grow.pdbx_details    'Ethanol, Tris-HCl, pH 8.2, VAPOR DIFFUSION, HANGING DROP, temperature 295.0K' 
_exptl_crystal_grow.pdbx_pH_range   . 
# 
_diffrn.id                     1 
_diffrn.ambient_temp           100 
_diffrn.ambient_temp_details   ? 
_diffrn.crystal_id             1 
# 
_diffrn_detector.diffrn_id              1 
_diffrn_detector.detector               CCD 
_diffrn_detector.type                   'ADSC QUANTUM 4' 
_diffrn_detector.pdbx_collection_date   2004-11-10 
_diffrn_detector.details                ? 
# 
_diffrn_radiation.diffrn_id                        1 
_diffrn_radiation.wavelength_id                    1 
_diffrn_radiation.pdbx_monochromatic_or_laue_m_l   M 
_diffrn_radiation.monochromator                    GRAPHITE 
_diffrn_radiation.pdbx_diffrn_protocol             'SINGLE WAVELENGTH' 
_diffrn_radiation.pdbx_scattering_type             x-ray 
# 
_diffrn_radiation_wavelength.id           1 
_diffrn_radiation_wavelength.wavelength   0.9788 
_diffrn_radiation_wavelength.wt           1.0 
# 
_diffrn_source.diffrn_id                   1 
_diffrn_source.source                      SYNCHROTRON 
_diffrn_source.type                        'NSLS BEAMLINE X4A' 
_diffrn_source.pdbx_synchrotron_site       NSLS 
_diffrn_source.pdbx_synchrotron_beamline   X4A 
_diffrn_source.pdbx_wavelength             ? 
_diffrn_source.pdbx_wavelength_list        0.9788 
# 
_reflns.entry_id                     2B1F 
_reflns.observed_criterion_sigma_F   0.0 
_reflns.observed_criterion_sigma_I   0.0 
_reflns.d_resolution_high            1.5 
_reflns.d_resolution_low             36.5 
_reflns.number_all                   20939 
_reflns.number_obs                   20939 
_reflns.percent_possible_obs         98.7 
_reflns.pdbx_Rmerge_I_obs            0.042 
_reflns.pdbx_Rsym_value              ? 
_reflns.pdbx_netI_over_sigmaI        18.6 
_reflns.B_iso_Wilson_estimate        20.8 
_reflns.pdbx_redundancy              5.7 
_reflns.R_free_details               ? 
_reflns.limit_h_max                  ? 
_reflns.limit_h_min                  ? 
_reflns.limit_k_max                  ? 
_reflns.limit_k_min                  ? 
_reflns.limit_l_max                  ? 
_reflns.limit_l_min                  ? 
_reflns.observed_criterion_F_max     ? 
_reflns.observed_criterion_F_min     ? 
_reflns.pdbx_chi_squared             ? 
_reflns.pdbx_scaling_rejects         ? 
_reflns.pdbx_diffrn_id               1 
_reflns.pdbx_ordinal                 1 
# 
_reflns_shell.d_res_high             1.50 
_reflns_shell.d_res_low              1.55 
_reflns_shell.percent_possible_all   99.9 
_reflns_shell.Rmerge_I_obs           0.276 
_reflns_shell.pdbx_Rsym_value        ? 
_reflns_shell.meanI_over_sigI_obs    6.1 
_reflns_shell.pdbx_redundancy        5.4 
_reflns_shell.percent_possible_obs   ? 
_reflns_shell.number_unique_all      2067 
_reflns_shell.number_measured_all    ? 
_reflns_shell.number_measured_obs    ? 
_reflns_shell.number_unique_obs      ? 
_reflns_shell.pdbx_chi_squared       ? 
_reflns_shell.pdbx_diffrn_id         ? 
_reflns_shell.pdbx_ordinal           1 
# 
_refine.entry_id                                 2B1F 
_refine.ls_number_reflns_obs                     20939 
_refine.ls_number_reflns_all                     20939 
_refine.pdbx_ls_sigma_I                          0.0 
_refine.pdbx_ls_sigma_F                          0.0 
_refine.pdbx_data_cutoff_high_absF               ? 
_refine.pdbx_data_cutoff_low_absF                ? 
_refine.pdbx_data_cutoff_high_rms_absF           ? 
_refine.ls_d_res_low                             36.47 
_refine.ls_d_res_high                            1.50 
_refine.ls_percent_reflns_obs                    98.7 
_refine.ls_R_factor_obs                          0.23794 
_refine.ls_R_factor_all                          0.23794 
_refine.ls_R_factor_R_work                       0.23298 
_refine.ls_R_factor_R_free                       0.28277 
_refine.ls_R_factor_R_free_error                 ? 
_refine.ls_R_factor_R_free_error_details         ? 
_refine.ls_percent_reflns_R_free                 10.2 
_refine.ls_number_reflns_R_free                  2132 
_refine.ls_number_parameters                     ? 
_refine.ls_number_restraints                     ? 
_refine.occupancy_min                            ? 
_refine.occupancy_max                            ? 
_refine.correlation_coeff_Fo_to_Fc               0.934 
_refine.correlation_coeff_Fo_to_Fc_free          0.901 
_refine.B_iso_mean                               23.684 
_refine.aniso_B[1][1]                            -0.25 
_refine.aniso_B[2][2]                            -0.75 
_refine.aniso_B[3][3]                            1.00 
_refine.aniso_B[1][2]                            0.00 
_refine.aniso_B[1][3]                            0.00 
_refine.aniso_B[2][3]                            0.00 
_refine.solvent_model_details                    'BABINET MODEL WITH MASK' 
_refine.solvent_model_param_ksol                 ? 
_refine.solvent_model_param_bsol                 ? 
_refine.pdbx_solvent_vdw_probe_radii             1.20 
_refine.pdbx_solvent_ion_probe_radii             0.80 
_refine.pdbx_solvent_shrinkage_radii             0.80 
_refine.pdbx_ls_cross_valid_method               THROUGHOUT 
_refine.details                                  ? 
_refine.pdbx_starting_model                      ? 
_refine.pdbx_method_to_determine_struct          'MOLECULAR REPLACEMENT' 
_refine.pdbx_isotropic_thermal_model             Isotropic 
_refine.pdbx_stereochemistry_target_values       'MAXIMUM LIKELIHOOD' 
_refine.pdbx_stereochem_target_val_spec_case     ? 
_refine.pdbx_R_Free_selection_details            RANDOM 
_refine.pdbx_overall_ESU_R                       0.100 
_refine.pdbx_overall_ESU_R_Free                  0.107 
_refine.overall_SU_ML                            0.070 
_refine.overall_SU_B                             1.839 
_refine.ls_redundancy_reflns_obs                 ? 
_refine.B_iso_min                                ? 
_refine.B_iso_max                                ? 
_refine.overall_SU_R_Cruickshank_DPI             ? 
_refine.overall_SU_R_free                        ? 
_refine.ls_wR_factor_R_free                      ? 
_refine.ls_wR_factor_R_work                      ? 
_refine.overall_FOM_free_R_set                   ? 
_refine.overall_FOM_work_R_set                   ? 
_refine.pdbx_refine_id                           'X-RAY DIFFRACTION' 
_refine.pdbx_diffrn_id                           1 
_refine.pdbx_TLS_residual_ADP_flag               ? 
_refine.pdbx_overall_phase_error                 ? 
_refine.pdbx_overall_SU_R_free_Cruickshank_DPI   ? 
_refine.pdbx_overall_SU_R_Blow_DPI               ? 
_refine.pdbx_overall_SU_R_free_Blow_DPI          ? 
# 
_refine_hist.pdbx_refine_id                   'X-RAY DIFFRACTION' 
_refine_hist.cycle_id                         LAST 
_refine_hist.pdbx_number_atoms_protein        980 
_refine_hist.pdbx_number_atoms_nucleic_acid   0 
_refine_hist.pdbx_number_atoms_ligand         0 
_refine_hist.number_atoms_solvent             117 
_refine_hist.number_atoms_total               1097 
_refine_hist.d_res_high                       1.50 
_refine_hist.d_res_low                        36.47 
# 
loop_
_refine_ls_restr.type 
_refine_ls_restr.dev_ideal 
_refine_ls_restr.dev_ideal_target 
_refine_ls_restr.weight 
_refine_ls_restr.number 
_refine_ls_restr.pdbx_refine_id 
_refine_ls_restr.pdbx_restraint_function 
r_bond_refined_d             0.011  0.022  ? 984  'X-RAY DIFFRACTION' ? 
r_bond_other_d               ?      ?      ? ?    'X-RAY DIFFRACTION' ? 
r_angle_refined_deg          1.290  2.000  ? 1318 'X-RAY DIFFRACTION' ? 
r_angle_other_deg            ?      ?      ? ?    'X-RAY DIFFRACTION' ? 
r_dihedral_angle_1_deg       3.832  5.000  ? 120  'X-RAY DIFFRACTION' ? 
r_dihedral_angle_2_deg       32.029 26.444 ? 45   'X-RAY DIFFRACTION' ? 
r_dihedral_angle_3_deg       15.373 15.000 ? 205  'X-RAY DIFFRACTION' ? 
r_dihedral_angle_4_deg       17.869 15.000 ? 4    'X-RAY DIFFRACTION' ? 
r_chiral_restr               0.070  0.200  ? 161  'X-RAY DIFFRACTION' ? 
r_gen_planes_refined         0.005  0.020  ? 688  'X-RAY DIFFRACTION' ? 
r_gen_planes_other           ?      ?      ? ?    'X-RAY DIFFRACTION' ? 
r_nbd_refined                0.215  0.200  ? 521  'X-RAY DIFFRACTION' ? 
r_nbd_other                  ?      ?      ? ?    'X-RAY DIFFRACTION' ? 
r_nbtor_refined              0.296  0.200  ? 678  'X-RAY DIFFRACTION' ? 
r_nbtor_other                ?      ?      ? ?    'X-RAY DIFFRACTION' ? 
r_xyhbond_nbd_refined        0.140  0.200  ? 68   'X-RAY DIFFRACTION' ? 
r_xyhbond_nbd_other          ?      ?      ? ?    'X-RAY DIFFRACTION' ? 
r_metal_ion_refined          ?      ?      ? ?    'X-RAY DIFFRACTION' ? 
r_metal_ion_other            ?      ?      ? ?    'X-RAY DIFFRACTION' ? 
r_symmetry_vdw_refined       0.125  0.200  ? 34   'X-RAY DIFFRACTION' ? 
r_symmetry_vdw_other         ?      ?      ? ?    'X-RAY DIFFRACTION' ? 
r_symmetry_hbond_refined     0.134  0.200  ? 19   'X-RAY DIFFRACTION' ? 
r_symmetry_hbond_other       ?      ?      ? ?    'X-RAY DIFFRACTION' ? 
r_symmetry_metal_ion_refined ?      ?      ? ?    'X-RAY DIFFRACTION' ? 
r_symmetry_metal_ion_other   ?      ?      ? ?    'X-RAY DIFFRACTION' ? 
r_mcbond_it                  0.910  1.500  ? 627  'X-RAY DIFFRACTION' ? 
r_mcbond_other               ?      ?      ? ?    'X-RAY DIFFRACTION' ? 
r_mcangle_it                 1.469  2.000  ? 971  'X-RAY DIFFRACTION' ? 
r_scbond_it                  2.584  3.000  ? 383  'X-RAY DIFFRACTION' ? 
r_scangle_it                 3.671  4.500  ? 347  'X-RAY DIFFRACTION' ? 
r_rigid_bond_restr           ?      ?      ? ?    'X-RAY DIFFRACTION' ? 
r_sphericity_free            ?      ?      ? ?    'X-RAY DIFFRACTION' ? 
r_sphericity_bonded          ?      ?      ? ?    'X-RAY DIFFRACTION' ? 
# 
_refine_ls_shell.pdbx_total_number_of_bins_used   20 
_refine_ls_shell.d_res_high                       1.500 
_refine_ls_shell.d_res_low                        1.538 
_refine_ls_shell.number_reflns_R_work             1356 
_refine_ls_shell.R_factor_R_work                  0.265 
_refine_ls_shell.percent_reflns_obs               97.2 
_refine_ls_shell.R_factor_R_free                  0.305 
_refine_ls_shell.R_factor_R_free_error            ? 
_refine_ls_shell.percent_reflns_R_free            ? 
_refine_ls_shell.number_reflns_R_free             149 
_refine_ls_shell.number_reflns_obs                1505 
_refine_ls_shell.redundancy_reflns_obs            ? 
_refine_ls_shell.number_reflns_all                ? 
_refine_ls_shell.R_factor_all                     ? 
_refine_ls_shell.pdbx_refine_id                   'X-RAY DIFFRACTION' 
# 
_struct.entry_id                  2B1F 
_struct.title                     'Antiparallel four-stranded coiled coil specified by a 3-3-1 hydrophobic heptad repeat' 
_struct.pdbx_model_details        ? 
_struct.pdbx_CASP_flag            ? 
_struct.pdbx_model_type_details   ? 
# 
_struct_keywords.entry_id        2B1F 
_struct_keywords.pdbx_keywords   'BIOSYNTHETIC PROTEIN' 
_struct_keywords.text            
'Coiled coils, protein design, antiparallel tetramer, Ala coils, protein structure, BIOSYNTHETIC PROTEIN' 
# 
loop_
_struct_asym.id 
_struct_asym.pdbx_blank_PDB_chainid_flag 
_struct_asym.pdbx_modified 
_struct_asym.entity_id 
_struct_asym.details 
A N N 1 ? 
B N N 1 ? 
C N N 1 ? 
D N N 1 ? 
E N N 2 ? 
F N N 2 ? 
G N N 2 ? 
H N N 2 ? 
# 
_struct_ref.id                         1 
_struct_ref.db_name                    UNP 
_struct_ref.db_code                    GCN4_YEAST 
_struct_ref.pdbx_db_accession          P03069 
_struct_ref.entity_id                  1 
_struct_ref.pdbx_seq_one_letter_code   KQLEDKVEELLSKNYHLENEVARLKKLVGER 
_struct_ref.pdbx_align_begin           251 
_struct_ref.pdbx_db_isoform            ? 
# 
loop_
_struct_ref_seq.align_id 
_struct_ref_seq.ref_id 
_struct_ref_seq.pdbx_PDB_id_code 
_struct_ref_seq.pdbx_strand_id 
_struct_ref_seq.seq_align_beg 
_struct_ref_seq.pdbx_seq_align_beg_ins_code 
_struct_ref_seq.seq_align_end 
_struct_ref_seq.pdbx_seq_align_end_ins_code 
_struct_ref_seq.pdbx_db_accession 
_struct_ref_seq.db_align_beg 
_struct_ref_seq.pdbx_db_align_beg_ins_code 
_struct_ref_seq.db_align_end 
_struct_ref_seq.pdbx_db_align_end_ins_code 
_struct_ref_seq.pdbx_auth_seq_align_beg 
_struct_ref_seq.pdbx_auth_seq_align_end 
1 1 2B1F A 4 ? 34 ? P03069 251 ? 281 ? 3 33 
2 1 2B1F B 4 ? 34 ? P03069 251 ? 281 ? 3 33 
3 1 2B1F C 4 ? 34 ? P03069 251 ? 281 ? 3 33 
4 1 2B1F D 4 ? 34 ? P03069 251 ? 281 ? 3 33 
# 
loop_
_struct_ref_seq_dif.align_id 
_struct_ref_seq_dif.pdbx_pdb_id_code 
_struct_ref_seq_dif.mon_id 
_struct_ref_seq_dif.pdbx_pdb_strand_id 
_struct_ref_seq_dif.seq_num 
_struct_ref_seq_dif.pdbx_pdb_ins_code 
_struct_ref_seq_dif.pdbx_seq_db_name 
_struct_ref_seq_dif.pdbx_seq_db_accession_code 
_struct_ref_seq_dif.db_mon_id 
_struct_ref_seq_dif.pdbx_seq_db_seq_num 
_struct_ref_seq_dif.details 
_struct_ref_seq_dif.pdbx_auth_seq_num 
_struct_ref_seq_dif.pdbx_ordinal 
1 2B1F MET A 1  ? UNP P03069 ?   ?   'cloning artifact'    0  1  
1 2B1F LYS A 2  ? UNP P03069 ?   ?   'cloning artifact'    1  2  
1 2B1F VAL A 3  ? UNP P03069 ?   ?   'cloning artifact'    2  3  
1 2B1F ALA A 9  ? UNP P03069 LYS 256 'engineered mutation' 8  4  
1 2B1F ALA A 16 ? UNP P03069 LYS 263 'engineered mutation' 15 5  
1 2B1F ALA A 23 ? UNP P03069 GLU 270 'engineered mutation' 22 6  
2 2B1F MET B 1  ? UNP P03069 ?   ?   'cloning artifact'    0  7  
2 2B1F LYS B 2  ? UNP P03069 ?   ?   'cloning artifact'    1  8  
2 2B1F VAL B 3  ? UNP P03069 ?   ?   'cloning artifact'    2  9  
2 2B1F ALA B 9  ? UNP P03069 LYS 256 'engineered mutation' 8  10 
2 2B1F ALA B 16 ? UNP P03069 LYS 263 'engineered mutation' 15 11 
2 2B1F ALA B 23 ? UNP P03069 GLU 270 'engineered mutation' 22 12 
3 2B1F MET C 1  ? UNP P03069 ?   ?   'cloning artifact'    0  13 
3 2B1F LYS C 2  ? UNP P03069 ?   ?   'cloning artifact'    1  14 
3 2B1F VAL C 3  ? UNP P03069 ?   ?   'cloning artifact'    2  15 
3 2B1F ALA C 9  ? UNP P03069 LYS 256 'engineered mutation' 8  16 
3 2B1F ALA C 16 ? UNP P03069 LYS 263 'engineered mutation' 15 17 
3 2B1F ALA C 23 ? UNP P03069 GLU 270 'engineered mutation' 22 18 
4 2B1F MET D 1  ? UNP P03069 ?   ?   'cloning artifact'    0  19 
4 2B1F LYS D 2  ? UNP P03069 ?   ?   'cloning artifact'    1  20 
4 2B1F VAL D 3  ? UNP P03069 ?   ?   'cloning artifact'    2  21 
4 2B1F ALA D 9  ? UNP P03069 LYS 256 'engineered mutation' 8  22 
4 2B1F ALA D 16 ? UNP P03069 LYS 263 'engineered mutation' 15 23 
4 2B1F ALA D 23 ? UNP P03069 GLU 270 'engineered mutation' 22 24 
# 
_pdbx_struct_assembly.id                   1 
_pdbx_struct_assembly.details              author_and_software_defined_assembly 
_pdbx_struct_assembly.method_details       PISA 
_pdbx_struct_assembly.oligomeric_details   tetrameric 
_pdbx_struct_assembly.oligomeric_count     4 
# 
loop_
_pdbx_struct_assembly_prop.biol_id 
_pdbx_struct_assembly_prop.type 
_pdbx_struct_assembly_prop.value 
_pdbx_struct_assembly_prop.details 
1 'ABSA (A^2)' 5810 ? 
1 MORE         -59  ? 
1 'SSA (A^2)'  7060 ? 
# 
_pdbx_struct_assembly_gen.assembly_id       1 
_pdbx_struct_assembly_gen.oper_expression   1 
_pdbx_struct_assembly_gen.asym_id_list      A,B,C,D,E,F,G,H 
# 
_pdbx_struct_oper_list.id                   1 
_pdbx_struct_oper_list.type                 'identity operation' 
_pdbx_struct_oper_list.name                 1_555 
_pdbx_struct_oper_list.symmetry_operation   x,y,z 
_pdbx_struct_oper_list.matrix[1][1]         1.0000000000 
_pdbx_struct_oper_list.matrix[1][2]         0.0000000000 
_pdbx_struct_oper_list.matrix[1][3]         0.0000000000 
_pdbx_struct_oper_list.vector[1]            0.0000000000 
_pdbx_struct_oper_list.matrix[2][1]         0.0000000000 
_pdbx_struct_oper_list.matrix[2][2]         1.0000000000 
_pdbx_struct_oper_list.matrix[2][3]         0.0000000000 
_pdbx_struct_oper_list.vector[2]            0.0000000000 
_pdbx_struct_oper_list.matrix[3][1]         0.0000000000 
_pdbx_struct_oper_list.matrix[3][2]         0.0000000000 
_pdbx_struct_oper_list.matrix[3][3]         1.0000000000 
_pdbx_struct_oper_list.vector[3]            0.0000000000 
# 
_struct_biol.id                    1 
_struct_biol.details               'The biological assembly is a tetramer.' 
_struct_biol.pdbx_parent_biol_id   ? 
# 
loop_
_struct_conf.conf_type_id 
_struct_conf.id 
_struct_conf.pdbx_PDB_helix_id 
_struct_conf.beg_label_comp_id 
_struct_conf.beg_label_asym_id 
_struct_conf.beg_label_seq_id 
_struct_conf.pdbx_beg_PDB_ins_code 
_struct_conf.end_label_comp_id 
_struct_conf.end_label_asym_id 
_struct_conf.end_label_seq_id 
_struct_conf.pdbx_end_PDB_ins_code 
_struct_conf.beg_auth_comp_id 
_struct_conf.beg_auth_asym_id 
_struct_conf.beg_auth_seq_id 
_struct_conf.end_auth_comp_id 
_struct_conf.end_auth_asym_id 
_struct_conf.end_auth_seq_id 
_struct_conf.pdbx_PDB_helix_class 
_struct_conf.details 
_struct_conf.pdbx_PDB_helix_length 
HELX_P HELX_P1 1 LYS A 2 ? GLY A 32 ? LYS A 1 GLY A 31 1 ? 31 
HELX_P HELX_P2 2 LYS B 2 ? GLY B 32 ? LYS B 1 GLY B 31 1 ? 31 
HELX_P HELX_P3 3 LYS C 2 ? GLY C 32 ? LYS C 1 GLY C 31 1 ? 31 
HELX_P HELX_P4 4 VAL D 3 ? VAL D 31 ? VAL D 2 VAL D 30 1 ? 29 
# 
_struct_conf_type.id          HELX_P 
_struct_conf_type.criteria    ? 
_struct_conf_type.reference   ? 
# 
loop_
_pdbx_unobs_or_zero_occ_residues.id 
_pdbx_unobs_or_zero_occ_residues.PDB_model_num 
_pdbx_unobs_or_zero_occ_residues.polymer_flag 
_pdbx_unobs_or_zero_occ_residues.occupancy_flag 
_pdbx_unobs_or_zero_occ_residues.auth_asym_id 
_pdbx_unobs_or_zero_occ_residues.auth_comp_id 
_pdbx_unobs_or_zero_occ_residues.auth_seq_id 
_pdbx_unobs_or_zero_occ_residues.PDB_ins_code 
_pdbx_unobs_or_zero_occ_residues.label_asym_id 
_pdbx_unobs_or_zero_occ_residues.label_comp_id 
_pdbx_unobs_or_zero_occ_residues.label_seq_id 
1  1 Y 1 A GLU 32 ? A GLU 33 
2  1 Y 1 A ARG 33 ? A ARG 34 
3  1 Y 1 B MET 0  ? B MET 1  
4  1 Y 1 B ARG 33 ? B ARG 34 
5  1 Y 1 C MET 0  ? C MET 1  
6  1 Y 1 C GLU 32 ? C GLU 33 
7  1 Y 1 C ARG 33 ? C ARG 34 
8  1 Y 1 D MET 0  ? D MET 1  
9  1 Y 1 D LYS 1  ? D LYS 2  
10 1 Y 1 D GLY 31 ? D GLY 32 
11 1 Y 1 D GLU 32 ? D GLU 33 
12 1 Y 1 D ARG 33 ? D ARG 34 
# 
loop_
_chem_comp_atom.comp_id 
_chem_comp_atom.atom_id 
_chem_comp_atom.type_symbol 
_chem_comp_atom.pdbx_aromatic_flag 
_chem_comp_atom.pdbx_stereo_config 
_chem_comp_atom.pdbx_ordinal 
ALA N    N N N 1   
ALA CA   C N S 2   
ALA C    C N N 3   
ALA O    O N N 4   
ALA CB   C N N 5   
ALA OXT  O N N 6   
ALA H    H N N 7   
ALA H2   H N N 8   
ALA HA   H N N 9   
ALA HB1  H N N 10  
ALA HB2  H N N 11  
ALA HB3  H N N 12  
ALA HXT  H N N 13  
ARG N    N N N 14  
ARG CA   C N S 15  
ARG C    C N N 16  
ARG O    O N N 17  
ARG CB   C N N 18  
ARG CG   C N N 19  
ARG CD   C N N 20  
ARG NE   N N N 21  
ARG CZ   C N N 22  
ARG NH1  N N N 23  
ARG NH2  N N N 24  
ARG OXT  O N N 25  
ARG H    H N N 26  
ARG H2   H N N 27  
ARG HA   H N N 28  
ARG HB2  H N N 29  
ARG HB3  H N N 30  
ARG HG2  H N N 31  
ARG HG3  H N N 32  
ARG HD2  H N N 33  
ARG HD3  H N N 34  
ARG HE   H N N 35  
ARG HH11 H N N 36  
ARG HH12 H N N 37  
ARG HH21 H N N 38  
ARG HH22 H N N 39  
ARG HXT  H N N 40  
ASN N    N N N 41  
ASN CA   C N S 42  
ASN C    C N N 43  
ASN O    O N N 44  
ASN CB   C N N 45  
ASN CG   C N N 46  
ASN OD1  O N N 47  
ASN ND2  N N N 48  
ASN OXT  O N N 49  
ASN H    H N N 50  
ASN H2   H N N 51  
ASN HA   H N N 52  
ASN HB2  H N N 53  
ASN HB3  H N N 54  
ASN HD21 H N N 55  
ASN HD22 H N N 56  
ASN HXT  H N N 57  
ASP N    N N N 58  
ASP CA   C N S 59  
ASP C    C N N 60  
ASP O    O N N 61  
ASP CB   C N N 62  
ASP CG   C N N 63  
ASP OD1  O N N 64  
ASP OD2  O N N 65  
ASP OXT  O N N 66  
ASP H    H N N 67  
ASP H2   H N N 68  
ASP HA   H N N 69  
ASP HB2  H N N 70  
ASP HB3  H N N 71  
ASP HD2  H N N 72  
ASP HXT  H N N 73  
GLN N    N N N 74  
GLN CA   C N S 75  
GLN C    C N N 76  
GLN O    O N N 77  
GLN CB   C N N 78  
GLN CG   C N N 79  
GLN CD   C N N 80  
GLN OE1  O N N 81  
GLN NE2  N N N 82  
GLN OXT  O N N 83  
GLN H    H N N 84  
GLN H2   H N N 85  
GLN HA   H N N 86  
GLN HB2  H N N 87  
GLN HB3  H N N 88  
GLN HG2  H N N 89  
GLN HG3  H N N 90  
GLN HE21 H N N 91  
GLN HE22 H N N 92  
GLN HXT  H N N 93  
GLU N    N N N 94  
GLU CA   C N S 95  
GLU C    C N N 96  
GLU O    O N N 97  
GLU CB   C N N 98  
GLU CG   C N N 99  
GLU CD   C N N 100 
GLU OE1  O N N 101 
GLU OE2  O N N 102 
GLU OXT  O N N 103 
GLU H    H N N 104 
GLU H2   H N N 105 
GLU HA   H N N 106 
GLU HB2  H N N 107 
GLU HB3  H N N 108 
GLU HG2  H N N 109 
GLU HG3  H N N 110 
GLU HE2  H N N 111 
GLU HXT  H N N 112 
GLY N    N N N 113 
GLY CA   C N N 114 
GLY C    C N N 115 
GLY O    O N N 116 
GLY OXT  O N N 117 
GLY H    H N N 118 
GLY H2   H N N 119 
GLY HA2  H N N 120 
GLY HA3  H N N 121 
GLY HXT  H N N 122 
HIS N    N N N 123 
HIS CA   C N S 124 
HIS C    C N N 125 
HIS O    O N N 126 
HIS CB   C N N 127 
HIS CG   C Y N 128 
HIS ND1  N Y N 129 
HIS CD2  C Y N 130 
HIS CE1  C Y N 131 
HIS NE2  N Y N 132 
HIS OXT  O N N 133 
HIS H    H N N 134 
HIS H2   H N N 135 
HIS HA   H N N 136 
HIS HB2  H N N 137 
HIS HB3  H N N 138 
HIS HD1  H N N 139 
HIS HD2  H N N 140 
HIS HE1  H N N 141 
HIS HE2  H N N 142 
HIS HXT  H N N 143 
HOH O    O N N 144 
HOH H1   H N N 145 
HOH H2   H N N 146 
LEU N    N N N 147 
LEU CA   C N S 148 
LEU C    C N N 149 
LEU O    O N N 150 
LEU CB   C N N 151 
LEU CG   C N N 152 
LEU CD1  C N N 153 
LEU CD2  C N N 154 
LEU OXT  O N N 155 
LEU H    H N N 156 
LEU H2   H N N 157 
LEU HA   H N N 158 
LEU HB2  H N N 159 
LEU HB3  H N N 160 
LEU HG   H N N 161 
LEU HD11 H N N 162 
LEU HD12 H N N 163 
LEU HD13 H N N 164 
LEU HD21 H N N 165 
LEU HD22 H N N 166 
LEU HD23 H N N 167 
LEU HXT  H N N 168 
LYS N    N N N 169 
LYS CA   C N S 170 
LYS C    C N N 171 
LYS O    O N N 172 
LYS CB   C N N 173 
LYS CG   C N N 174 
LYS CD   C N N 175 
LYS CE   C N N 176 
LYS NZ   N N N 177 
LYS OXT  O N N 178 
LYS H    H N N 179 
LYS H2   H N N 180 
LYS HA   H N N 181 
LYS HB2  H N N 182 
LYS HB3  H N N 183 
LYS HG2  H N N 184 
LYS HG3  H N N 185 
LYS HD2  H N N 186 
LYS HD3  H N N 187 
LYS HE2  H N N 188 
LYS HE3  H N N 189 
LYS HZ1  H N N 190 
LYS HZ2  H N N 191 
LYS HZ3  H N N 192 
LYS HXT  H N N 193 
MET N    N N N 194 
MET CA   C N S 195 
MET C    C N N 196 
MET O    O N N 197 
MET CB   C N N 198 
MET CG   C N N 199 
MET SD   S N N 200 
MET CE   C N N 201 
MET OXT  O N N 202 
MET H    H N N 203 
MET H2   H N N 204 
MET HA   H N N 205 
MET HB2  H N N 206 
MET HB3  H N N 207 
MET HG2  H N N 208 
MET HG3  H N N 209 
MET HE1  H N N 210 
MET HE2  H N N 211 
MET HE3  H N N 212 
MET HXT  H N N 213 
SER N    N N N 214 
SER CA   C N S 215 
SER C    C N N 216 
SER O    O N N 217 
SER CB   C N N 218 
SER OG   O N N 219 
SER OXT  O N N 220 
SER H    H N N 221 
SER H2   H N N 222 
SER HA   H N N 223 
SER HB2  H N N 224 
SER HB3  H N N 225 
SER HG   H N N 226 
SER HXT  H N N 227 
TYR N    N N N 228 
TYR CA   C N S 229 
TYR C    C N N 230 
TYR O    O N N 231 
TYR CB   C N N 232 
TYR CG   C Y N 233 
TYR CD1  C Y N 234 
TYR CD2  C Y N 235 
TYR CE1  C Y N 236 
TYR CE2  C Y N 237 
TYR CZ   C Y N 238 
TYR OH   O N N 239 
TYR OXT  O N N 240 
TYR H    H N N 241 
TYR H2   H N N 242 
TYR HA   H N N 243 
TYR HB2  H N N 244 
TYR HB3  H N N 245 
TYR HD1  H N N 246 
TYR HD2  H N N 247 
TYR HE1  H N N 248 
TYR HE2  H N N 249 
TYR HH   H N N 250 
TYR HXT  H N N 251 
VAL N    N N N 252 
VAL CA   C N S 253 
VAL C    C N N 254 
VAL O    O N N 255 
VAL CB   C N N 256 
VAL CG1  C N N 257 
VAL CG2  C N N 258 
VAL OXT  O N N 259 
VAL H    H N N 260 
VAL H2   H N N 261 
VAL HA   H N N 262 
VAL HB   H N N 263 
VAL HG11 H N N 264 
VAL HG12 H N N 265 
VAL HG13 H N N 266 
VAL HG21 H N N 267 
VAL HG22 H N N 268 
VAL HG23 H N N 269 
VAL HXT  H N N 270 
# 
loop_
_chem_comp_bond.comp_id 
_chem_comp_bond.atom_id_1 
_chem_comp_bond.atom_id_2 
_chem_comp_bond.value_order 
_chem_comp_bond.pdbx_aromatic_flag 
_chem_comp_bond.pdbx_stereo_config 
_chem_comp_bond.pdbx_ordinal 
ALA N   CA   sing N N 1   
ALA N   H    sing N N 2   
ALA N   H2   sing N N 3   
ALA CA  C    sing N N 4   
ALA CA  CB   sing N N 5   
ALA CA  HA   sing N N 6   
ALA C   O    doub N N 7   
ALA C   OXT  sing N N 8   
ALA CB  HB1  sing N N 9   
ALA CB  HB2  sing N N 10  
ALA CB  HB3  sing N N 11  
ALA OXT HXT  sing N N 12  
ARG N   CA   sing N N 13  
ARG N   H    sing N N 14  
ARG N   H2   sing N N 15  
ARG CA  C    sing N N 16  
ARG CA  CB   sing N N 17  
ARG CA  HA   sing N N 18  
ARG C   O    doub N N 19  
ARG C   OXT  sing N N 20  
ARG CB  CG   sing N N 21  
ARG CB  HB2  sing N N 22  
ARG CB  HB3  sing N N 23  
ARG CG  CD   sing N N 24  
ARG CG  HG2  sing N N 25  
ARG CG  HG3  sing N N 26  
ARG CD  NE   sing N N 27  
ARG CD  HD2  sing N N 28  
ARG CD  HD3  sing N N 29  
ARG NE  CZ   sing N N 30  
ARG NE  HE   sing N N 31  
ARG CZ  NH1  sing N N 32  
ARG CZ  NH2  doub N N 33  
ARG NH1 HH11 sing N N 34  
ARG NH1 HH12 sing N N 35  
ARG NH2 HH21 sing N N 36  
ARG NH2 HH22 sing N N 37  
ARG OXT HXT  sing N N 38  
ASN N   CA   sing N N 39  
ASN N   H    sing N N 40  
ASN N   H2   sing N N 41  
ASN CA  C    sing N N 42  
ASN CA  CB   sing N N 43  
ASN CA  HA   sing N N 44  
ASN C   O    doub N N 45  
ASN C   OXT  sing N N 46  
ASN CB  CG   sing N N 47  
ASN CB  HB2  sing N N 48  
ASN CB  HB3  sing N N 49  
ASN CG  OD1  doub N N 50  
ASN CG  ND2  sing N N 51  
ASN ND2 HD21 sing N N 52  
ASN ND2 HD22 sing N N 53  
ASN OXT HXT  sing N N 54  
ASP N   CA   sing N N 55  
ASP N   H    sing N N 56  
ASP N   H2   sing N N 57  
ASP CA  C    sing N N 58  
ASP CA  CB   sing N N 59  
ASP CA  HA   sing N N 60  
ASP C   O    doub N N 61  
ASP C   OXT  sing N N 62  
ASP CB  CG   sing N N 63  
ASP CB  HB2  sing N N 64  
ASP CB  HB3  sing N N 65  
ASP CG  OD1  doub N N 66  
ASP CG  OD2  sing N N 67  
ASP OD2 HD2  sing N N 68  
ASP OXT HXT  sing N N 69  
GLN N   CA   sing N N 70  
GLN N   H    sing N N 71  
GLN N   H2   sing N N 72  
GLN CA  C    sing N N 73  
GLN CA  CB   sing N N 74  
GLN CA  HA   sing N N 75  
GLN C   O    doub N N 76  
GLN C   OXT  sing N N 77  
GLN CB  CG   sing N N 78  
GLN CB  HB2  sing N N 79  
GLN CB  HB3  sing N N 80  
GLN CG  CD   sing N N 81  
GLN CG  HG2  sing N N 82  
GLN CG  HG3  sing N N 83  
GLN CD  OE1  doub N N 84  
GLN CD  NE2  sing N N 85  
GLN NE2 HE21 sing N N 86  
GLN NE2 HE22 sing N N 87  
GLN OXT HXT  sing N N 88  
GLU N   CA   sing N N 89  
GLU N   H    sing N N 90  
GLU N   H2   sing N N 91  
GLU CA  C    sing N N 92  
GLU CA  CB   sing N N 93  
GLU CA  HA   sing N N 94  
GLU C   O    doub N N 95  
GLU C   OXT  sing N N 96  
GLU CB  CG   sing N N 97  
GLU CB  HB2  sing N N 98  
GLU CB  HB3  sing N N 99  
GLU CG  CD   sing N N 100 
GLU CG  HG2  sing N N 101 
GLU CG  HG3  sing N N 102 
GLU CD  OE1  doub N N 103 
GLU CD  OE2  sing N N 104 
GLU OE2 HE2  sing N N 105 
GLU OXT HXT  sing N N 106 
GLY N   CA   sing N N 107 
GLY N   H    sing N N 108 
GLY N   H2   sing N N 109 
GLY CA  C    sing N N 110 
GLY CA  HA2  sing N N 111 
GLY CA  HA3  sing N N 112 
GLY C   O    doub N N 113 
GLY C   OXT  sing N N 114 
GLY OXT HXT  sing N N 115 
HIS N   CA   sing N N 116 
HIS N   H    sing N N 117 
HIS N   H2   sing N N 118 
HIS CA  C    sing N N 119 
HIS CA  CB   sing N N 120 
HIS CA  HA   sing N N 121 
HIS C   O    doub N N 122 
HIS C   OXT  sing N N 123 
HIS CB  CG   sing N N 124 
HIS CB  HB2  sing N N 125 
HIS CB  HB3  sing N N 126 
HIS CG  ND1  sing Y N 127 
HIS CG  CD2  doub Y N 128 
HIS ND1 CE1  doub Y N 129 
HIS ND1 HD1  sing N N 130 
HIS CD2 NE2  sing Y N 131 
HIS CD2 HD2  sing N N 132 
HIS CE1 NE2  sing Y N 133 
HIS CE1 HE1  sing N N 134 
HIS NE2 HE2  sing N N 135 
HIS OXT HXT  sing N N 136 
HOH O   H1   sing N N 137 
HOH O   H2   sing N N 138 
LEU N   CA   sing N N 139 
LEU N   H    sing N N 140 
LEU N   H2   sing N N 141 
LEU CA  C    sing N N 142 
LEU CA  CB   sing N N 143 
LEU CA  HA   sing N N 144 
LEU C   O    doub N N 145 
LEU C   OXT  sing N N 146 
LEU CB  CG   sing N N 147 
LEU CB  HB2  sing N N 148 
LEU CB  HB3  sing N N 149 
LEU CG  CD1  sing N N 150 
LEU CG  CD2  sing N N 151 
LEU CG  HG   sing N N 152 
LEU CD1 HD11 sing N N 153 
LEU CD1 HD12 sing N N 154 
LEU CD1 HD13 sing N N 155 
LEU CD2 HD21 sing N N 156 
LEU CD2 HD22 sing N N 157 
LEU CD2 HD23 sing N N 158 
LEU OXT HXT  sing N N 159 
LYS N   CA   sing N N 160 
LYS N   H    sing N N 161 
LYS N   H2   sing N N 162 
LYS CA  C    sing N N 163 
LYS CA  CB   sing N N 164 
LYS CA  HA   sing N N 165 
LYS C   O    doub N N 166 
LYS C   OXT  sing N N 167 
LYS CB  CG   sing N N 168 
LYS CB  HB2  sing N N 169 
LYS CB  HB3  sing N N 170 
LYS CG  CD   sing N N 171 
LYS CG  HG2  sing N N 172 
LYS CG  HG3  sing N N 173 
LYS CD  CE   sing N N 174 
LYS CD  HD2  sing N N 175 
LYS CD  HD3  sing N N 176 
LYS CE  NZ   sing N N 177 
LYS CE  HE2  sing N N 178 
LYS CE  HE3  sing N N 179 
LYS NZ  HZ1  sing N N 180 
LYS NZ  HZ2  sing N N 181 
LYS NZ  HZ3  sing N N 182 
LYS OXT HXT  sing N N 183 
MET N   CA   sing N N 184 
MET N   H    sing N N 185 
MET N   H2   sing N N 186 
MET CA  C    sing N N 187 
MET CA  CB   sing N N 188 
MET CA  HA   sing N N 189 
MET C   O    doub N N 190 
MET C   OXT  sing N N 191 
MET CB  CG   sing N N 192 
MET CB  HB2  sing N N 193 
MET CB  HB3  sing N N 194 
MET CG  SD   sing N N 195 
MET CG  HG2  sing N N 196 
MET CG  HG3  sing N N 197 
MET SD  CE   sing N N 198 
MET CE  HE1  sing N N 199 
MET CE  HE2  sing N N 200 
MET CE  HE3  sing N N 201 
MET OXT HXT  sing N N 202 
SER N   CA   sing N N 203 
SER N   H    sing N N 204 
SER N   H2   sing N N 205 
SER CA  C    sing N N 206 
SER CA  CB   sing N N 207 
SER CA  HA   sing N N 208 
SER C   O    doub N N 209 
SER C   OXT  sing N N 210 
SER CB  OG   sing N N 211 
SER CB  HB2  sing N N 212 
SER CB  HB3  sing N N 213 
SER OG  HG   sing N N 214 
SER OXT HXT  sing N N 215 
TYR N   CA   sing N N 216 
TYR N   H    sing N N 217 
TYR N   H2   sing N N 218 
TYR CA  C    sing N N 219 
TYR CA  CB   sing N N 220 
TYR CA  HA   sing N N 221 
TYR C   O    doub N N 222 
TYR C   OXT  sing N N 223 
TYR CB  CG   sing N N 224 
TYR CB  HB2  sing N N 225 
TYR CB  HB3  sing N N 226 
TYR CG  CD1  doub Y N 227 
TYR CG  CD2  sing Y N 228 
TYR CD1 CE1  sing Y N 229 
TYR CD1 HD1  sing N N 230 
TYR CD2 CE2  doub Y N 231 
TYR CD2 HD2  sing N N 232 
TYR CE1 CZ   doub Y N 233 
TYR CE1 HE1  sing N N 234 
TYR CE2 CZ   sing Y N 235 
TYR CE2 HE2  sing N N 236 
TYR CZ  OH   sing N N 237 
TYR OH  HH   sing N N 238 
TYR OXT HXT  sing N N 239 
VAL N   CA   sing N N 240 
VAL N   H    sing N N 241 
VAL N   H2   sing N N 242 
VAL CA  C    sing N N 243 
VAL CA  CB   sing N N 244 
VAL CA  HA   sing N N 245 
VAL C   O    doub N N 246 
VAL C   OXT  sing N N 247 
VAL CB  CG1  sing N N 248 
VAL CB  CG2  sing N N 249 
VAL CB  HB   sing N N 250 
VAL CG1 HG11 sing N N 251 
VAL CG1 HG12 sing N N 252 
VAL CG1 HG13 sing N N 253 
VAL CG2 HG21 sing N N 254 
VAL CG2 HG22 sing N N 255 
VAL CG2 HG23 sing N N 256 
VAL OXT HXT  sing N N 257 
# 
_atom_sites.entry_id                    2B1F 
_atom_sites.fract_transf_matrix[1][1]   0.01338296 
_atom_sites.fract_transf_matrix[1][2]   0.00793856 
_atom_sites.fract_transf_matrix[1][3]   -0.01407700 
_atom_sites.fract_transf_matrix[2][1]   0.00944907 
_atom_sites.fract_transf_matrix[2][2]   -0.01864964 
_atom_sites.fract_transf_matrix[2][3]   -0.00153405 
_atom_sites.fract_transf_matrix[3][1]   -0.01104915 
_atom_sites.fract_transf_matrix[3][2]   -0.00452427 
_atom_sites.fract_transf_matrix[3][3]   -0.01305580 
_atom_sites.fract_transf_vector[1]      0.464497 
_atom_sites.fract_transf_vector[2]      0.805206 
_atom_sites.fract_transf_vector[3]      0.130393 
# 
loop_
_atom_type.symbol 
C 
N 
O 
S 
# 
loop_
_atom_site.group_PDB 
_atom_site.id 
_atom_site.type_symbol 
_atom_site.label_atom_id 
_atom_site.label_alt_id 
_atom_site.label_comp_id 
_atom_site.label_asym_id 
_atom_site.label_entity_id 
_atom_site.label_seq_id 
_atom_site.pdbx_PDB_ins_code 
_atom_site.Cartn_x 
_atom_site.Cartn_y 
_atom_site.Cartn_z 
_atom_site.occupancy 
_atom_site.B_iso_or_equiv 
_atom_site.pdbx_formal_charge 
_atom_site.auth_seq_id 
_atom_site.auth_comp_id 
_atom_site.auth_asym_id 
_atom_site.auth_atom_id 
_atom_site.pdbx_PDB_model_num 
ATOM   1    N N   . MET A 1 1  ? -10.550 -12.722 -18.383 1.00 27.30 ? 0  MET A N   1 
ATOM   2    C CA  . MET A 1 1  ? -10.417 -12.518 -16.920 1.00 27.84 ? 0  MET A CA  1 
ATOM   3    C C   . MET A 1 1  ? -11.625 -13.131 -16.230 1.00 26.63 ? 0  MET A C   1 
ATOM   4    O O   . MET A 1 1  ? -12.774 -12.867 -16.603 1.00 27.61 ? 0  MET A O   1 
ATOM   5    C CB  . MET A 1 1  ? -10.330 -11.015 -16.623 1.00 27.37 ? 0  MET A CB  1 
ATOM   6    C CG  . MET A 1 1  ? -10.426 -10.635 -15.172 1.00 29.20 ? 0  MET A CG  1 
ATOM   7    S SD  . MET A 1 1  ? -10.346 -8.854  -15.071 1.00 32.65 ? 0  MET A SD  1 
ATOM   8    C CE  . MET A 1 1  ? -8.741  -8.604  -14.384 1.00 31.56 ? 0  MET A CE  1 
ATOM   9    N N   . LYS A 1 2  ? -11.368 -13.970 -15.234 1.00 25.18 ? 1  LYS A N   1 
ATOM   10   C CA  . LYS A 1 2  ? -12.446 -14.495 -14.424 1.00 25.65 ? 1  LYS A CA  1 
ATOM   11   C C   . LYS A 1 2  ? -12.754 -13.459 -13.360 1.00 25.14 ? 1  LYS A C   1 
ATOM   12   O O   . LYS A 1 2  ? -11.865 -12.719 -12.926 1.00 24.06 ? 1  LYS A O   1 
ATOM   13   C CB  . LYS A 1 2  ? -12.055 -15.815 -13.787 1.00 25.82 ? 1  LYS A CB  1 
ATOM   14   C CG  . LYS A 1 2  ? -11.878 -16.934 -14.802 1.00 28.31 ? 1  LYS A CG  1 
ATOM   15   C CD  . LYS A 1 2  ? -11.345 -18.209 -14.168 1.00 29.97 ? 1  LYS A CD  1 
ATOM   16   C CE  . LYS A 1 2  ? -10.914 -19.225 -15.238 1.00 31.22 ? 1  LYS A CE  1 
ATOM   17   N NZ  . LYS A 1 2  ? -9.563  -19.740 -14.894 1.00 28.74 ? 1  LYS A NZ  1 
ATOM   18   N N   . VAL A 1 3  ? -14.008 -13.372 -12.941 1.00 25.11 ? 2  VAL A N   1 
ATOM   19   C CA  . VAL A 1 3  ? -14.310 -12.422 -11.878 1.00 24.72 ? 2  VAL A CA  1 
ATOM   20   C C   . VAL A 1 3  ? -13.504 -12.792 -10.635 1.00 23.99 ? 2  VAL A C   1 
ATOM   21   O O   . VAL A 1 3  ? -13.042 -11.906 -9.930  1.00 23.63 ? 2  VAL A O   1 
ATOM   22   C CB  . VAL A 1 3  ? -15.817 -12.300 -11.570 1.00 25.85 ? 2  VAL A CB  1 
ATOM   23   C CG1 . VAL A 1 3  ? -16.546 -11.817 -12.795 1.00 26.98 ? 2  VAL A CG1 1 
ATOM   24   C CG2 . VAL A 1 3  ? -16.386 -13.614 -11.088 1.00 26.86 ? 2  VAL A CG2 1 
ATOM   25   N N   . LYS A 1 4  ? -13.304 -14.091 -10.405 1.00 23.04 ? 3  LYS A N   1 
ATOM   26   C CA  . LYS A 1 4  ? -12.488 -14.561 -9.283  1.00 21.74 ? 3  LYS A CA  1 
ATOM   27   C C   . LYS A 1 4  ? -11.084 -13.975 -9.307  1.00 20.32 ? 3  LYS A C   1 
ATOM   28   O O   . LYS A 1 4  ? -10.531 -13.677 -8.253  1.00 20.01 ? 3  LYS A O   1 
ATOM   29   C CB  . LYS A 1 4  ? -12.418 -16.101 -9.235  1.00 22.89 ? 3  LYS A CB  1 
ATOM   30   C CG  . LYS A 1 4  ? -11.652 -16.673 -8.043  1.00 23.60 ? 3  LYS A CG  1 
ATOM   31   C CD  . LYS A 1 4  ? -12.212 -16.220 -6.703  1.00 25.30 ? 3  LYS A CD  1 
ATOM   32   C CE  . LYS A 1 4  ? -11.482 -16.933 -5.580  1.00 24.71 ? 3  LYS A CE  1 
ATOM   33   N NZ  . LYS A 1 4  ? -12.061 -16.658 -4.245  1.00 27.40 ? 3  LYS A NZ  1 
ATOM   34   N N   . GLN A 1 5  ? -10.506 -13.836 -10.489 1.00 18.88 ? 4  GLN A N   1 
ATOM   35   C CA  . GLN A 1 5  ? -9.145  -13.338 -10.591 1.00 17.66 ? 4  GLN A CA  1 
ATOM   36   C C   . GLN A 1 5  ? -9.154  -11.872 -10.182 1.00 17.52 ? 4  GLN A C   1 
ATOM   37   O O   . GLN A 1 5  ? -8.244  -11.427 -9.502  1.00 16.87 ? 4  GLN A O   1 
ATOM   38   C CB  . GLN A 1 5  ? -8.605  -13.521 -12.014 1.00 16.93 ? 4  GLN A CB  1 
ATOM   39   C CG  . GLN A 1 5  ? -8.374  -14.968 -12.417 1.00 17.71 ? 4  GLN A CG  1 
ATOM   40   C CD  . GLN A 1 5  ? -7.983  -15.090 -13.850 1.00 18.73 ? 4  GLN A CD  1 
ATOM   41   O OE1 . GLN A 1 5  ? -8.666  -14.573 -14.729 1.00 19.19 ? 4  GLN A OE1 1 
ATOM   42   N NE2 . GLN A 1 5  ? -6.902  -15.802 -14.114 1.00 16.82 ? 4  GLN A NE2 1 
ATOM   43   N N   . LEU A 1 6  ? -10.187 -11.133 -10.555 1.00 17.73 ? 5  LEU A N   1 
ATOM   44   C CA  . LEU A 1 6  ? -10.238 -9.729  -10.166 1.00 18.81 ? 5  LEU A CA  1 
ATOM   45   C C   . LEU A 1 6  ? -10.514 -9.612  -8.667  1.00 18.97 ? 5  LEU A C   1 
ATOM   46   O O   . LEU A 1 6  ? -9.828  -8.835  -7.964  1.00 18.48 ? 5  LEU A O   1 
ATOM   47   C CB  . LEU A 1 6  ? -11.260 -8.959  -11.006 1.00 19.13 ? 5  LEU A CB  1 
ATOM   48   C CG  . LEU A 1 6  ? -11.298 -7.444  -10.776 1.00 23.08 ? 5  LEU A CG  1 
ATOM   49   C CD1 . LEU A 1 6  ? -9.933  -6.808  -10.861 1.00 24.05 ? 5  LEU A CD1 1 
ATOM   50   C CD2 . LEU A 1 6  ? -12.231 -6.847  -11.806 1.00 24.16 ? 5  LEU A CD2 1 
ATOM   51   N N   . GLU A 1 7  ? -11.442 -10.418 -8.151  1.00 19.35 ? 6  GLU A N   1 
ATOM   52   C CA  . GLU A 1 7  ? -11.709 -10.434 -6.704  1.00 19.83 ? 6  GLU A CA  1 
ATOM   53   C C   . GLU A 1 7  ? -10.458 -10.787 -5.910  1.00 19.30 ? 6  GLU A C   1 
ATOM   54   O O   . GLU A 1 7  ? -10.209 -10.222 -4.823  1.00 19.33 ? 6  GLU A O   1 
ATOM   55   C CB  . GLU A 1 7  ? -12.815 -11.423 -6.355  1.00 20.85 ? 6  GLU A CB  1 
ATOM   56   C CG  . GLU A 1 7  ? -14.150 -11.060 -6.967  1.00 22.37 ? 6  GLU A CG  1 
ATOM   57   C CD  . GLU A 1 7  ? -15.188 -12.160 -6.816  1.00 25.12 ? 6  GLU A CD  1 
ATOM   58   O OE1 . GLU A 1 7  ? -14.809 -13.348 -6.814  1.00 28.11 ? 6  GLU A OE1 1 
ATOM   59   O OE2 . GLU A 1 7  ? -16.389 -11.835 -6.704  1.00 30.63 ? 6  GLU A OE2 1 
ATOM   60   N N   . ASP A 1 8  ? -9.659  -11.715 -6.431  1.00 19.08 ? 7  ASP A N   1 
ATOM   61   C CA  . ASP A 1 8  ? -8.442  -12.098 -5.721  1.00 18.14 ? 7  ASP A CA  1 
ATOM   62   C C   . ASP A 1 8  ? -7.426  -10.940 -5.700  1.00 17.71 ? 7  ASP A C   1 
ATOM   63   O O   . ASP A 1 8  ? -6.678  -10.791 -4.728  1.00 18.66 ? 7  ASP A O   1 
ATOM   64   C CB  . ASP A 1 8  ? -7.790  -13.376 -6.297  1.00 17.81 ? 7  ASP A CB  1 
ATOM   65   C CG  . ASP A 1 8  ? -8.370  -14.672 -5.717  1.00 20.45 ? 7  ASP A CG  1 
ATOM   66   O OD1 . ASP A 1 8  ? -9.149  -14.632 -4.740  1.00 22.60 ? 7  ASP A OD1 1 
ATOM   67   O OD2 . ASP A 1 8  ? -8.019  -15.749 -6.235  1.00 21.06 ? 7  ASP A OD2 1 
ATOM   68   N N   . ALA A 1 9  ? -7.402  -10.125 -6.761  1.00 17.06 ? 8  ALA A N   1 
ATOM   69   C CA  . ALA A 1 9  ? -6.496  -8.957  -6.794  1.00 16.44 ? 8  ALA A CA  1 
ATOM   70   C C   . ALA A 1 9  ? -6.980  -7.935  -5.769  1.00 17.20 ? 8  ALA A C   1 
ATOM   71   O O   . ALA A 1 9  ? -6.186  -7.330  -5.038  1.00 17.58 ? 8  ALA A O   1 
ATOM   72   C CB  . ALA A 1 9  ? -6.407  -8.338  -8.206  1.00 17.73 ? 8  ALA A CB  1 
ATOM   73   N N   . VAL A 1 10 ? -8.294  -7.763  -5.705  1.00 17.00 ? 9  VAL A N   1 
ATOM   74   C CA  . VAL A 1 10 ? -8.908  -6.833  -4.749  1.00 17.44 ? 9  VAL A CA  1 
ATOM   75   C C   . VAL A 1 10 ? -8.617  -7.288  -3.314  1.00 17.59 ? 9  VAL A C   1 
ATOM   76   O O   . VAL A 1 10 ? -8.266  -6.488  -2.455  1.00 18.22 ? 9  VAL A O   1 
ATOM   77   C CB  . VAL A 1 10 ? -10.432 -6.645  -5.010  1.00 18.81 ? 9  VAL A CB  1 
ATOM   78   C CG1 . VAL A 1 10 ? -11.113 -5.845  -3.870  1.00 19.10 ? 9  VAL A CG1 1 
ATOM   79   C CG2 . VAL A 1 10 ? -10.642 -5.973  -6.353  1.00 18.68 ? 9  VAL A CG2 1 
ATOM   80   N N   . GLU A 1 11 ? -8.684  -8.584  -3.066  1.00 18.77 ? 10 GLU A N   1 
ATOM   81   C CA  . GLU A 1 11 ? -8.400  -9.103  -1.730  1.00 20.01 ? 10 GLU A CA  1 
ATOM   82   C C   . GLU A 1 11 ? -6.931  -8.872  -1.336  1.00 18.21 ? 10 GLU A C   1 
ATOM   83   O O   . GLU A 1 11 ? -6.616  -8.572  -0.172  1.00 16.38 ? 10 GLU A O   1 
ATOM   84   C CB  . GLU A 1 11 ? -8.795  -10.594 -1.653  1.00 20.26 ? 10 GLU A CB  1 
ATOM   85   C CG  . GLU A 1 11 ? -8.881  -11.185 -0.212  1.00 24.39 ? 10 GLU A CG  1 
ATOM   86   C CD  . GLU A 1 11 ? -9.363  -12.649 -0.157  1.00 24.71 ? 10 GLU A CD  1 
ATOM   87   O OE1 . GLU A 1 11 ? -9.439  -13.311 -1.218  1.00 31.72 ? 10 GLU A OE1 1 
ATOM   88   O OE2 . GLU A 1 11 ? -9.643  -13.149 0.963   1.00 31.58 ? 10 GLU A OE2 1 
ATOM   89   N N   . GLU A 1 12 ? -6.030  -8.962  -2.308  1.00 18.21 ? 11 GLU A N   1 
ATOM   90   C CA  . GLU A 1 12 ? -4.628  -8.645  -2.050  1.00 17.53 ? 11 GLU A CA  1 
ATOM   91   C C   . GLU A 1 12 ? -4.473  -7.190  -1.627  1.00 17.56 ? 11 GLU A C   1 
ATOM   92   O O   . GLU A 1 12 ? -3.731  -6.886  -0.710  1.00 17.12 ? 11 GLU A O   1 
ATOM   93   C CB  . GLU A 1 12 ? -3.758  -8.915  -3.267  1.00 18.79 ? 11 GLU A CB  1 
ATOM   94   C CG  . GLU A 1 12 ? -3.589  -10.372 -3.556  1.00 23.61 ? 11 GLU A CG  1 
ATOM   95   C CD  . GLU A 1 12 ? -2.374  -11.024 -2.922  1.00 22.72 ? 11 GLU A CD  1 
ATOM   96   O OE1 . GLU A 1 12 ? -1.784  -10.556 -1.903  1.00 21.25 ? 11 GLU A OE1 1 
ATOM   97   O OE2 . GLU A 1 12 ? -2.028  -12.085 -3.456  1.00 27.31 ? 11 GLU A OE2 1 
ATOM   98   N N   . LEU A 1 13 ? -5.163  -6.294  -2.321  1.00 15.60 ? 12 LEU A N   1 
ATOM   99   C CA  . LEU A 1 13 ? -5.135  -4.872  -1.999  1.00 14.75 ? 12 LEU A CA  1 
ATOM   100  C C   . LEU A 1 13 ? -5.748  -4.569  -0.648  1.00 15.16 ? 12 LEU A C   1 
ATOM   101  O O   . LEU A 1 13 ? -5.273  -3.690  0.068   1.00 14.80 ? 12 LEU A O   1 
ATOM   102  C CB  . LEU A 1 13 ? -5.905  -4.090  -3.057  1.00 15.22 ? 12 LEU A CB  1 
ATOM   103  C CG  . LEU A 1 13 ? -5.240  -4.048  -4.424  1.00 14.48 ? 12 LEU A CG  1 
ATOM   104  C CD1 . LEU A 1 13 ? -6.064  -3.233  -5.421  1.00 16.36 ? 12 LEU A CD1 1 
ATOM   105  C CD2 . LEU A 1 13 ? -3.846  -3.453  -4.230  1.00 16.87 ? 12 LEU A CD2 1 
ATOM   106  N N   . LEU A 1 14 ? -6.824  -5.267  -0.298  1.00 16.00 ? 13 LEU A N   1 
ATOM   107  C CA  . LEU A 1 14 ? -7.385  -5.106  1.052   1.00 16.77 ? 13 LEU A CA  1 
ATOM   108  C C   . LEU A 1 14 ? -6.386  -5.544  2.154   1.00 16.43 ? 13 LEU A C   1 
ATOM   109  O O   . LEU A 1 14 ? -6.261  -4.920  3.234   1.00 16.61 ? 13 LEU A O   1 
ATOM   110  C CB  . LEU A 1 14 ? -8.729  -5.825  1.170   1.00 17.41 ? 13 LEU A CB  1 
ATOM   111  C CG  . LEU A 1 14 ? -9.824  -5.255  0.267   1.00 20.63 ? 13 LEU A CG  1 
ATOM   112  C CD1 . LEU A 1 14 ? -11.052 -6.188  0.238   1.00 23.42 ? 13 LEU A CD1 1 
ATOM   113  C CD2 . LEU A 1 14 ? -10.207 -3.836  0.631   1.00 23.03 ? 13 LEU A CD2 1 
ATOM   114  N N   . SER A 1 15 ? -5.646  -6.612  1.880   1.00 16.08 ? 14 SER A N   1 
ATOM   115  C CA  . SER A 1 15 ? -4.592  -7.043  2.800   1.00 16.12 ? 14 SER A CA  1 
ATOM   116  C C   . SER A 1 15 ? -3.487  -5.972  2.931   1.00 15.82 ? 14 SER A C   1 
ATOM   117  O O   . SER A 1 15 ? -3.051  -5.640  4.040   1.00 16.04 ? 14 SER A O   1 
ATOM   118  C CB  . SER A 1 15 ? -4.002  -8.372  2.367   1.00 16.66 ? 14 SER A CB  1 
ATOM   119  O OG  . SER A 1 15 ? -4.943  -9.404  2.633   1.00 18.36 ? 14 SER A OG  1 
ATOM   120  N N   . ALA A 1 16 ? -3.058  -5.430  1.799   1.00 15.32 ? 15 ALA A N   1 
ATOM   121  C CA  . ALA A 1 16 ? -2.112  -4.320  1.791   1.00 14.70 ? 15 ALA A CA  1 
ATOM   122  C C   . ALA A 1 16 ? -2.594  -3.143  2.612   1.00 14.45 ? 15 ALA A C   1 
ATOM   123  O O   . ALA A 1 16 ? -1.840  -2.612  3.410   1.00 14.57 ? 15 ALA A O   1 
ATOM   124  C CB  . ALA A 1 16 ? -1.812  -3.894  0.363   1.00 14.81 ? 15 ALA A CB  1 
ATOM   125  N N   . ASN A 1 17 ? -3.852  -2.744  2.419   1.00 14.86 ? 16 ASN A N   1 
ATOM   126  C CA  . ASN A 1 17 ? -4.425  -1.615  3.126   1.00 15.07 ? 16 ASN A CA  1 
ATOM   127  C C   . ASN A 1 17 ? -4.583  -1.855  4.622   1.00 15.06 ? 16 ASN A C   1 
ATOM   128  O O   . ASN A 1 17 ? -4.431  -0.940  5.401   1.00 15.12 ? 16 ASN A O   1 
ATOM   129  C CB  . ASN A 1 17 ? -5.780  -1.228  2.542   1.00 16.13 ? 16 ASN A CB  1 
ATOM   130  C CG  . ASN A 1 17 ? -6.014  0.250   2.609   1.00 18.62 ? 16 ASN A CG  1 
ATOM   131  O OD1 . ASN A 1 17 ? -5.102  1.052   2.361   1.00 21.51 ? 16 ASN A OD1 1 
ATOM   132  N ND2 . ASN A 1 17 ? -7.227  0.635   2.957   1.00 19.98 ? 16 ASN A ND2 1 
ATOM   133  N N   . TYR A 1 18 ? -4.896  -3.080  5.008   1.00 15.16 ? 17 TYR A N   1 
ATOM   134  C CA  . TYR A 1 18 ? -4.951  -3.465  6.413   1.00 15.27 ? 17 TYR A CA  1 
ATOM   135  C C   . TYR A 1 18 ? -3.634  -3.165  7.121   1.00 15.26 ? 17 TYR A C   1 
ATOM   136  O O   . TYR A 1 18 ? -3.572  -2.487  8.150   1.00 15.63 ? 17 TYR A O   1 
ATOM   137  C CB  . TYR A 1 18 ? -5.288  -4.959  6.493   1.00 17.74 ? 17 TYR A CB  1 
ATOM   138  C CG  . TYR A 1 18 ? -5.249  -5.560  7.868   1.00 19.19 ? 17 TYR A CG  1 
ATOM   139  C CD1 . TYR A 1 18 ? -6.411  -5.652  8.639   1.00 21.69 ? 17 TYR A CD1 1 
ATOM   140  C CD2 . TYR A 1 18 ? -4.067  -6.085  8.381   1.00 21.18 ? 17 TYR A CD2 1 
ATOM   141  C CE1 . TYR A 1 18 ? -6.379  -6.231  9.884   1.00 21.16 ? 17 TYR A CE1 1 
ATOM   142  C CE2 . TYR A 1 18 ? -4.021  -6.669  9.643   1.00 20.53 ? 17 TYR A CE2 1 
ATOM   143  C CZ  . TYR A 1 18 ? -5.177  -6.727  10.393  1.00 21.65 ? 17 TYR A CZ  1 
ATOM   144  O OH  . TYR A 1 18 ? -5.126  -7.302  11.655  1.00 23.65 ? 17 TYR A OH  1 
ATOM   145  N N   . HIS A 1 19 ? -2.551  -3.642  6.544   1.00 14.58 ? 18 HIS A N   1 
ATOM   146  C CA  . HIS A 1 19 ? -1.252  -3.429  7.152   1.00 14.44 ? 18 HIS A CA  1 
ATOM   147  C C   . HIS A 1 19 ? -0.841  -1.969  7.088   1.00 14.95 ? 18 HIS A C   1 
ATOM   148  O O   . HIS A 1 19 ? -0.284  -1.441  8.045   1.00 16.49 ? 18 HIS A O   1 
ATOM   149  C CB  . HIS A 1 19 ? -0.237  -4.331  6.474   1.00 14.00 ? 18 HIS A CB  1 
ATOM   150  C CG  . HIS A 1 19 ? -0.454  -5.772  6.763   1.00 15.77 ? 18 HIS A CG  1 
ATOM   151  N ND1 . HIS A 1 19 ? -0.287  -6.313  8.021   1.00 16.38 ? 18 HIS A ND1 1 
ATOM   152  C CD2 . HIS A 1 19 ? -0.864  -6.776  5.963   1.00 16.56 ? 18 HIS A CD2 1 
ATOM   153  C CE1 . HIS A 1 19 ? -0.563  -7.605  7.968   1.00 19.79 ? 18 HIS A CE1 1 
ATOM   154  N NE2 . HIS A 1 19 ? -0.909  -7.912  6.732   1.00 19.88 ? 18 HIS A NE2 1 
ATOM   155  N N   . LEU A 1 20 ? -1.115  -1.308  5.964   1.00 15.03 ? 19 LEU A N   1 
ATOM   156  C CA  . LEU A 1 20 ? -0.781  0.115   5.845   1.00 15.24 ? 19 LEU A CA  1 
ATOM   157  C C   . LEU A 1 20 ? -1.538  0.957   6.865   1.00 16.01 ? 19 LEU A C   1 
ATOM   158  O O   . LEU A 1 20 ? -0.945  1.814   7.503   1.00 15.10 ? 19 LEU A O   1 
ATOM   159  C CB  . LEU A 1 20 ? -1.041  0.597   4.417   1.00 14.84 ? 19 LEU A CB  1 
ATOM   160  C CG  . LEU A 1 20 ? -0.807  2.084   4.078   1.00 15.46 ? 19 LEU A CG  1 
ATOM   161  C CD1 . LEU A 1 20 ? 0.621   2.444   4.339   1.00 18.90 ? 19 LEU A CD1 1 
ATOM   162  C CD2 . LEU A 1 20 ? -1.111  2.381   2.613   1.00 16.49 ? 19 LEU A CD2 1 
ATOM   163  N N   . GLU A 1 21 ? -2.840  0.714   7.017   1.00 16.78 ? 20 GLU A N   1 
ATOM   164  C CA  . GLU A 1 21 ? -3.633  1.413   8.058   1.00 17.67 ? 20 GLU A CA  1 
ATOM   165  C C   . GLU A 1 21 ? -3.081  1.175   9.453   1.00 16.78 ? 20 GLU A C   1 
ATOM   166  O O   . GLU A 1 21 ? -3.069  2.105   10.270  1.00 15.55 ? 20 GLU A O   1 
ATOM   167  C CB  . GLU A 1 21 ? -5.126  1.031   8.040   1.00 18.60 ? 20 GLU A CB  1 
ATOM   168  C CG  . GLU A 1 21 ? -5.877  1.175   6.726   1.00 21.04 ? 20 GLU A CG  1 
ATOM   169  C CD  . GLU A 1 21 ? -7.288  0.565   6.818   1.00 22.02 ? 20 GLU A CD  1 
ATOM   170  O OE1 . GLU A 1 21 ? -7.463  -0.513  7.445   1.00 27.85 ? 20 GLU A OE1 1 
ATOM   171  O OE2 . GLU A 1 21 ? -8.230  1.164   6.249   1.00 30.19 ? 20 GLU A OE2 1 
ATOM   172  N N   . ASN A 1 22 ? -2.643  -0.052  9.752   1.00 15.62 ? 21 ASN A N   1 
ATOM   173  C CA  . ASN A 1 22 ? -2.064  -0.338  11.085  1.00 16.13 ? 21 ASN A CA  1 
ATOM   174  C C   . ASN A 1 22 ? -0.808  0.493   11.314  1.00 16.58 ? 21 ASN A C   1 
ATOM   175  O O   . ASN A 1 22 ? -0.648  1.091   12.361  1.00 17.10 ? 21 ASN A O   1 
ATOM   176  C CB  . ASN A 1 22 ? -1.760  -1.829  11.269  1.00 16.33 ? 21 ASN A CB  1 
ATOM   177  C CG  . ASN A 1 22 ? -3.017  -2.682  11.400  1.00 16.75 ? 21 ASN A CG  1 
ATOM   178  O OD1 . ASN A 1 22 ? -4.134  -2.170  11.587  1.00 18.17 ? 21 ASN A OD1 1 
ATOM   179  N ND2 . ASN A 1 22 ? -2.841  -4.003  11.253  1.00 21.19 ? 21 ASN A ND2 1 
ATOM   180  N N   . ALA A 1 23 ? 0.073   0.545   10.313  1.00 14.97 ? 22 ALA A N   1 
ATOM   181  C CA  . ALA A 1 23 ? 1.348   1.289   10.410  1.00 16.27 ? 22 ALA A CA  1 
ATOM   182  C C   . ALA A 1 23 ? 1.081   2.785   10.602  1.00 15.44 ? 22 ALA A C   1 
ATOM   183  O O   . ALA A 1 23 ? 1.724   3.438   11.406  1.00 17.91 ? 22 ALA A O   1 
ATOM   184  C CB  . ALA A 1 23 ? 2.180   1.037   9.168   1.00 15.61 ? 22 ALA A CB  1 
ATOM   185  N N   . VAL A 1 24 ? 0.116   3.328   9.870   1.00 16.91 ? 23 VAL A N   1 
ATOM   186  C CA  . VAL A 1 24 ? -0.200  4.743   9.949   1.00 17.72 ? 23 VAL A CA  1 
ATOM   187  C C   . VAL A 1 24 ? -0.765  5.048   11.316  1.00 17.42 ? 23 VAL A C   1 
ATOM   188  O O   . VAL A 1 24 ? -0.312  5.992   11.978  1.00 16.56 ? 23 VAL A O   1 
ATOM   189  C CB  . VAL A 1 24 ? -1.222  5.143   8.874   1.00 18.56 ? 23 VAL A CB  1 
ATOM   190  C CG1 . VAL A 1 24 ? -1.833  6.528   9.171   1.00 20.82 ? 23 VAL A CG1 1 
ATOM   191  C CG2 . VAL A 1 24 ? -0.575  5.096   7.520   1.00 21.79 ? 23 VAL A CG2 1 
ATOM   192  N N   . ALA A 1 25 ? -1.708  4.224   11.765  1.00 17.50 ? 24 ALA A N   1 
ATOM   193  C CA  . ALA A 1 25 ? -2.272  4.447   13.094  1.00 17.62 ? 24 ALA A CA  1 
ATOM   194  C C   . ALA A 1 25 ? -1.210  4.444   14.184  1.00 17.94 ? 24 ALA A C   1 
ATOM   195  O O   . ALA A 1 25 ? -1.228  5.294   15.084  1.00 18.50 ? 24 ALA A O   1 
ATOM   196  C CB  . ALA A 1 25 ? -3.324  3.428   13.382  1.00 17.22 ? 24 ALA A CB  1 
ATOM   197  N N   . ARG A 1 26 ? -0.273  3.506   14.091  1.00 17.80 ? 25 ARG A N   1 
ATOM   198  C CA  . ARG A 1 26 ? 0.812   3.377   15.044  1.00 18.85 ? 25 ARG A CA  1 
ATOM   199  C C   . ARG A 1 26 ? 1.692   4.607   15.040  1.00 18.44 ? 25 ARG A C   1 
ATOM   200  O O   . ARG A 1 26 ? 1.997   5.163   16.098  1.00 19.21 ? 25 ARG A O   1 
ATOM   201  C CB  . ARG A 1 26 ? 1.638   2.120   14.780  1.00 18.96 ? 25 ARG A CB  1 
ATOM   202  C CG  . ARG A 1 26 ? 2.425   1.707   16.017  1.00 21.33 ? 25 ARG A CG  1 
ATOM   203  C CD  . ARG A 1 26 ? 3.424   0.578   15.787  1.00 22.54 ? 25 ARG A CD  1 
ATOM   204  N NE  . ARG A 1 26 ? 2.825   -0.736  15.516  1.00 24.90 ? 25 ARG A NE  1 
ATOM   205  C CZ  . ARG A 1 26 ? 2.527   -1.649  16.445  1.00 24.14 ? 25 ARG A CZ  1 
ATOM   206  N NH1 . ARG A 1 26 ? 2.738   -1.401  17.735  1.00 25.80 ? 25 ARG A NH1 1 
ATOM   207  N NH2 . ARG A 1 26 ? 1.997   -2.813  16.089  1.00 26.66 ? 25 ARG A NH2 1 
ATOM   208  N N   . LEU A 1 27 ? 2.095   5.046   13.848  1.00 18.15 ? 26 LEU A N   1 
ATOM   209  C CA  . LEU A 1 27 ? 2.934   6.236   13.750  1.00 18.89 ? 26 LEU A CA  1 
ATOM   210  C C   . LEU A 1 27 ? 2.220   7.518   14.197  1.00 19.74 ? 26 LEU A C   1 
ATOM   211  O O   . LEU A 1 27 ? 2.843   8.425   14.760  1.00 19.99 ? 26 LEU A O   1 
ATOM   212  C CB  . LEU A 1 27 ? 3.427   6.416   12.312  1.00 19.03 ? 26 LEU A CB  1 
ATOM   213  C CG  . LEU A 1 27 ? 4.299   5.335   11.669  1.00 19.94 ? 26 LEU A CG  1 
ATOM   214  C CD1 . LEU A 1 27 ? 4.532   5.781   10.238  1.00 21.42 ? 26 LEU A CD1 1 
ATOM   215  C CD2 . LEU A 1 27 ? 5.623   5.040   12.386  1.00 23.45 ? 26 LEU A CD2 1 
ATOM   216  N N   . LYS A 1 28 ? 0.923   7.616   13.943  1.00 19.66 ? 27 LYS A N   1 
ATOM   217  C CA  . LYS A 1 28 ? 0.147   8.773   14.400  1.00 20.49 ? 27 LYS A CA  1 
ATOM   218  C C   . LYS A 1 28 ? 0.164   8.883   15.934  1.00 21.40 ? 27 LYS A C   1 
ATOM   219  O O   . LYS A 1 28 ? 0.281   9.991   16.493  1.00 21.46 ? 27 LYS A O   1 
ATOM   220  C CB  . LYS A 1 28 ? -1.273  8.698   13.856  1.00 19.51 ? 27 LYS A CB  1 
ATOM   221  C CG  . LYS A 1 28 ? -1.403  9.177   12.416  1.00 21.38 ? 27 LYS A CG  1 
ATOM   222  C CD  . LYS A 1 28 ? -2.847  9.102   12.006  1.00 23.45 ? 27 LYS A CD  1 
ATOM   223  C CE  . LYS A 1 28 ? -3.057  9.392   10.546  1.00 27.11 ? 27 LYS A CE  1 
ATOM   224  N NZ  . LYS A 1 28 ? -4.350  8.769   10.092  1.00 29.69 ? 27 LYS A NZ  1 
ATOM   225  N N   . LYS A 1 29 ? 0.102   7.733   16.603  1.00 21.87 ? 28 LYS A N   1 
ATOM   226  C CA  . LYS A 1 29 ? 0.180   7.669   18.067  1.00 22.91 ? 28 LYS A CA  1 
ATOM   227  C C   . LYS A 1 29 ? 1.572   8.030   18.580  1.00 23.75 ? 28 LYS A C   1 
ATOM   228  O O   . LYS A 1 29 ? 1.700   8.688   19.616  1.00 24.64 ? 28 LYS A O   1 
ATOM   229  C CB  . LYS A 1 29 ? -0.223  6.281   18.565  1.00 22.52 ? 28 LYS A CB  1 
ATOM   230  C CG  . LYS A 1 29 ? -1.649  5.925   18.285  1.00 24.74 ? 28 LYS A CG  1 
ATOM   231  C CD  . LYS A 1 29 ? -2.595  7.013   18.762  1.00 25.98 ? 28 LYS A CD  1 
ATOM   232  C CE  . LYS A 1 29 ? -4.039  6.575   18.585  1.00 25.83 ? 28 LYS A CE  1 
ATOM   233  N NZ  . LYS A 1 29 ? -4.223  5.167   18.971  1.00 29.39 ? 28 LYS A NZ  1 
ATOM   234  N N   . LEU A 1 30 ? 2.612   7.601   17.868  1.00 24.33 ? 29 LEU A N   1 
ATOM   235  C CA  . LEU A 1 30 ? 3.977   7.988   18.244  1.00 25.74 ? 29 LEU A CA  1 
ATOM   236  C C   . LEU A 1 30 ? 4.205   9.507   18.100  1.00 26.82 ? 29 LEU A C   1 
ATOM   237  O O   . LEU A 1 30 ? 4.814   10.128  18.979  1.00 27.73 ? 29 LEU A O   1 
ATOM   238  C CB  . LEU A 1 30 ? 5.027   7.162   17.485  1.00 25.35 ? 29 LEU A CB  1 
ATOM   239  C CG  . LEU A 1 30 ? 4.923   5.626   17.522  1.00 25.83 ? 29 LEU A CG  1 
ATOM   240  C CD1 . LEU A 1 30 ? 5.983   5.004   16.634  1.00 28.03 ? 29 LEU A CD1 1 
ATOM   241  C CD2 . LEU A 1 30 ? 5.013   5.042   18.952  1.00 27.03 ? 29 LEU A CD2 1 
ATOM   242  N N   . VAL A 1 31 ? 3.675   10.107  17.029  1.00 28.08 ? 30 VAL A N   1 
ATOM   243  C CA  . VAL A 1 31 ? 3.696   11.572  16.829  1.00 29.09 ? 30 VAL A CA  1 
ATOM   244  C C   . VAL A 1 31 ? 2.946   12.303  17.952  1.00 30.21 ? 30 VAL A C   1 
ATOM   245  O O   . VAL A 1 31 ? 3.321   13.427  18.355  1.00 30.06 ? 30 VAL A O   1 
ATOM   246  C CB  . VAL A 1 31 ? 3.051   11.981  15.466  1.00 28.45 ? 30 VAL A CB  1 
ATOM   247  C CG1 . VAL A 1 31 ? 2.730   13.478  15.422  1.00 29.48 ? 30 VAL A CG1 1 
ATOM   248  C CG2 . VAL A 1 31 ? 3.952   11.592  14.307  1.00 28.32 ? 30 VAL A CG2 1 
ATOM   249  N N   . GLY A 1 32 ? 1.880   11.657  18.435  1.00 31.22 ? 31 GLY A N   1 
ATOM   250  C CA  . GLY A 1 32 ? 0.952   12.243  19.391  1.00 31.85 ? 31 GLY A CA  1 
ATOM   251  C C   . GLY A 1 32 ? 1.586   12.450  20.748  1.00 32.84 ? 31 GLY A C   1 
ATOM   252  O O   . GLY A 1 32 ? 1.063   13.210  21.565  1.00 34.45 ? 31 GLY A O   1 
ATOM   253  N N   . LYS B 1 2  ? 10.519  3.269   23.254  1.00 34.66 ? 1  LYS B N   1 
ATOM   254  C CA  . LYS B 1 2  ? 10.656  1.862   22.773  1.00 34.12 ? 1  LYS B CA  1 
ATOM   255  C C   . LYS B 1 2  ? 10.827  1.785   21.261  1.00 33.64 ? 1  LYS B C   1 
ATOM   256  O O   . LYS B 1 2  ? 9.927   2.149   20.503  1.00 33.13 ? 1  LYS B O   1 
ATOM   257  C CB  . LYS B 1 2  ? 9.461   1.026   23.229  1.00 34.53 ? 1  LYS B CB  1 
ATOM   258  C CG  . LYS B 1 2  ? 9.798   0.014   24.333  1.00 35.44 ? 1  LYS B CG  1 
ATOM   259  C CD  . LYS B 1 2  ? 9.956   -1.396  23.767  1.00 36.80 ? 1  LYS B CD  1 
ATOM   260  C CE  . LYS B 1 2  ? 8.592   -2.049  23.533  1.00 37.66 ? 1  LYS B CE  1 
ATOM   261  N NZ  . LYS B 1 2  ? 8.659   -3.536  23.441  1.00 38.23 ? 1  LYS B NZ  1 
ATOM   262  N N   . VAL B 1 3  ? 11.995  1.312   20.834  1.00 32.64 ? 2  VAL B N   1 
ATOM   263  C CA  . VAL B 1 3  ? 12.307  1.188   19.410  1.00 32.11 ? 2  VAL B CA  1 
ATOM   264  C C   . VAL B 1 3  ? 11.439  0.135   18.726  1.00 31.10 ? 2  VAL B C   1 
ATOM   265  O O   . VAL B 1 3  ? 11.199  0.217   17.515  1.00 30.78 ? 2  VAL B O   1 
ATOM   266  C CB  . VAL B 1 3  ? 13.813  0.910   19.149  1.00 32.26 ? 2  VAL B CB  1 
ATOM   267  C CG1 . VAL B 1 3  ? 14.643  2.124   19.508  1.00 33.35 ? 2  VAL B CG1 1 
ATOM   268  C CG2 . VAL B 1 3  ? 14.311  -0.318  19.913  1.00 33.65 ? 2  VAL B CG2 1 
ATOM   269  N N   . LYS B 1 4  ? 10.947  -0.829  19.503  1.00 29.77 ? 3  LYS B N   1 
ATOM   270  C CA  . LYS B 1 4  ? 10.110  -1.894  18.964  1.00 28.99 ? 3  LYS B CA  1 
ATOM   271  C C   . LYS B 1 4  ? 8.884   -1.337  18.273  1.00 28.05 ? 3  LYS B C   1 
ATOM   272  O O   . LYS B 1 4  ? 8.429   -1.910  17.299  1.00 26.70 ? 3  LYS B O   1 
ATOM   273  C CB  . LYS B 1 4  ? 9.682   -2.900  20.034  1.00 28.98 ? 3  LYS B CB  1 
ATOM   274  C CG  . LYS B 1 4  ? 9.138   -4.188  19.430  1.00 30.85 ? 3  LYS B CG  1 
ATOM   275  C CD  . LYS B 1 4  ? 7.957   -4.771  20.203  1.00 32.00 ? 3  LYS B CD  1 
ATOM   276  C CE  . LYS B 1 4  ? 7.420   -6.021  19.490  1.00 32.56 ? 3  LYS B CE  1 
ATOM   277  N NZ  . LYS B 1 4  ? 6.416   -6.707  20.327  1.00 37.40 ? 3  LYS B NZ  1 
ATOM   278  N N   . GLN B 1 5  ? 8.356   -0.226  18.785  1.00 27.36 ? 4  GLN B N   1 
ATOM   279  C CA  . GLN B 1 5  ? 7.227   0.449   18.142  1.00 27.36 ? 4  GLN B CA  1 
ATOM   280  C C   . GLN B 1 5  ? 7.522   0.768   16.671  1.00 27.42 ? 4  GLN B C   1 
ATOM   281  O O   . GLN B 1 5  ? 6.708   0.466   15.785  1.00 26.53 ? 4  GLN B O   1 
ATOM   282  C CB  . GLN B 1 5  ? 6.808   1.722   18.909  1.00 27.40 ? 4  GLN B CB  1 
ATOM   283  C CG  . GLN B 1 5  ? 6.126   1.467   20.275  1.00 28.28 ? 4  GLN B CG  1 
ATOM   284  C CD  . GLN B 1 5  ? 4.675   0.990   20.180  1.00 31.62 ? 4  GLN B CD  1 
ATOM   285  O OE1 . GLN B 1 5  ? 4.029   1.083   19.130  1.00 32.43 ? 4  GLN B OE1 1 
ATOM   286  N NE2 . GLN B 1 5  ? 4.153   0.486   21.291  1.00 31.96 ? 4  GLN B NE2 1 
ATOM   287  N N   . LEU B 1 6  ? 8.687   1.362   16.408  1.00 27.17 ? 5  LEU B N   1 
ATOM   288  C CA  . LEU B 1 6  ? 9.112   1.680   15.040  1.00 26.74 ? 5  LEU B CA  1 
ATOM   289  C C   . LEU B 1 6  ? 9.375   0.437   14.213  1.00 26.31 ? 5  LEU B C   1 
ATOM   290  O O   . LEU B 1 6  ? 9.040   0.386   13.027  1.00 25.48 ? 5  LEU B O   1 
ATOM   291  C CB  . LEU B 1 6  ? 10.394  2.512   15.037  1.00 27.68 ? 5  LEU B CB  1 
ATOM   292  C CG  . LEU B 1 6  ? 10.414  3.958   15.515  1.00 27.87 ? 5  LEU B CG  1 
ATOM   293  C CD1 . LEU B 1 6  ? 11.802  4.516   15.239  1.00 28.67 ? 5  LEU B CD1 1 
ATOM   294  C CD2 . LEU B 1 6  ? 9.357   4.795   14.818  1.00 30.63 ? 5  LEU B CD2 1 
ATOM   295  N N   . GLU B 1 7  ? 10.000  -0.566  14.820  1.00 25.57 ? 6  GLU B N   1 
ATOM   296  C CA  . GLU B 1 7  ? 10.328  -1.755  14.070  1.00 25.78 ? 6  GLU B CA  1 
ATOM   297  C C   . GLU B 1 7  ? 9.052   -2.517  13.747  1.00 23.97 ? 6  GLU B C   1 
ATOM   298  O O   . GLU B 1 7  ? 8.959   -3.123  12.689  1.00 23.25 ? 6  GLU B O   1 
ATOM   299  C CB  . GLU B 1 7  ? 11.390  -2.620  14.776  1.00 26.43 ? 6  GLU B CB  1 
ATOM   300  C CG  . GLU B 1 7  ? 10.919  -3.517  15.897  1.00 29.22 ? 6  GLU B CG  1 
ATOM   301  C CD  . GLU B 1 7  ? 12.036  -3.893  16.883  1.00 29.15 ? 6  GLU B CD  1 
ATOM   302  O OE1 . GLU B 1 7  ? 13.076  -3.190  16.963  1.00 33.26 ? 6  GLU B OE1 1 
ATOM   303  O OE2 . GLU B 1 7  ? 11.846  -4.899  17.597  1.00 34.14 ? 6  GLU B OE2 1 
ATOM   304  N N   . ASP B 1 8  ? 8.062   -2.456  14.626  1.00 22.35 ? 7  ASP B N   1 
ATOM   305  C CA  . ASP B 1 8  ? 6.765   -3.086  14.329  1.00 22.00 ? 7  ASP B CA  1 
ATOM   306  C C   . ASP B 1 8  ? 6.061   -2.356  13.189  1.00 21.22 ? 7  ASP B C   1 
ATOM   307  O O   . ASP B 1 8  ? 5.446   -3.005  12.350  1.00 20.03 ? 7  ASP B O   1 
ATOM   308  C CB  . ASP B 1 8  ? 5.845   -3.136  15.552  1.00 22.13 ? 7  ASP B CB  1 
ATOM   309  C CG  . ASP B 1 8  ? 6.191   -4.268  16.523  1.00 24.16 ? 7  ASP B CG  1 
ATOM   310  O OD1 . ASP B 1 8  ? 7.088   -5.101  16.234  1.00 23.89 ? 7  ASP B OD1 1 
ATOM   311  O OD2 . ASP B 1 8  ? 5.527   -4.295  17.571  1.00 25.37 ? 7  ASP B OD2 1 
ATOM   312  N N   . ALA B 1 9  ? 6.131   -1.020  13.171  1.00 20.02 ? 8  ALA B N   1 
ATOM   313  C CA  . ALA B 1 9  ? 5.570   -0.242  12.048  1.00 19.31 ? 8  ALA B CA  1 
ATOM   314  C C   . ALA B 1 9  ? 6.262   -0.601  10.724  1.00 18.48 ? 8  ALA B C   1 
ATOM   315  O O   . ALA B 1 9  ? 5.590   -0.779  9.706   1.00 18.53 ? 8  ALA B O   1 
ATOM   316  C CB  . ALA B 1 9  ? 5.675   1.234   12.314  1.00 20.23 ? 8  ALA B CB  1 
ATOM   317  N N   . VAL B 1 10 ? 7.599   -0.696  10.736  1.00 18.09 ? 9  VAL B N   1 
ATOM   318  C CA  . VAL B 1 10 ? 8.363   -1.117  9.553   1.00 18.91 ? 9  VAL B CA  1 
ATOM   319  C C   . VAL B 1 10 ? 7.908   -2.494  9.079   1.00 18.81 ? 9  VAL B C   1 
ATOM   320  O O   . VAL B 1 10 ? 7.650   -2.673  7.892   1.00 19.69 ? 9  VAL B O   1 
ATOM   321  C CB  . VAL B 1 10 ? 9.896   -1.054  9.810   1.00 18.52 ? 9  VAL B CB  1 
ATOM   322  C CG1 . VAL B 1 10 ? 10.661  -1.729  8.696   1.00 21.19 ? 9  VAL B CG1 1 
ATOM   323  C CG2 . VAL B 1 10 ? 10.326  0.396   9.919   1.00 21.42 ? 9  VAL B CG2 1 
ATOM   324  N N   . GLU B 1 11 ? 7.764   -3.446  10.005  1.00 19.90 ? 10 GLU B N   1 
ATOM   325  C CA  . GLU B 1 11 ? 7.338   -4.798  9.649   1.00 20.68 ? 10 GLU B CA  1 
ATOM   326  C C   . GLU B 1 11 ? 5.964   -4.794  9.019   1.00 19.66 ? 10 GLU B C   1 
ATOM   327  O O   . GLU B 1 11 ? 5.716   -5.526  8.083   1.00 20.47 ? 10 GLU B O   1 
ATOM   328  C CB  . GLU B 1 11 ? 7.306   -5.714  10.880  1.00 21.09 ? 10 GLU B CB  1 
ATOM   329  C CG  . GLU B 1 11 ? 6.956   -7.175  10.549  1.00 24.10 ? 10 GLU B CG  1 
ATOM   330  C CD  . GLU B 1 11 ? 6.937   -8.069  11.776  1.00 24.63 ? 10 GLU B CD  1 
ATOM   331  O OE1 . GLU B 1 11 ? 6.178   -7.757  12.715  1.00 29.41 ? 10 GLU B OE1 1 
ATOM   332  O OE2 . GLU B 1 11 ? 7.655   -9.095  11.787  1.00 29.48 ? 10 GLU B OE2 1 
ATOM   333  N N   . GLU B 1 12 ? 5.060   -3.991  9.566   1.00 18.78 ? 11 GLU B N   1 
ATOM   334  C CA  . GLU B 1 12 ? 3.727   -3.848  8.975   1.00 18.83 ? 11 GLU B CA  1 
ATOM   335  C C   . GLU B 1 12 ? 3.793   -3.272  7.580   1.00 17.62 ? 11 GLU B C   1 
ATOM   336  O O   . GLU B 1 12 ? 3.101   -3.744  6.698   1.00 17.66 ? 11 GLU B O   1 
ATOM   337  C CB  . GLU B 1 12 ? 2.861   -2.970  9.849   1.00 19.17 ? 11 GLU B CB  1 
ATOM   338  C CG  . GLU B 1 12 ? 2.745   -3.563  11.216  1.00 23.09 ? 11 GLU B CG  1 
ATOM   339  C CD  . GLU B 1 12 ? 1.624   -3.016  12.031  1.00 26.52 ? 11 GLU B CD  1 
ATOM   340  O OE1 . GLU B 1 12 ? 1.758   -1.910  12.620  1.00 28.70 ? 11 GLU B OE1 1 
ATOM   341  O OE2 . GLU B 1 12 ? 0.611   -3.733  12.098  1.00 27.57 ? 11 GLU B OE2 1 
ATOM   342  N N   . LEU B 1 13 ? 4.654   -2.274  7.391   1.00 17.17 ? 12 LEU B N   1 
ATOM   343  C CA  . LEU B 1 13 ? 4.860   -1.695  6.051   1.00 15.73 ? 12 LEU B CA  1 
ATOM   344  C C   . LEU B 1 13 ? 5.394   -2.705  5.059   1.00 16.14 ? 12 LEU B C   1 
ATOM   345  O O   . LEU B 1 13 ? 4.985   -2.691  3.916   1.00 15.67 ? 12 LEU B O   1 
ATOM   346  C CB  . LEU B 1 13 ? 5.755   -0.462  6.099   1.00 15.61 ? 12 LEU B CB  1 
ATOM   347  C CG  . LEU B 1 13 ? 5.044   0.728   6.743   1.00 15.71 ? 12 LEU B CG  1 
ATOM   348  C CD1 . LEU B 1 13 ? 6.008   1.948   6.776   1.00 17.10 ? 12 LEU B CD1 1 
ATOM   349  C CD2 . LEU B 1 13 ? 3.708   1.060   6.077   1.00 17.37 ? 12 LEU B CD2 1 
ATOM   350  N N   . LEU B 1 14 ? 6.305   -3.574  5.499   1.00 17.01 ? 13 LEU B N   1 
ATOM   351  C CA  . LEU B 1 14 ? 6.857   -4.560  4.592   1.00 18.23 ? 13 LEU B CA  1 
ATOM   352  C C   . LEU B 1 14 ? 5.778   -5.598  4.239   1.00 17.99 ? 13 LEU B C   1 
ATOM   353  O O   . LEU B 1 14 ? 5.722   -6.065  3.072   1.00 17.94 ? 13 LEU B O   1 
ATOM   354  C CB  . LEU B 1 14 ? 8.120   -5.196  5.168   1.00 19.30 ? 13 LEU B CB  1 
ATOM   355  C CG  . LEU B 1 14 ? 9.349   -4.287  5.329   1.00 20.74 ? 13 LEU B CG  1 
ATOM   356  C CD1 . LEU B 1 14 ? 10.455  -5.061  6.048   1.00 24.74 ? 13 LEU B CD1 1 
ATOM   357  C CD2 . LEU B 1 14 ? 9.829   -3.701  4.002   1.00 24.27 ? 13 LEU B CD2 1 
ATOM   358  N N   . SER B 1 15 ? 4.895   -5.895  5.202   1.00 18.10 ? 14 SER B N   1 
ATOM   359  C CA  . SER B 1 15 ? 3.735   -6.765  4.939   1.00 18.40 ? 14 SER B CA  1 
ATOM   360  C C   . SER B 1 15 ? 2.803   -6.103  3.919   1.00 17.72 ? 14 SER B C   1 
ATOM   361  O O   . SER B 1 15 ? 2.374   -6.729  2.946   1.00 17.67 ? 14 SER B O   1 
ATOM   362  C CB  . SER B 1 15 ? 2.965   -7.096  6.225   1.00 18.63 ? 14 SER B CB  1 
ATOM   363  O OG  . SER B 1 15 ? 3.608   -8.152  6.946   1.00 22.34 ? 14 SER B OG  1 
ATOM   364  N N   . ALA B 1 16 ? 2.510   -4.830  4.130   1.00 16.27 ? 15 ALA B N   1 
ATOM   365  C CA  . ALA B 1 16 ? 1.727   -4.056  3.160   1.00 14.75 ? 15 ALA B CA  1 
ATOM   366  C C   . ALA B 1 16 ? 2.355   -4.136  1.770   1.00 14.61 ? 15 ALA B C   1 
ATOM   367  O O   . ALA B 1 16 ? 1.661   -4.354  0.799   1.00 14.90 ? 15 ALA B O   1 
ATOM   368  C CB  . ALA B 1 16 ? 1.666   -2.594  3.616   1.00 15.15 ? 15 ALA B CB  1 
ATOM   369  N N   . ASN B 1 17 ? 3.664   -3.925  1.663   1.00 14.25 ? 16 ASN B N   1 
ATOM   370  C CA  . ASN B 1 17 ? 4.318   -3.906  0.341   1.00 15.30 ? 16 ASN B CA  1 
ATOM   371  C C   . ASN B 1 17 ? 4.334   -5.297  -0.324  1.00 16.15 ? 16 ASN B C   1 
ATOM   372  O O   . ASN B 1 17 ? 4.269   -5.384  -1.539  1.00 16.68 ? 16 ASN B O   1 
ATOM   373  C CB  . ASN B 1 17 ? 5.731   -3.354  0.448   1.00 16.82 ? 16 ASN B CB  1 
ATOM   374  C CG  . ASN B 1 17 ? 6.182   -2.662  -0.816  1.00 18.99 ? 16 ASN B CG  1 
ATOM   375  O OD1 . ASN B 1 17 ? 5.415   -1.949  -1.446  1.00 19.04 ? 16 ASN B OD1 1 
ATOM   376  N ND2 . ASN B 1 17 ? 7.439   -2.849  -1.178  1.00 22.13 ? 16 ASN B ND2 1 
ATOM   377  N N   . TYR B 1 18 ? 4.377   -6.364  0.484   1.00 15.99 ? 17 TYR B N   1 
ATOM   378  C CA  . TYR B 1 18 ? 4.290   -7.735  -0.032  1.00 17.45 ? 17 TYR B CA  1 
ATOM   379  C C   . TYR B 1 18 ? 2.996   -7.896  -0.802  1.00 16.16 ? 17 TYR B C   1 
ATOM   380  O O   . TYR B 1 18 ? 2.975   -8.322  -1.977  1.00 15.67 ? 17 TYR B O   1 
ATOM   381  C CB  . TYR B 1 18 ? 4.307   -8.710  1.139   1.00 18.82 ? 17 TYR B CB  1 
ATOM   382  C CG  . TYR B 1 18 ? 4.152   -10.176 0.797   1.00 23.02 ? 17 TYR B CG  1 
ATOM   383  C CD1 . TYR B 1 18 ? 5.279   -10.961 0.574   1.00 25.58 ? 17 TYR B CD1 1 
ATOM   384  C CD2 . TYR B 1 18 ? 2.899   -10.777 0.735   1.00 23.77 ? 17 TYR B CD2 1 
ATOM   385  C CE1 . TYR B 1 18 ? 5.174   -12.311 0.281   1.00 26.89 ? 17 TYR B CE1 1 
ATOM   386  C CE2 . TYR B 1 18 ? 2.771   -12.137 0.434   1.00 26.17 ? 17 TYR B CE2 1 
ATOM   387  C CZ  . TYR B 1 18 ? 3.928   -12.890 0.205   1.00 25.58 ? 17 TYR B CZ  1 
ATOM   388  O OH  . TYR B 1 18 ? 3.841   -14.237 -0.095  1.00 29.04 ? 17 TYR B OH  1 
ATOM   389  N N   . HIS B 1 19 ? 1.898   -7.522  -0.158  1.00 16.29 ? 18 HIS B N   1 
ATOM   390  C CA  . HIS B 1 19 ? 0.579   -7.655  -0.793  1.00 15.48 ? 18 HIS B CA  1 
ATOM   391  C C   . HIS B 1 19 ? 0.392   -6.694  -1.969  1.00 16.42 ? 18 HIS B C   1 
ATOM   392  O O   . HIS B 1 19 ? -0.261  -7.008  -2.969  1.00 16.73 ? 18 HIS B O   1 
ATOM   393  C CB  . HIS B 1 19 ? -0.545  -7.488  0.223   1.00 15.45 ? 18 HIS B CB  1 
ATOM   394  C CG  . HIS B 1 19 ? -0.596  -8.584  1.233   1.00 16.20 ? 18 HIS B CG  1 
ATOM   395  N ND1 . HIS B 1 19 ? -1.018  -9.855  0.916   1.00 17.56 ? 18 HIS B ND1 1 
ATOM   396  C CD2 . HIS B 1 19 ? -0.288  -8.601  2.551   1.00 16.94 ? 18 HIS B CD2 1 
ATOM   397  C CE1 . HIS B 1 19 ? -0.953  -10.612 1.998   1.00 17.39 ? 18 HIS B CE1 1 
ATOM   398  N NE2 . HIS B 1 19 ? -0.524  -9.876  3.005   1.00 19.43 ? 18 HIS B NE2 1 
ATOM   399  N N   . LEU B 1 20 ? 1.000   -5.518  -1.856  1.00 14.87 ? 19 LEU B N   1 
ATOM   400  C CA  . LEU B 1 20 ? 0.892   -4.533  -2.902  1.00 15.09 ? 19 LEU B CA  1 
ATOM   401  C C   . LEU B 1 20 ? 1.606   -5.033  -4.161  1.00 14.94 ? 19 LEU B C   1 
ATOM   402  O O   . LEU B 1 20 ? 1.080   -4.944  -5.274  1.00 15.22 ? 19 LEU B O   1 
ATOM   403  C CB  . LEU B 1 20 ? 1.468   -3.203  -2.406  1.00 15.69 ? 19 LEU B CB  1 
ATOM   404  C CG  . LEU B 1 20 ? 1.432   -1.987  -3.307  1.00 18.01 ? 19 LEU B CG  1 
ATOM   405  C CD1 . LEU B 1 20 ? 0.028   -1.710  -3.807  1.00 21.83 ? 19 LEU B CD1 1 
ATOM   406  C CD2 . LEU B 1 20 ? 1.948   -0.801  -2.511  1.00 18.02 ? 19 LEU B CD2 1 
ATOM   407  N N   . GLU B 1 21 ? 2.783   -5.604  -3.985  1.00 15.94 ? 20 GLU B N   1 
ATOM   408  C CA  . GLU B 1 21 ? 3.555   -6.194  -5.087  1.00 17.24 ? 20 GLU B CA  1 
ATOM   409  C C   . GLU B 1 21 ? 2.757   -7.316  -5.738  1.00 16.67 ? 20 GLU B C   1 
ATOM   410  O O   . GLU B 1 21 ? 2.737   -7.444  -6.983  1.00 17.21 ? 20 GLU B O   1 
ATOM   411  C CB  . GLU B 1 21 ? 4.870   -6.786  -4.553  1.00 18.18 ? 20 GLU B CB  1 
ATOM   412  C CG  . GLU B 1 21 ? 5.933   -5.763  -4.095  1.00 19.23 ? 20 GLU B CG  1 
ATOM   413  C CD  . GLU B 1 21 ? 7.172   -6.387  -3.423  1.00 21.02 ? 20 GLU B CD  1 
ATOM   414  O OE1 . GLU B 1 21 ? 7.123   -7.547  -2.973  1.00 22.54 ? 20 GLU B OE1 1 
ATOM   415  O OE2 . GLU B 1 21 ? 8.200   -5.684  -3.330  1.00 26.31 ? 20 GLU B OE2 1 
ATOM   416  N N   . ASN B 1 22 ? 2.122   -8.141  -4.907  1.00 16.35 ? 21 ASN B N   1 
ATOM   417  C CA  . ASN B 1 22 ? 1.256   -9.228  -5.404  1.00 16.18 ? 21 ASN B CA  1 
ATOM   418  C C   . ASN B 1 22 ? 0.114   -8.689  -6.260  1.00 16.33 ? 21 ASN B C   1 
ATOM   419  O O   . ASN B 1 22 ? -0.167  -9.188  -7.348  1.00 17.08 ? 21 ASN B O   1 
ATOM   420  C CB  . ASN B 1 22 ? 0.635   -10.028 -4.258  1.00 15.28 ? 21 ASN B CB  1 
ATOM   421  C CG  . ASN B 1 22 ? 1.614   -10.926 -3.563  1.00 17.27 ? 21 ASN B CG  1 
ATOM   422  O OD1 . ASN B 1 22 ? 2.728   -11.120 -4.033  1.00 17.57 ? 21 ASN B OD1 1 
ATOM   423  N ND2 . ASN B 1 22 ? 1.193   -11.501 -2.445  1.00 18.41 ? 21 ASN B ND2 1 
ATOM   424  N N   . ALA B 1 23 ? -0.546  -7.649  -5.788  1.00 16.30 ? 22 ALA B N   1 
ATOM   425  C CA  . ALA B 1 23 ? -1.675  -7.072  -6.509  1.00 16.42 ? 22 ALA B CA  1 
ATOM   426  C C   . ALA B 1 23 ? -1.242  -6.513  -7.841  1.00 15.75 ? 22 ALA B C   1 
ATOM   427  O O   . ALA B 1 23 ? -1.920  -6.706  -8.846  1.00 16.18 ? 22 ALA B O   1 
ATOM   428  C CB  . ALA B 1 23 ? -2.330  -5.985  -5.659  1.00 16.80 ? 22 ALA B CB  1 
ATOM   429  N N   . VAL B 1 24 ? -0.108  -5.822  -7.863  1.00 15.60 ? 23 VAL B N   1 
ATOM   430  C CA  . VAL B 1 24 ? 0.384   -5.241  -9.109  1.00 15.18 ? 23 VAL B CA  1 
ATOM   431  C C   . VAL B 1 24 ? 0.678   -6.337  -10.152 1.00 15.07 ? 23 VAL B C   1 
ATOM   432  O O   . VAL B 1 24 ? 0.336   -6.214  -11.333 1.00 15.54 ? 23 VAL B O   1 
ATOM   433  C CB  . VAL B 1 24 ? 1.670   -4.370  -8.860  1.00 15.02 ? 23 VAL B CB  1 
ATOM   434  C CG1 . VAL B 1 24 ? 2.393   -4.076  -10.177 1.00 17.30 ? 23 VAL B CG1 1 
ATOM   435  C CG2 . VAL B 1 24 ? 1.336   -3.063  -8.107  1.00 17.62 ? 23 VAL B CG2 1 
ATOM   436  N N   . ALA B 1 25 ? 1.309   -7.410  -9.681  1.00 15.50 ? 24 ALA B N   1 
ATOM   437  C CA  . ALA B 1 25 ? 1.668   -8.513  -10.557 1.00 15.77 ? 24 ALA B CA  1 
ATOM   438  C C   . ALA B 1 25 ? 0.431   -9.186  -11.106 1.00 15.90 ? 24 ALA B C   1 
ATOM   439  O O   . ALA B 1 25 ? 0.383   -9.519  -12.284 1.00 15.82 ? 24 ALA B O   1 
ATOM   440  C CB  . ALA B 1 25 ? 2.541   -9.526  -9.835  1.00 14.87 ? 24 ALA B CB  1 
ATOM   441  N N   . ARG B 1 26 ? -0.561  -9.406  -10.237 1.00 16.51 ? 25 ARG B N   1 
ATOM   442  C CA  . ARG B 1 26 ? -1.860  -9.985  -10.641 1.00 16.93 ? 25 ARG B CA  1 
ATOM   443  C C   . ARG B 1 26 ? -2.507  -9.158  -11.745 1.00 17.00 ? 25 ARG B C   1 
ATOM   444  O O   . ARG B 1 26 ? -2.979  -9.703  -12.758 1.00 17.55 ? 25 ARG B O   1 
ATOM   445  C CB  . ARG B 1 26 ? -2.818  -10.116 -9.440  1.00 16.87 ? 25 ARG B CB  1 
ATOM   446  C CG  . ARG B 1 26 ? -2.450  -11.201 -8.425  1.00 19.81 ? 25 ARG B CG  1 
ATOM   447  C CD  . ARG B 1 26 ? -3.471  -11.195 -7.321  1.00 20.72 ? 25 ARG B CD  1 
ATOM   448  N NE  . ARG B 1 26 ? -3.260  -12.274 -6.365  1.00 22.70 ? 25 ARG B NE  1 
ATOM   449  C CZ  . ARG B 1 26 ? -3.743  -13.503 -6.504  1.00 22.90 ? 25 ARG B CZ  1 
ATOM   450  N NH1 . ARG B 1 26 ? -4.483  -13.820 -7.556  1.00 20.18 ? 25 ARG B NH1 1 
ATOM   451  N NH2 . ARG B 1 26 ? -3.491  -14.411 -5.572  1.00 26.13 ? 25 ARG B NH2 1 
ATOM   452  N N   . LEU B 1 27 ? -2.534  -7.845  -11.547 1.00 17.44 ? 26 LEU B N   1 
ATOM   453  C CA  . LEU B 1 27 ? -3.191  -6.975  -12.499 1.00 17.00 ? 26 LEU B CA  1 
ATOM   454  C C   . LEU B 1 27 ? -2.413  -6.863  -13.796 1.00 17.50 ? 26 LEU B C   1 
ATOM   455  O O   . LEU B 1 27 ? -3.024  -6.854  -14.884 1.00 17.14 ? 26 LEU B O   1 
ATOM   456  C CB  . LEU B 1 27 ? -3.460  -5.582  -11.909 1.00 16.94 ? 26 LEU B CB  1 
ATOM   457  C CG  . LEU B 1 27 ? -4.388  -5.539  -10.701 1.00 17.65 ? 26 LEU B CG  1 
ATOM   458  C CD1 . LEU B 1 27 ? -4.297  -4.199  -10.026 1.00 18.19 ? 26 LEU B CD1 1 
ATOM   459  C CD2 . LEU B 1 27 ? -5.820  -5.868  -11.050 1.00 17.64 ? 26 LEU B CD2 1 
ATOM   460  N N   . LYS B 1 28 ? -1.088  -6.769  -13.704 1.00 17.97 ? 27 LYS B N   1 
ATOM   461  C CA  . LYS B 1 28 ? -0.254  -6.746  -14.920 1.00 19.48 ? 27 LYS B CA  1 
ATOM   462  C C   . LYS B 1 28 ? -0.466  -8.024  -15.751 1.00 20.65 ? 27 LYS B C   1 
ATOM   463  O O   . LYS B 1 28 ? -0.488  -7.978  -16.986 1.00 21.94 ? 27 LYS B O   1 
ATOM   464  C CB  . LYS B 1 28 ? 1.228   -6.530  -14.583 1.00 19.19 ? 27 LYS B CB  1 
ATOM   465  C CG  . LYS B 1 28 ? 1.600   -5.101  -14.175 1.00 20.63 ? 27 LYS B CG  1 
ATOM   466  C CD  . LYS B 1 28 ? 3.073   -5.042  -13.732 1.00 20.39 ? 27 LYS B CD  1 
ATOM   467  C CE  . LYS B 1 28 ? 3.603   -3.605  -13.643 1.00 25.07 ? 27 LYS B CE  1 
ATOM   468  N NZ  . LYS B 1 28 ? 3.431   -2.870  -14.915 1.00 29.61 ? 27 LYS B NZ  1 
ATOM   469  N N   . LYS B 1 29 ? -0.695  -9.152  -15.084 1.00 20.30 ? 28 LYS B N   1 
ATOM   470  C CA  . LYS B 1 29 ? -0.915  -10.406 -15.825 1.00 21.67 ? 28 LYS B CA  1 
ATOM   471  C C   . LYS B 1 29 ? -2.240  -10.375 -16.590 1.00 21.46 ? 28 LYS B C   1 
ATOM   472  O O   . LYS B 1 29 ? -2.357  -10.896 -17.711 1.00 21.92 ? 28 LYS B O   1 
ATOM   473  C CB  . LYS B 1 29 ? -0.866  -11.601 -14.871 1.00 21.82 ? 28 LYS B CB  1 
ATOM   474  C CG  . LYS B 1 29 ? 0.540   -12.067 -14.531 1.00 25.05 ? 28 LYS B CG  1 
ATOM   475  C CD  . LYS B 1 29 ? 1.183   -12.849 -15.691 1.00 27.01 ? 28 LYS B CD  1 
ATOM   476  C CE  . LYS B 1 29 ? 2.689   -12.699 -15.671 1.00 28.99 ? 28 LYS B CE  1 
ATOM   477  N NZ  . LYS B 1 29 ? 3.246   -13.102 -16.980 1.00 29.72 ? 28 LYS B NZ  1 
ATOM   478  N N   . LEU B 1 30 ? -3.227  -9.749  -15.969 1.00 21.69 ? 29 LEU B N   1 
ATOM   479  C CA  . LEU B 1 30 ? -4.548  -9.578  -16.558 1.00 22.70 ? 29 LEU B CA  1 
ATOM   480  C C   . LEU B 1 30 ? -4.564  -8.525  -17.652 1.00 23.82 ? 29 LEU B C   1 
ATOM   481  O O   . LEU B 1 30 ? -5.298  -8.675  -18.633 1.00 24.78 ? 29 LEU B O   1 
ATOM   482  C CB  . LEU B 1 30 ? -5.561  -9.248  -15.467 1.00 22.74 ? 29 LEU B CB  1 
ATOM   483  C CG  . LEU B 1 30 ? -5.715  -10.381 -14.448 1.00 21.77 ? 29 LEU B CG  1 
ATOM   484  C CD1 . LEU B 1 30 ? -6.331  -9.851  -13.175 1.00 24.47 ? 29 LEU B CD1 1 
ATOM   485  C CD2 . LEU B 1 30 ? -6.544  -11.537 -15.032 1.00 24.42 ? 29 LEU B CD2 1 
ATOM   486  N N   . VAL B 1 31 ? -3.768  -7.465  -17.491 1.00 25.26 ? 30 VAL B N   1 
ATOM   487  C CA  . VAL B 1 31 ? -3.624  -6.455  -18.544 1.00 26.49 ? 30 VAL B CA  1 
ATOM   488  C C   . VAL B 1 31 ? -3.134  -7.135  -19.828 1.00 27.71 ? 30 VAL B C   1 
ATOM   489  O O   . VAL B 1 31 ? -3.588  -6.803  -20.927 1.00 28.72 ? 30 VAL B O   1 
ATOM   490  C CB  . VAL B 1 31 ? -2.648  -5.293  -18.131 1.00 26.31 ? 30 VAL B CB  1 
ATOM   491  C CG1 . VAL B 1 31 ? -2.253  -4.415  -19.349 1.00 26.73 ? 30 VAL B CG1 1 
ATOM   492  C CG2 . VAL B 1 31 ? -3.255  -4.428  -17.033 1.00 25.54 ? 30 VAL B CG2 1 
ATOM   493  N N   . GLY B 1 32 ? -2.235  -8.107  -19.676 1.00 28.64 ? 31 GLY B N   1 
ATOM   494  C CA  . GLY B 1 32 ? -1.626  -8.810  -20.811 1.00 29.87 ? 31 GLY B CA  1 
ATOM   495  C C   . GLY B 1 32 ? -2.362  -10.033 -21.336 1.00 30.74 ? 31 GLY B C   1 
ATOM   496  O O   . GLY B 1 32 ? -1.782  -10.828 -22.080 1.00 30.70 ? 31 GLY B O   1 
ATOM   497  N N   . GLU B 1 33 ? -3.638  -10.184 -20.975 1.00 31.57 ? 32 GLU B N   1 
ATOM   498  C CA  . GLU B 1 33 ? -4.442  -11.336 -21.421 1.00 32.25 ? 32 GLU B CA  1 
ATOM   499  C C   . GLU B 1 33 ? -4.761  -11.294 -22.911 1.00 32.76 ? 32 GLU B C   1 
ATOM   500  O O   . GLU B 1 33 ? -4.678  -12.323 -23.586 1.00 33.60 ? 32 GLU B O   1 
ATOM   501  C CB  . GLU B 1 33 ? -5.740  -11.472 -20.615 1.00 32.07 ? 32 GLU B CB  1 
ATOM   502  C CG  . GLU B 1 33 ? -6.620  -12.652 -21.061 1.00 32.70 ? 32 GLU B CG  1 
ATOM   503  C CD  . GLU B 1 33 ? -7.865  -12.863 -20.212 1.00 32.93 ? 32 GLU B CD  1 
ATOM   504  O OE1 . GLU B 1 33 ? -8.169  -12.053 -19.316 1.00 33.24 ? 32 GLU B OE1 1 
ATOM   505  O OE2 . GLU B 1 33 ? -8.557  -13.866 -20.446 1.00 35.38 ? 32 GLU B OE2 1 
ATOM   506  N N   . LYS C 1 2  ? -12.837 -2.566  -18.962 1.00 39.16 ? 1  LYS C N   1 
ATOM   507  C CA  . LYS C 1 2  ? -11.839 -2.737  -20.061 1.00 38.97 ? 1  LYS C CA  1 
ATOM   508  C C   . LYS C 1 2  ? -10.405 -2.691  -19.523 1.00 38.46 ? 1  LYS C C   1 
ATOM   509  O O   . LYS C 1 2  ? -10.185 -2.392  -18.343 1.00 38.99 ? 1  LYS C O   1 
ATOM   510  C CB  . LYS C 1 2  ? -12.054 -1.677  -21.151 1.00 39.20 ? 1  LYS C CB  1 
ATOM   511  C CG  . LYS C 1 2  ? -11.688 -0.249  -20.749 1.00 40.20 ? 1  LYS C CG  1 
ATOM   512  C CD  . LYS C 1 2  ? -12.851 0.507   -20.113 1.00 40.84 ? 1  LYS C CD  1 
ATOM   513  C CE  . LYS C 1 2  ? -12.465 1.948   -19.816 1.00 40.79 ? 1  LYS C CE  1 
ATOM   514  N NZ  . LYS C 1 2  ? -11.866 2.636   -21.001 1.00 41.14 ? 1  LYS C NZ  1 
ATOM   515  N N   . VAL C 1 3  ? -9.438  -2.985  -20.392 1.00 37.77 ? 2  VAL C N   1 
ATOM   516  C CA  . VAL C 1 3  ? -8.019  -3.024  -20.010 1.00 36.82 ? 2  VAL C CA  1 
ATOM   517  C C   . VAL C 1 3  ? -7.514  -1.690  -19.461 1.00 36.18 ? 2  VAL C C   1 
ATOM   518  O O   . VAL C 1 3  ? -6.592  -1.657  -18.642 1.00 35.77 ? 2  VAL C O   1 
ATOM   519  C CB  . VAL C 1 3  ? -7.096  -3.510  -21.168 1.00 37.04 ? 2  VAL C CB  1 
ATOM   520  C CG1 . VAL C 1 3  ? -7.052  -5.021  -21.218 1.00 37.36 ? 2  VAL C CG1 1 
ATOM   521  C CG2 . VAL C 1 3  ? -7.535  -2.937  -22.515 1.00 37.74 ? 2  VAL C CG2 1 
ATOM   522  N N   . LYS C 1 4  ? -8.128  -0.602  -19.917 1.00 34.77 ? 3  LYS C N   1 
ATOM   523  C CA  . LYS C 1 4  ? -7.802  0.749   -19.456 1.00 34.05 ? 3  LYS C CA  1 
ATOM   524  C C   . LYS C 1 4  ? -8.088  0.928   -17.960 1.00 32.64 ? 3  LYS C C   1 
ATOM   525  O O   . LYS C 1 4  ? -7.335  1.595   -17.258 1.00 32.83 ? 3  LYS C O   1 
ATOM   526  C CB  . LYS C 1 4  ? -8.559  1.799   -20.286 1.00 34.07 ? 3  LYS C CB  1 
ATOM   527  C CG  . LYS C 1 4  ? -8.350  3.239   -19.809 1.00 34.70 ? 3  LYS C CG  1 
ATOM   528  C CD  . LYS C 1 4  ? -8.927  4.276   -20.766 1.00 35.56 ? 3  LYS C CD  1 
ATOM   529  C CE  . LYS C 1 4  ? -7.852  4.881   -21.648 1.00 36.41 ? 3  LYS C CE  1 
ATOM   530  N NZ  . LYS C 1 4  ? -8.285  6.200   -22.213 1.00 36.68 ? 3  LYS C NZ  1 
ATOM   531  N N   . GLN C 1 5  ? -9.175  0.332   -17.478 1.00 31.03 ? 4  GLN C N   1 
ATOM   532  C CA  . GLN C 1 5  ? -9.501  0.387   -16.054 1.00 29.60 ? 4  GLN C CA  1 
ATOM   533  C C   . GLN C 1 5  ? -8.472  -0.385  -15.222 1.00 27.59 ? 4  GLN C C   1 
ATOM   534  O O   . GLN C 1 5  ? -8.126  0.033   -14.114 1.00 26.92 ? 4  GLN C O   1 
ATOM   535  C CB  . GLN C 1 5  ? -10.926 -0.109  -15.788 1.00 29.79 ? 4  GLN C CB  1 
ATOM   536  C CG  . GLN C 1 5  ? -12.002 0.768   -16.436 1.00 30.37 ? 4  GLN C CG  1 
ATOM   537  C CD  . GLN C 1 5  ? -13.428 0.323   -16.120 1.00 31.71 ? 4  GLN C CD  1 
ATOM   538  O OE1 . GLN C 1 5  ? -13.912 0.488   -14.993 1.00 34.32 ? 4  GLN C OE1 1 
ATOM   539  N NE2 . GLN C 1 5  ? -14.107 -0.227  -17.114 1.00 34.72 ? 4  GLN C NE2 1 
ATOM   540  N N   . LEU C 1 6  ? -7.969  -1.491  -15.767 1.00 25.50 ? 5  LEU C N   1 
ATOM   541  C CA  . LEU C 1 6  ? -6.938  -2.290  -15.103 1.00 23.89 ? 5  LEU C CA  1 
ATOM   542  C C   . LEU C 1 6  ? -5.616  -1.553  -15.098 1.00 22.68 ? 5  LEU C C   1 
ATOM   543  O O   . LEU C 1 6  ? -4.905  -1.536  -14.087 1.00 21.09 ? 5  LEU C O   1 
ATOM   544  C CB  . LEU C 1 6  ? -6.771  -3.653  -15.785 1.00 23.74 ? 5  LEU C CB  1 
ATOM   545  C CG  . LEU C 1 6  ? -7.989  -4.576  -15.800 1.00 24.37 ? 5  LEU C CG  1 
ATOM   546  C CD1 . LEU C 1 6  ? -7.670  -5.793  -16.652 1.00 25.26 ? 5  LEU C CD1 1 
ATOM   547  C CD2 . LEU C 1 6  ? -8.438  -4.961  -14.374 1.00 25.18 ? 5  LEU C CD2 1 
ATOM   548  N N   . GLU C 1 7  ? -5.297  -0.916  -16.217 1.00 21.16 ? 6  GLU C N   1 
ATOM   549  C CA  . GLU C 1 7  ? -4.064  -0.156  -16.329 1.00 21.21 ? 6  GLU C CA  1 
ATOM   550  C C   . GLU C 1 7  ? -4.115  1.048   -15.390 1.00 20.41 ? 6  GLU C C   1 
ATOM   551  O O   . GLU C 1 7  ? -3.111  1.358   -14.744 1.00 18.93 ? 6  GLU C O   1 
ATOM   552  C CB  . GLU C 1 7  ? -3.843  0.283   -17.777 1.00 21.77 ? 6  GLU C CB  1 
ATOM   553  C CG  . GLU C 1 7  ? -3.555  -0.872  -18.738 1.00 26.79 ? 6  GLU C CG  1 
ATOM   554  C CD  . GLU C 1 7  ? -3.300  -0.388  -20.145 1.00 31.19 ? 6  GLU C CD  1 
ATOM   555  O OE1 . GLU C 1 7  ? -4.083  0.463   -20.627 1.00 35.44 ? 6  GLU C OE1 1 
ATOM   556  O OE2 . GLU C 1 7  ? -2.314  -0.843  -20.773 1.00 34.80 ? 6  GLU C OE2 1 
ATOM   557  N N   . ASP C 1 8  ? -5.270  1.711   -15.286 1.00 21.14 ? 7  ASP C N   1 
ATOM   558  C CA  . ASP C 1 8  ? -5.375  2.851   -14.356 1.00 20.99 ? 7  ASP C CA  1 
ATOM   559  C C   . ASP C 1 8  ? -5.080  2.391   -12.938 1.00 19.69 ? 7  ASP C C   1 
ATOM   560  O O   . ASP C 1 8  ? -4.346  3.058   -12.197 1.00 19.08 ? 7  ASP C O   1 
ATOM   561  C CB  . ASP C 1 8  ? -6.751  3.526   -14.392 1.00 22.44 ? 7  ASP C CB  1 
ATOM   562  C CG  . ASP C 1 8  ? -6.816  4.806   -13.533 1.00 25.84 ? 7  ASP C CG  1 
ATOM   563  O OD1 . ASP C 1 8  ? -5.761  5.422   -13.234 1.00 31.72 ? 7  ASP C OD1 1 
ATOM   564  O OD2 . ASP C 1 8  ? -7.933  5.220   -13.164 1.00 31.10 ? 7  ASP C OD2 1 
ATOM   565  N N   . ALA C 1 9  ? -5.623  1.240   -12.557 1.00 18.38 ? 8  ALA C N   1 
ATOM   566  C CA  . ALA C 1 9  ? -5.378  0.727   -11.210 1.00 17.79 ? 8  ALA C CA  1 
ATOM   567  C C   . ALA C 1 9  ? -3.886  0.437   -11.004 1.00 17.41 ? 8  ALA C C   1 
ATOM   568  O O   . ALA C 1 9  ? -3.329  0.766   -9.960  1.00 16.91 ? 8  ALA C O   1 
ATOM   569  C CB  . ALA C 1 9  ? -6.233  -0.493  -10.928 1.00 17.86 ? 8  ALA C CB  1 
ATOM   570  N N   . VAL C 1 10 ? -3.237  -0.168  -11.985 1.00 16.56 ? 9  VAL C N   1 
ATOM   571  C CA  . VAL C 1 10 ? -1.816  -0.440  -11.895 1.00 16.10 ? 9  VAL C CA  1 
ATOM   572  C C   . VAL C 1 10 ? -1.053  0.874   -11.662 1.00 15.98 ? 9  VAL C C   1 
ATOM   573  O O   . VAL C 1 10 ? -0.175  0.924   -10.789 1.00 16.45 ? 9  VAL C O   1 
ATOM   574  C CB  . VAL C 1 10 ? -1.286  -1.207  -13.153 1.00 16.34 ? 9  VAL C CB  1 
ATOM   575  C CG1 . VAL C 1 10 ? 0.227   -1.228  -13.182 1.00 19.07 ? 9  VAL C CG1 1 
ATOM   576  C CG2 . VAL C 1 10 ? -1.817  -2.645  -13.186 1.00 17.65 ? 9  VAL C CG2 1 
ATOM   577  N N   . GLU C 1 11 ? -1.395  1.923   -12.427 1.00 16.51 ? 10 GLU C N   1 
ATOM   578  C CA  . GLU C 1 11 ? -0.749  3.236   -12.266 1.00 17.51 ? 10 GLU C CA  1 
ATOM   579  C C   . GLU C 1 11 ? -0.921  3.735   -10.838 1.00 16.65 ? 10 GLU C C   1 
ATOM   580  O O   . GLU C 1 11 ? 0.030   4.225   -10.219 1.00 17.07 ? 10 GLU C O   1 
ATOM   581  C CB  . GLU C 1 11 ? -1.310  4.272   -13.247 1.00 17.89 ? 10 GLU C CB  1 
ATOM   582  C CG  . GLU C 1 11 ? -0.680  5.681   -13.091 1.00 23.80 ? 10 GLU C CG  1 
ATOM   583  C CD  . GLU C 1 11 ? -1.140  6.424   -11.813 1.00 30.06 ? 10 GLU C CD  1 
ATOM   584  O OE1 . GLU C 1 11 ? -2.353  6.435   -11.508 1.00 35.00 ? 10 GLU C OE1 1 
ATOM   585  O OE2 . GLU C 1 11 ? -0.279  7.002   -11.098 1.00 33.27 ? 10 GLU C OE2 1 
ATOM   586  N N   . GLU C 1 12 ? -2.118  3.616   -10.304 1.00 15.62 ? 11 GLU C N   1 
ATOM   587  C CA  . GLU C 1 12 ? -2.352  4.048   -8.906  1.00 15.97 ? 11 GLU C CA  1 
ATOM   588  C C   . GLU C 1 12 ? -1.484  3.277   -7.940  1.00 16.21 ? 11 GLU C C   1 
ATOM   589  O O   . GLU C 1 12 ? -0.951  3.823   -6.955  1.00 15.38 ? 11 GLU C O   1 
ATOM   590  C CB  . GLU C 1 12 ? -3.820  3.847   -8.495  1.00 16.71 ? 11 GLU C CB  1 
ATOM   591  C CG  . GLU C 1 12 ? -4.800  4.721   -9.240  1.00 20.17 ? 11 GLU C CG  1 
ATOM   592  C CD  . GLU C 1 12 ? -4.976  6.106   -8.639  1.00 23.63 ? 11 GLU C CD  1 
ATOM   593  O OE1 . GLU C 1 12 ? -4.152  6.554   -7.815  1.00 22.48 ? 11 GLU C OE1 1 
ATOM   594  O OE2 . GLU C 1 12 ? -5.982  6.751   -8.986  1.00 25.96 ? 11 GLU C OE2 1 
ATOM   595  N N   . LEU C 1 13 ? -1.333  1.987   -8.191  1.00 15.33 ? 12 LEU C N   1 
ATOM   596  C CA  . LEU C 1 13 ? -0.604  1.132   -7.252  1.00 15.66 ? 12 LEU C CA  1 
ATOM   597  C C   . LEU C 1 13 ? 0.893   1.415   -7.346  1.00 16.02 ? 12 LEU C C   1 
ATOM   598  O O   . LEU C 1 13 ? 1.620   1.284   -6.345  1.00 15.50 ? 12 LEU C O   1 
ATOM   599  C CB  . LEU C 1 13 ? -0.918  -0.368  -7.486  1.00 16.37 ? 12 LEU C CB  1 
ATOM   600  C CG  . LEU C 1 13 ? -2.373  -0.754  -7.268  1.00 16.25 ? 12 LEU C CG  1 
ATOM   601  C CD1 . LEU C 1 13 ? -2.588  -2.211  -7.618  1.00 19.15 ? 12 LEU C CD1 1 
ATOM   602  C CD2 . LEU C 1 13 ? -2.765  -0.456  -5.855  1.00 18.40 ? 12 LEU C CD2 1 
ATOM   603  N N   . LEU C 1 14 ? 1.360   1.850   -8.516  1.00 14.74 ? 13 LEU C N   1 
ATOM   604  C CA  . LEU C 1 14 ? 2.778   2.206   -8.674  1.00 15.42 ? 13 LEU C CA  1 
ATOM   605  C C   . LEU C 1 14 ? 3.077   3.455   -7.835  1.00 14.64 ? 13 LEU C C   1 
ATOM   606  O O   . LEU C 1 14 ? 4.107   3.517   -7.149  1.00 15.86 ? 13 LEU C O   1 
ATOM   607  C CB  . LEU C 1 14 ? 3.145   2.380   -10.144 1.00 15.86 ? 13 LEU C CB  1 
ATOM   608  C CG  . LEU C 1 14 ? 2.945   1.102   -10.964 1.00 19.75 ? 13 LEU C CG  1 
ATOM   609  C CD1 . LEU C 1 14 ? 3.207   1.412   -12.440 1.00 19.77 ? 13 LEU C CD1 1 
ATOM   610  C CD2 . LEU C 1 14 ? 3.787   -0.097  -10.508 1.00 20.89 ? 13 LEU C CD2 1 
ATOM   611  N N   . SER C 1 15 ? 2.142   4.415   -7.820  1.00 14.71 ? 14 SER C N   1 
ATOM   612  C CA  . SER C 1 15 ? 2.280   5.595   -6.950  1.00 14.56 ? 14 SER C CA  1 
ATOM   613  C C   . SER C 1 15 ? 2.198   5.178   -5.496  1.00 13.72 ? 14 SER C C   1 
ATOM   614  O O   . SER C 1 15 ? 2.989   5.656   -4.673  1.00 13.47 ? 14 SER C O   1 
ATOM   615  C CB  . SER C 1 15 ? 1.225   6.639   -7.302  1.00 14.73 ? 14 SER C CB  1 
ATOM   616  O OG  . SER C 1 15 ? 1.573   7.216   -8.553  1.00 18.94 ? 14 SER C OG  1 
ATOM   617  N N   . ALA C 1 16 ? 1.299   4.267   -5.162  1.00 13.65 ? 15 ALA C N   1 
ATOM   618  C CA  . ALA C 1 16 ? 1.221   3.768   -3.777  1.00 12.28 ? 15 ALA C CA  1 
ATOM   619  C C   . ALA C 1 16 ? 2.548   3.157   -3.313  1.00 12.84 ? 15 ALA C C   1 
ATOM   620  O O   . ALA C 1 16 ? 3.008   3.420   -2.214  1.00 12.90 ? 15 ALA C O   1 
ATOM   621  C CB  . ALA C 1 16 ? 0.091   2.735   -3.659  1.00 13.40 ? 15 ALA C CB  1 
ATOM   622  N N   . ASN C 1 17 ? 3.141   2.328   -4.154  1.00 13.19 ? 16 ASN C N   1 
ATOM   623  C CA  . ASN C 1 17 ? 4.407   1.671   -3.891  1.00 14.16 ? 16 ASN C CA  1 
ATOM   624  C C   . ASN C 1 17 ? 5.548   2.676   -3.710  1.00 14.61 ? 16 ASN C C   1 
ATOM   625  O O   . ASN C 1 17 ? 6.392   2.508   -2.840  1.00 15.16 ? 16 ASN C O   1 
ATOM   626  C CB  . ASN C 1 17 ? 4.700   0.663   -5.015  1.00 15.62 ? 16 ASN C CB  1 
ATOM   627  C CG  . ASN C 1 17 ? 6.077   0.055   -4.907  1.00 16.93 ? 16 ASN C CG  1 
ATOM   628  O OD1 . ASN C 1 17 ? 6.951   0.403   -5.665  1.00 21.25 ? 16 ASN C OD1 1 
ATOM   629  N ND2 . ASN C 1 17 ? 6.283   -0.819  -3.930  1.00 17.37 ? 16 ASN C ND2 1 
ATOM   630  N N   . TYR C 1 18 ? 5.586   3.676   -4.578  1.00 13.54 ? 17 TYR C N   1 
ATOM   631  C CA  . TYR C 1 18 ? 6.597   4.739   -4.497  1.00 14.17 ? 17 TYR C CA  1 
ATOM   632  C C   . TYR C 1 18 ? 6.561   5.414   -3.115  1.00 13.71 ? 17 TYR C C   1 
ATOM   633  O O   . TYR C 1 18 ? 7.606   5.534   -2.422  1.00 15.49 ? 17 TYR C O   1 
ATOM   634  C CB  . TYR C 1 18 ? 6.391   5.771   -5.619  1.00 15.27 ? 17 TYR C CB  1 
ATOM   635  C CG  . TYR C 1 18 ? 7.123   7.070   -5.387  1.00 15.17 ? 17 TYR C CG  1 
ATOM   636  C CD1 . TYR C 1 18 ? 8.521   7.125   -5.498  1.00 17.34 ? 17 TYR C CD1 1 
ATOM   637  C CD2 . TYR C 1 18 ? 6.445   8.216   -5.010  1.00 16.09 ? 17 TYR C CD2 1 
ATOM   638  C CE1 . TYR C 1 18 ? 9.199   8.311   -5.270  1.00 18.87 ? 17 TYR C CE1 1 
ATOM   639  C CE2 . TYR C 1 18 ? 7.126   9.396   -4.790  1.00 15.99 ? 17 TYR C CE2 1 
ATOM   640  C CZ  . TYR C 1 18 ? 8.488   9.430   -4.928  1.00 18.77 ? 17 TYR C CZ  1 
ATOM   641  O OH  . TYR C 1 18 ? 9.147   10.607  -4.661  1.00 20.12 ? 17 TYR C OH  1 
ATOM   642  N N   . HIS C 1 19 ? 5.374   5.831   -2.669  1.00 12.89 ? 18 HIS C N   1 
ATOM   643  C CA  . HIS C 1 19 ? 5.255   6.563   -1.414  1.00 13.26 ? 18 HIS C CA  1 
ATOM   644  C C   . HIS C 1 19 ? 5.508   5.635   -0.242  1.00 13.96 ? 18 HIS C C   1 
ATOM   645  O O   . HIS C 1 19 ? 6.179   5.995   0.709   1.00 14.87 ? 18 HIS C O   1 
ATOM   646  C CB  . HIS C 1 19 ? 3.880   7.220   -1.295  1.00 12.92 ? 18 HIS C CB  1 
ATOM   647  C CG  . HIS C 1 19 ? 3.705   8.382   -2.204  1.00 12.69 ? 18 HIS C CG  1 
ATOM   648  N ND1 . HIS C 1 19 ? 4.369   9.575   -2.011  1.00 13.96 ? 18 HIS C ND1 1 
ATOM   649  C CD2 . HIS C 1 19 ? 2.941   8.545   -3.307  1.00 14.75 ? 18 HIS C CD2 1 
ATOM   650  C CE1 . HIS C 1 19 ? 4.046   10.412  -2.982  1.00 14.48 ? 18 HIS C CE1 1 
ATOM   651  N NE2 . HIS C 1 19 ? 3.152   9.820   -3.760  1.00 17.21 ? 18 HIS C NE2 1 
ATOM   652  N N   . LEU C 1 20 ? 5.008   4.407   -0.313  1.00 14.18 ? 19 LEU C N   1 
ATOM   653  C CA  . LEU C 1 20 ? 5.254   3.457   0.771   1.00 15.66 ? 19 LEU C CA  1 
ATOM   654  C C   . LEU C 1 20 ? 6.740   3.190   0.942   1.00 15.45 ? 19 LEU C C   1 
ATOM   655  O O   . LEU C 1 20 ? 7.242   3.182   2.081   1.00 15.77 ? 19 LEU C O   1 
ATOM   656  C CB  . LEU C 1 20 ? 4.496   2.159   0.507   1.00 14.64 ? 19 LEU C CB  1 
ATOM   657  C CG  . LEU C 1 20 ? 4.579   1.036   1.552   1.00 17.12 ? 19 LEU C CG  1 
ATOM   658  C CD1 . LEU C 1 20 ? 3.374   0.120   1.350   1.00 21.33 ? 19 LEU C CD1 1 
ATOM   659  C CD2 . LEU C 1 20 ? 5.868   0.237   1.534   1.00 21.80 ? 19 LEU C CD2 1 
ATOM   660  N N   . GLU C 1 21 ? 7.441   2.957   -0.169  1.00 15.70 ? 20 GLU C N   1 
ATOM   661  C CA  . GLU C 1 21 ? 8.873   2.666   -0.083  1.00 16.53 ? 20 GLU C CA  1 
ATOM   662  C C   . GLU C 1 21 ? 9.671   3.869   0.429   1.00 17.67 ? 20 GLU C C   1 
ATOM   663  O O   . GLU C 1 21 ? 10.711  3.678   1.056   1.00 18.64 ? 20 GLU C O   1 
ATOM   664  C CB  . GLU C 1 21 ? 9.421   2.093   -1.379  1.00 16.90 ? 20 GLU C CB  1 
ATOM   665  C CG  . GLU C 1 21 ? 8.828   0.714   -1.699  1.00 17.14 ? 20 GLU C CG  1 
ATOM   666  C CD  . GLU C 1 21 ? 9.610   -0.036  -2.783  1.00 20.34 ? 20 GLU C CD  1 
ATOM   667  O OE1 . GLU C 1 21 ? 10.631  0.508   -3.239  1.00 22.46 ? 20 GLU C OE1 1 
ATOM   668  O OE2 . GLU C 1 21 ? 9.205   -1.163  -3.156  1.00 19.89 ? 20 GLU C OE2 1 
ATOM   669  N N   . ASN C 1 22 ? 9.190   5.091   0.168   1.00 17.46 ? 21 ASN C N   1 
ATOM   670  C CA  . ASN C 1 22 ? 9.835   6.297   0.749   1.00 18.42 ? 21 ASN C CA  1 
ATOM   671  C C   . ASN C 1 22 ? 9.782   6.263   2.258   1.00 19.02 ? 21 ASN C C   1 
ATOM   672  O O   . ASN C 1 22 ? 10.806  6.446   2.923   1.00 20.17 ? 21 ASN C O   1 
ATOM   673  C CB  . ASN C 1 22 ? 9.180   7.591   0.275   1.00 18.56 ? 21 ASN C CB  1 
ATOM   674  C CG  . ASN C 1 22 ? 9.637   8.013   -1.106  1.00 18.42 ? 21 ASN C CG  1 
ATOM   675  O OD1 . ASN C 1 22 ? 10.589  7.468   -1.658  1.00 20.27 ? 21 ASN C OD1 1 
ATOM   676  N ND2 . ASN C 1 22 ? 8.912   8.976   -1.691  1.00 20.59 ? 21 ASN C ND2 1 
ATOM   677  N N   . ALA C 1 23 ? 8.599   5.980   2.794   1.00 18.91 ? 22 ALA C N   1 
ATOM   678  C CA  . ALA C 1 23 ? 8.383   5.883   4.230   1.00 19.29 ? 22 ALA C CA  1 
ATOM   679  C C   . ALA C 1 23 ? 9.215   4.771   4.863   1.00 19.51 ? 22 ALA C C   1 
ATOM   680  O O   . ALA C 1 23 ? 9.796   4.986   5.923   1.00 20.41 ? 22 ALA C O   1 
ATOM   681  C CB  . ALA C 1 23 ? 6.891   5.687   4.535   1.00 19.34 ? 22 ALA C CB  1 
ATOM   682  N N   . VAL C 1 24 ? 9.275   3.602   4.233   1.00 19.46 ? 23 VAL C N   1 
ATOM   683  C CA  . VAL C 1 24 ? 10.064  2.491   4.746   1.00 18.96 ? 23 VAL C CA  1 
ATOM   684  C C   . VAL C 1 24 ? 11.541  2.857   4.816   1.00 20.07 ? 23 VAL C C   1 
ATOM   685  O O   . VAL C 1 24 ? 12.180  2.669   5.855   1.00 19.97 ? 23 VAL C O   1 
ATOM   686  C CB  . VAL C 1 24 ? 9.904   1.205   3.898   1.00 18.79 ? 23 VAL C CB  1 
ATOM   687  C CG1 . VAL C 1 24 ? 10.876  0.120   4.402   1.00 18.65 ? 23 VAL C CG1 1 
ATOM   688  C CG2 . VAL C 1 24 ? 8.474   0.688   3.953   1.00 19.62 ? 23 VAL C CG2 1 
ATOM   689  N N   . ALA C 1 25 ? 12.072  3.392   3.722   1.00 21.44 ? 24 ALA C N   1 
ATOM   690  C CA  . ALA C 1 25 ? 13.499  3.726   3.689   1.00 21.83 ? 24 ALA C CA  1 
ATOM   691  C C   . ALA C 1 25 ? 13.830  4.687   4.810   1.00 22.62 ? 24 ALA C C   1 
ATOM   692  O O   . ALA C 1 25 ? 14.849  4.538   5.465   1.00 23.12 ? 24 ALA C O   1 
ATOM   693  C CB  . ALA C 1 25 ? 13.927  4.296   2.310   1.00 22.53 ? 24 ALA C CB  1 
ATOM   694  N N   . ARG C 1 26 ? 12.980  5.675   5.039   1.00 22.72 ? 25 ARG C N   1 
ATOM   695  C CA  . ARG C 1 26 ? 13.256  6.705   6.040   1.00 23.51 ? 25 ARG C CA  1 
ATOM   696  C C   . ARG C 1 26 ? 13.081  6.245   7.493   1.00 23.50 ? 25 ARG C C   1 
ATOM   697  O O   . ARG C 1 26 ? 13.895  6.609   8.364   1.00 23.76 ? 25 ARG C O   1 
ATOM   698  C CB  . ARG C 1 26 ? 12.475  7.978   5.697   1.00 23.71 ? 25 ARG C CB  1 
ATOM   699  C CG  . ARG C 1 26 ? 13.081  8.654   4.464   1.00 23.11 ? 25 ARG C CG  1 
ATOM   700  C CD  . ARG C 1 26 ? 12.404  9.931   4.025   1.00 23.67 ? 25 ARG C CD  1 
ATOM   701  N NE  . ARG C 1 26 ? 13.227  10.536  2.976   1.00 22.93 ? 25 ARG C NE  1 
ATOM   702  C CZ  . ARG C 1 26 ? 12.802  10.795  1.744   1.00 23.56 ? 25 ARG C CZ  1 
ATOM   703  N NH1 . ARG C 1 26 ? 11.524  10.563  1.422   1.00 21.86 ? 25 ARG C NH1 1 
ATOM   704  N NH2 . ARG C 1 26 ? 13.644  11.326  0.842   1.00 24.21 ? 25 ARG C NH2 1 
ATOM   705  N N   . LEU C 1 27 ? 12.057  5.423   7.750   1.00 23.65 ? 26 LEU C N   1 
ATOM   706  C CA  . LEU C 1 27 ? 11.863  4.785   9.049   1.00 23.40 ? 26 LEU C CA  1 
ATOM   707  C C   . LEU C 1 27 ? 13.001  3.829   9.386   1.00 24.09 ? 26 LEU C C   1 
ATOM   708  O O   . LEU C 1 27 ? 13.415  3.754   10.540  1.00 23.30 ? 26 LEU C O   1 
ATOM   709  C CB  . LEU C 1 27 ? 10.513  4.064   9.132   1.00 23.35 ? 26 LEU C CB  1 
ATOM   710  C CG  . LEU C 1 27 ? 9.279   4.967   9.071   1.00 23.26 ? 26 LEU C CG  1 
ATOM   711  C CD1 . LEU C 1 27 ? 8.035   4.124   9.230   1.00 25.70 ? 26 LEU C CD1 1 
ATOM   712  C CD2 . LEU C 1 27 ? 9.296   6.092   10.146  1.00 23.00 ? 26 LEU C CD2 1 
ATOM   713  N N   . LYS C 1 28 ? 13.526  3.126   8.386   1.00 24.62 ? 27 LYS C N   1 
ATOM   714  C CA  . LYS C 1 28 ? 14.699  2.269   8.609   1.00 26.65 ? 27 LYS C CA  1 
ATOM   715  C C   . LYS C 1 28 ? 15.905  3.090   9.069   1.00 27.73 ? 27 LYS C C   1 
ATOM   716  O O   . LYS C 1 28 ? 16.640  2.682   9.976   1.00 27.73 ? 27 LYS C O   1 
ATOM   717  C CB  . LYS C 1 28 ? 15.036  1.472   7.356   1.00 26.77 ? 27 LYS C CB  1 
ATOM   718  C CG  . LYS C 1 28 ? 14.146  0.257   7.160   1.00 28.74 ? 27 LYS C CG  1 
ATOM   719  C CD  . LYS C 1 28 ? 14.413  -0.410  5.826   1.00 32.90 ? 27 LYS C CD  1 
ATOM   720  C CE  . LYS C 1 28 ? 14.238  -1.909  5.922   1.00 36.88 ? 27 LYS C CE  1 
ATOM   721  N NZ  . LYS C 1 28 ? 12.907  -2.303  6.454   1.00 38.79 ? 27 LYS C NZ  1 
ATOM   722  N N   . LYS C 1 29 ? 16.098  4.259   8.461   1.00 29.07 ? 28 LYS C N   1 
ATOM   723  C CA  . LYS C 1 29 ? 17.189  5.145   8.877   1.00 30.63 ? 28 LYS C CA  1 
ATOM   724  C C   . LYS C 1 29 ? 16.975  5.649   10.300  1.00 31.27 ? 28 LYS C C   1 
ATOM   725  O O   . LYS C 1 29 ? 17.939  5.791   11.060  1.00 31.32 ? 28 LYS C O   1 
ATOM   726  C CB  . LYS C 1 29 ? 17.371  6.300   7.880   1.00 31.23 ? 28 LYS C CB  1 
ATOM   727  C CG  . LYS C 1 29 ? 18.493  6.076   6.842   1.00 32.96 ? 28 LYS C CG  1 
ATOM   728  C CD  . LYS C 1 29 ? 18.452  4.684   6.156   1.00 33.72 ? 28 LYS C CD  1 
ATOM   729  C CE  . LYS C 1 29 ? 17.409  4.621   5.036   1.00 34.74 ? 28 LYS C CE  1 
ATOM   730  N NZ  . LYS C 1 29 ? 17.081  3.233   4.581   1.00 31.85 ? 28 LYS C NZ  1 
ATOM   731  N N   . LEU C 1 30 ? 15.715  5.885   10.673  1.00 32.08 ? 29 LEU C N   1 
ATOM   732  C CA  . LEU C 1 30 ? 15.371  6.325   12.033  1.00 32.65 ? 29 LEU C CA  1 
ATOM   733  C C   . LEU C 1 30 ? 15.700  5.265   13.085  1.00 32.85 ? 29 LEU C C   1 
ATOM   734  O O   . LEU C 1 30 ? 16.308  5.572   14.121  1.00 33.35 ? 29 LEU C O   1 
ATOM   735  C CB  . LEU C 1 30 ? 13.897  6.702   12.142  1.00 32.87 ? 29 LEU C CB  1 
ATOM   736  C CG  . LEU C 1 30 ? 13.442  8.152   11.995  1.00 33.45 ? 29 LEU C CG  1 
ATOM   737  C CD1 . LEU C 1 30 ? 11.957  8.202   12.296  1.00 33.07 ? 29 LEU C CD1 1 
ATOM   738  C CD2 . LEU C 1 30 ? 14.241  9.117   12.900  1.00 34.32 ? 29 LEU C CD2 1 
ATOM   739  N N   . VAL C 1 31 ? 15.291  4.024   12.809  1.00 32.90 ? 30 VAL C N   1 
ATOM   740  C CA  . VAL C 1 31 ? 15.617  2.858   13.647  1.00 32.61 ? 30 VAL C CA  1 
ATOM   741  C C   . VAL C 1 31 ? 17.121  2.822   13.952  1.00 33.02 ? 30 VAL C C   1 
ATOM   742  O O   . VAL C 1 31 ? 17.537  2.319   15.000  1.00 32.86 ? 30 VAL C O   1 
ATOM   743  C CB  . VAL C 1 31 ? 15.143  1.528   12.992  1.00 32.55 ? 30 VAL C CB  1 
ATOM   744  C CG1 . VAL C 1 31 ? 15.736  0.302   13.691  1.00 32.07 ? 30 VAL C CG1 1 
ATOM   745  C CG2 . VAL C 1 31 ? 13.628  1.437   13.017  1.00 31.92 ? 30 VAL C CG2 1 
ATOM   746  N N   . GLY C 1 32 ? 17.920  3.364   13.032  1.00 33.15 ? 31 GLY C N   1 
ATOM   747  C CA  . GLY C 1 32 ? 19.351  3.548   13.251  1.00 33.99 ? 31 GLY C CA  1 
ATOM   748  C C   . GLY C 1 32 ? 19.657  4.932   13.789  1.00 34.07 ? 31 GLY C C   1 
ATOM   749  O O   . GLY C 1 32 ? 20.578  5.111   14.595  1.00 35.43 ? 31 GLY C O   1 
ATOM   750  N N   . VAL D 1 3  ? 10.616  13.925  15.729  1.00 31.62 ? 2  VAL D N   1 
ATOM   751  C CA  . VAL D 1 3  ? 9.154   14.166  15.527  1.00 31.28 ? 2  VAL D CA  1 
ATOM   752  C C   . VAL D 1 3  ? 8.874   14.483  14.064  1.00 30.72 ? 2  VAL D C   1 
ATOM   753  O O   . VAL D 1 3  ? 7.926   13.950  13.478  1.00 29.88 ? 2  VAL D O   1 
ATOM   754  C CB  . VAL D 1 3  ? 8.625   15.330  16.418  1.00 31.93 ? 2  VAL D CB  1 
ATOM   755  C CG1 . VAL D 1 3  ? 7.105   15.307  16.478  1.00 32.01 ? 2  VAL D CG1 1 
ATOM   756  C CG2 . VAL D 1 3  ? 9.191   15.263  17.837  1.00 33.37 ? 2  VAL D CG2 1 
ATOM   757  N N   . LYS D 1 4  ? 9.710   15.342  13.483  1.00 29.82 ? 3  LYS D N   1 
ATOM   758  C CA  . LYS D 1 4  ? 9.567   15.811  12.096  1.00 29.53 ? 3  LYS D CA  1 
ATOM   759  C C   . LYS D 1 4  ? 9.695   14.664  11.095  1.00 28.16 ? 3  LYS D C   1 
ATOM   760  O O   . LYS D 1 4  ? 8.986   14.633  10.085  1.00 27.23 ? 3  LYS D O   1 
ATOM   761  C CB  . LYS D 1 4  ? 10.617  16.894  11.789  1.00 29.84 ? 3  LYS D CB  1 
ATOM   762  C CG  . LYS D 1 4  ? 10.828  17.909  12.911  1.00 31.03 ? 3  LYS D CG  1 
ATOM   763  C CD  . LYS D 1 4  ? 11.975  18.894  12.631  1.00 31.07 ? 3  LYS D CD  1 
ATOM   764  C CE  . LYS D 1 4  ? 13.330  18.192  12.494  1.00 32.16 ? 3  LYS D CE  1 
ATOM   765  N NZ  . LYS D 1 4  ? 13.704  17.385  13.692  1.00 33.70 ? 3  LYS D NZ  1 
ATOM   766  N N   . GLN D 1 5  ? 10.610  13.740  11.376  1.00 26.71 ? 4  GLN D N   1 
ATOM   767  C CA  . GLN D 1 5  ? 10.786  12.508  10.604  1.00 25.77 ? 4  GLN D CA  1 
ATOM   768  C C   . GLN D 1 5  ? 9.541   11.612  10.633  1.00 24.35 ? 4  GLN D C   1 
ATOM   769  O O   . GLN D 1 5  ? 9.140   11.061  9.594   1.00 24.42 ? 4  GLN D O   1 
ATOM   770  C CB  . GLN D 1 5  ? 11.982  11.710  11.144  1.00 26.21 ? 4  GLN D CB  1 
ATOM   771  C CG  . GLN D 1 5  ? 13.326  12.255  10.758  1.00 30.08 ? 4  GLN D CG  1 
ATOM   772  C CD  . GLN D 1 5  ? 13.932  13.137  11.827  1.00 33.36 ? 4  GLN D CD  1 
ATOM   773  O OE1 . GLN D 1 5  ? 13.356  13.335  12.906  1.00 36.23 ? 4  GLN D OE1 1 
ATOM   774  N NE2 . GLN D 1 5  ? 15.106  13.679  11.536  1.00 33.71 ? 4  GLN D NE2 1 
ATOM   775  N N   . LEU D 1 6  ? 8.930   11.453  11.810  1.00 23.09 ? 5  LEU D N   1 
ATOM   776  C CA  . LEU D 1 6  ? 7.725   10.620  11.917  1.00 21.95 ? 5  LEU D CA  1 
ATOM   777  C C   . LEU D 1 6  ? 6.548   11.278  11.213  1.00 20.76 ? 5  LEU D C   1 
ATOM   778  O O   . LEU D 1 6  ? 5.744   10.602  10.562  1.00 19.76 ? 5  LEU D O   1 
ATOM   779  C CB  . LEU D 1 6  ? 7.365   10.312  13.373  1.00 22.02 ? 5  LEU D CB  1 
ATOM   780  C CG  . LEU D 1 6  ? 8.289   9.426   14.202  1.00 23.43 ? 5  LEU D CG  1 
ATOM   781  C CD1 . LEU D 1 6  ? 7.817   9.499   15.637  1.00 23.53 ? 5  LEU D CD1 1 
ATOM   782  C CD2 . LEU D 1 6  ? 8.268   7.997   13.695  1.00 23.41 ? 5  LEU D CD2 1 
ATOM   783  N N   . GLU D 1 7  ? 6.437   12.594  11.350  1.00 19.34 ? 6  GLU D N   1 
ATOM   784  C CA  . GLU D 1 7  ? 5.421   13.368  10.631  1.00 20.14 ? 6  GLU D CA  1 
ATOM   785  C C   . GLU D 1 7  ? 5.576   13.226  9.117   1.00 18.74 ? 6  GLU D C   1 
ATOM   786  O O   . GLU D 1 7  ? 4.603   12.996  8.388   1.00 17.00 ? 6  GLU D O   1 
ATOM   787  C CB  . GLU D 1 7  ? 5.505   14.843  11.045  1.00 20.55 ? 6  GLU D CB  1 
ATOM   788  C CG  . GLU D 1 7  ? 4.736   15.151  12.337  1.00 25.20 ? 6  GLU D CG  1 
ATOM   789  C CD  . GLU D 1 7  ? 5.430   16.194  13.199  1.00 29.50 ? 6  GLU D CD  1 
ATOM   790  O OE1 . GLU D 1 7  ? 5.910   17.210  12.657  1.00 33.62 ? 6  GLU D OE1 1 
ATOM   791  O OE2 . GLU D 1 7  ? 5.516   15.993  14.431  1.00 33.30 ? 6  GLU D OE2 1 
ATOM   792  N N   . ASP D 1 8  ? 6.810   13.341  8.636   1.00 18.31 ? 7  ASP D N   1 
ATOM   793  C CA  . ASP D 1 8  ? 7.106   13.103  7.228   1.00 17.78 ? 7  ASP D CA  1 
ATOM   794  C C   . ASP D 1 8  ? 6.652   11.699  6.756   1.00 17.33 ? 7  ASP D C   1 
ATOM   795  O O   . ASP D 1 8  ? 5.971   11.553  5.748   1.00 17.47 ? 7  ASP D O   1 
ATOM   796  C CB  . ASP D 1 8  ? 8.594   13.341  7.006   1.00 18.88 ? 7  ASP D CB  1 
ATOM   797  C CG  . ASP D 1 8  ? 9.000   13.114  5.596   1.00 19.45 ? 7  ASP D CG  1 
ATOM   798  O OD1 . ASP D 1 8  ? 8.581   13.906  4.715   1.00 26.67 ? 7  ASP D OD1 1 
ATOM   799  O OD2 . ASP D 1 8  ? 9.760   12.182  5.379   1.00 21.05 ? 7  ASP D OD2 1 
ATOM   800  N N   . ALA D 1 9  ? 6.989   10.664  7.523   1.00 16.54 ? 8  ALA D N   1 
ATOM   801  C CA  . ALA D 1 9  ? 6.547   9.296   7.257   1.00 16.30 ? 8  ALA D CA  1 
ATOM   802  C C   . ALA D 1 9  ? 5.024   9.153   7.202   1.00 15.61 ? 8  ALA D C   1 
ATOM   803  O O   . ALA D 1 9  ? 4.468   8.464   6.353   1.00 16.42 ? 8  ALA D O   1 
ATOM   804  C CB  . ALA D 1 9  ? 7.126   8.369   8.319   1.00 16.53 ? 8  ALA D CB  1 
ATOM   805  N N   . VAL D 1 10 ? 4.329   9.766   8.148   1.00 16.11 ? 9  VAL D N   1 
ATOM   806  C CA  . VAL D 1 10 ? 2.868   9.715   8.157   1.00 16.10 ? 9  VAL D CA  1 
ATOM   807  C C   . VAL D 1 10 ? 2.302   10.327  6.870   1.00 15.10 ? 9  VAL D C   1 
ATOM   808  O O   . VAL D 1 10 ? 1.406   9.737   6.255   1.00 14.86 ? 9  VAL D O   1 
ATOM   809  C CB  . VAL D 1 10 ? 2.280   10.416  9.418   1.00 15.66 ? 9  VAL D CB  1 
ATOM   810  C CG1 . VAL D 1 10 ? 0.776   10.681  9.276   1.00 15.80 ? 9  VAL D CG1 1 
ATOM   811  C CG2 . VAL D 1 10 ? 2.557   9.582   10.682  1.00 17.90 ? 9  VAL D CG2 1 
ATOM   812  N N   . GLU D 1 11 ? 2.831   11.481  6.476   1.00 15.22 ? 10 GLU D N   1 
ATOM   813  C CA  . GLU D 1 11 ? 2.402   12.175  5.263   1.00 15.52 ? 10 GLU D CA  1 
ATOM   814  C C   . GLU D 1 11 ? 2.644   11.268  4.058   1.00 14.46 ? 10 GLU D C   1 
ATOM   815  O O   . GLU D 1 11 ? 1.745   11.108  3.228   1.00 15.45 ? 10 GLU D O   1 
ATOM   816  C CB  . GLU D 1 11 ? 3.098   13.542  5.138   1.00 15.04 ? 10 GLU D CB  1 
ATOM   817  C CG  . GLU D 1 11 ? 2.719   14.571  6.210   1.00 17.50 ? 10 GLU D CG  1 
ATOM   818  C CD  . GLU D 1 11 ? 3.683   15.764  6.287   1.00 18.43 ? 10 GLU D CD  1 
ATOM   819  O OE1 . GLU D 1 11 ? 4.842   15.625  5.847   1.00 23.20 ? 10 GLU D OE1 1 
ATOM   820  O OE2 . GLU D 1 11 ? 3.252   16.836  6.767   1.00 23.06 ? 10 GLU D OE2 1 
ATOM   821  N N   . GLU D 1 12 ? 3.806   10.604  3.993   1.00 15.40 ? 11 GLU D N   1 
ATOM   822  C CA  . GLU D 1 12 ? 4.079   9.690   2.871   1.00 17.39 ? 11 GLU D CA  1 
ATOM   823  C C   . GLU D 1 12 ? 3.099   8.550   2.845   1.00 16.88 ? 11 GLU D C   1 
ATOM   824  O O   . GLU D 1 12 ? 2.650   8.117   1.776   1.00 17.81 ? 11 GLU D O   1 
ATOM   825  C CB  . GLU D 1 12 ? 5.471   9.103   2.953   1.00 18.99 ? 11 GLU D CB  1 
ATOM   826  C CG  . GLU D 1 12 ? 6.564   10.047  2.571   1.00 20.96 ? 11 GLU D CG  1 
ATOM   827  C CD  . GLU D 1 12 ? 6.638   10.521  1.079   1.00 21.10 ? 11 GLU D CD  1 
ATOM   828  O OE1 . GLU D 1 12 ? 6.415   9.790   0.069   1.00 20.83 ? 11 GLU D OE1 1 
ATOM   829  O OE2 . GLU D 1 12 ? 6.986   11.691  0.914   1.00 26.40 ? 11 GLU D OE2 1 
ATOM   830  N N   . LEU D 1 13 ? 2.786   8.014   4.017   1.00 16.74 ? 12 LEU D N   1 
ATOM   831  C CA  . LEU D 1 13 ? 1.854   6.917   4.084   1.00 15.78 ? 12 LEU D CA  1 
ATOM   832  C C   . LEU D 1 13 ? 0.409   7.306   3.756   1.00 15.94 ? 12 LEU D C   1 
ATOM   833  O O   . LEU D 1 13 ? -0.349  6.494   3.198   1.00 16.68 ? 12 LEU D O   1 
ATOM   834  C CB  . LEU D 1 13 ? 1.940   6.187   5.430   1.00 16.27 ? 12 LEU D CB  1 
ATOM   835  C CG  . LEU D 1 13 ? 3.322   5.575   5.646   1.00 17.27 ? 12 LEU D CG  1 
ATOM   836  C CD1 . LEU D 1 13 ? 3.393   5.008   7.034   1.00 21.06 ? 12 LEU D CD1 1 
ATOM   837  C CD2 . LEU D 1 13 ? 3.655   4.468   4.625   1.00 14.88 ? 12 LEU D CD2 1 
ATOM   838  N N   . LEU D 1 14 ? 0.008   8.541   4.070   1.00 17.01 ? 13 LEU D N   1 
ATOM   839  C CA  . LEU D 1 14 ? -1.342  9.017   3.647   1.00 16.93 ? 13 LEU D CA  1 
ATOM   840  C C   . LEU D 1 14 ? -1.441  9.061   2.108   1.00 15.68 ? 13 LEU D C   1 
ATOM   841  O O   . LEU D 1 14 ? -2.466  8.667   1.520   1.00 15.90 ? 13 LEU D O   1 
ATOM   842  C CB  . LEU D 1 14 ? -1.671  10.399  4.228   1.00 17.36 ? 13 LEU D CB  1 
ATOM   843  C CG  . LEU D 1 14 ? -1.767  10.409  5.766   1.00 17.82 ? 13 LEU D CG  1 
ATOM   844  C CD1 . LEU D 1 14 ? -2.109  11.815  6.225   1.00 18.42 ? 13 LEU D CD1 1 
ATOM   845  C CD2 . LEU D 1 14 ? -2.787  9.383   6.272   1.00 21.47 ? 13 LEU D CD2 1 
ATOM   846  N N   . SER D 1 15 ? -0.369  9.516   1.472   1.00 16.19 ? 14 SER D N   1 
ATOM   847  C CA  . SER D 1 15 ? -0.246  9.491   0.017   1.00 15.90 ? 14 SER D CA  1 
ATOM   848  C C   . SER D 1 15 ? -0.368  8.064   -0.498  1.00 14.83 ? 14 SER D C   1 
ATOM   849  O O   . SER D 1 15 ? -1.121  7.798   -1.421  1.00 13.87 ? 14 SER D O   1 
ATOM   850  C CB  . SER D 1 15 ? 1.063   10.131  -0.423  1.00 17.00 ? 14 SER D CB  1 
ATOM   851  O OG  . SER D 1 15 ? 1.008   11.553  -0.352  1.00 17.45 ? 14 SER D OG  1 
ATOM   852  N N   . ALA D 1 16 ? 0.323   7.122   0.138   1.00 14.86 ? 15 ALA D N   1 
ATOM   853  C CA  . ALA D 1 16 ? 0.250   5.724   -0.276  1.00 15.21 ? 15 ALA D CA  1 
ATOM   854  C C   . ALA D 1 16 ? -1.159  5.190   -0.111  1.00 15.29 ? 15 ALA D C   1 
ATOM   855  O O   . ALA D 1 16 ? -1.680  4.529   -0.980  1.00 15.71 ? 15 ALA D O   1 
ATOM   856  C CB  . ALA D 1 16 ? 1.221   4.905   0.567   1.00 15.91 ? 15 ALA D CB  1 
ATOM   857  N N   . ASN D 1 17 ? -1.767  5.484   1.040   1.00 15.46 ? 16 ASN D N   1 
ATOM   858  C CA  . ASN D 1 17 ? -3.104  4.964   1.397   1.00 16.48 ? 16 ASN D CA  1 
ATOM   859  C C   . ASN D 1 17 ? -4.145  5.527   0.416   1.00 15.66 ? 16 ASN D C   1 
ATOM   860  O O   . ASN D 1 17 ? -5.088  4.816   -0.014  1.00 16.31 ? 16 ASN D O   1 
ATOM   861  C CB  . ASN D 1 17 ? -3.401  5.386   2.858   1.00 17.44 ? 16 ASN D CB  1 
ATOM   862  C CG  . ASN D 1 17 ? -4.700  4.803   3.457   1.00 21.13 ? 16 ASN D CG  1 
ATOM   863  O OD1 . ASN D 1 17 ? -5.192  5.350   4.447   1.00 26.20 ? 16 ASN D OD1 1 
ATOM   864  N ND2 . ASN D 1 17 ? -5.213  3.707   2.925   1.00 22.64 ? 16 ASN D ND2 1 
ATOM   865  N N   . TYR D 1 18 ? -3.967  6.784   0.020   1.00 16.49 ? 17 TYR D N   1 
ATOM   866  C CA  . TYR D 1 18 ? -4.880  7.379   -0.955  1.00 16.89 ? 17 TYR D CA  1 
ATOM   867  C C   . TYR D 1 18 ? -4.879  6.607   -2.278  1.00 15.19 ? 17 TYR D C   1 
ATOM   868  O O   . TYR D 1 18 ? -5.933  6.254   -2.817  1.00 16.10 ? 17 TYR D O   1 
ATOM   869  C CB  . TYR D 1 18 ? -4.561  8.866   -1.185  1.00 16.26 ? 17 TYR D CB  1 
ATOM   870  C CG  . TYR D 1 18 ? -5.069  9.376   -2.510  1.00 17.48 ? 17 TYR D CG  1 
ATOM   871  C CD1 . TYR D 1 18 ? -6.431  9.547   -2.713  1.00 19.02 ? 17 TYR D CD1 1 
ATOM   872  C CD2 . TYR D 1 18 ? -4.192  9.658   -3.568  1.00 17.46 ? 17 TYR D CD2 1 
ATOM   873  C CE1 . TYR D 1 18 ? -6.910  9.965   -3.937  1.00 16.61 ? 17 TYR D CE1 1 
ATOM   874  C CE2 . TYR D 1 18 ? -4.663  10.091  -4.785  1.00 19.70 ? 17 TYR D CE2 1 
ATOM   875  C CZ  . TYR D 1 18 ? -6.033  10.266  -4.951  1.00 19.59 ? 17 TYR D CZ  1 
ATOM   876  O OH  . TYR D 1 18 ? -6.488  10.683  -6.194  1.00 19.66 ? 17 TYR D OH  1 
ATOM   877  N N   . HIS D 1 19 ? -3.685  6.333   -2.798  1.00 15.32 ? 18 HIS D N   1 
ATOM   878  C CA  . HIS D 1 19 ? -3.585  5.692   -4.125  1.00 15.61 ? 18 HIS D CA  1 
ATOM   879  C C   . HIS D 1 19 ? -4.076  4.287   -4.012  1.00 16.38 ? 18 HIS D C   1 
ATOM   880  O O   . HIS D 1 19 ? -4.817  3.782   -4.867  1.00 16.31 ? 18 HIS D O   1 
ATOM   881  C CB  . HIS D 1 19 ? -2.131  5.736   -4.581  1.00 15.68 ? 18 HIS D CB  1 
ATOM   882  C CG  . HIS D 1 19 ? -1.671  7.097   -5.023  1.00 14.74 ? 18 HIS D CG  1 
ATOM   883  N ND1 . HIS D 1 19 ? -2.131  7.701   -6.178  1.00 16.38 ? 18 HIS D ND1 1 
ATOM   884  C CD2 . HIS D 1 19 ? -0.772  7.956   -4.484  1.00 17.83 ? 18 HIS D CD2 1 
ATOM   885  C CE1 . HIS D 1 19 ? -1.529  8.871   -6.328  1.00 17.31 ? 18 HIS D CE1 1 
ATOM   886  N NE2 . HIS D 1 19 ? -0.709  9.054   -5.307  1.00 16.51 ? 18 HIS D NE2 1 
ATOM   887  N N   . LEU D 1 20 ? -3.694  3.611   -2.935  1.00 17.31 ? 19 LEU D N   1 
ATOM   888  C CA  . LEU D 1 20 ? -4.191  2.262   -2.702  1.00 18.76 ? 19 LEU D CA  1 
ATOM   889  C C   . LEU D 1 20 ? -5.744  2.195   -2.715  1.00 18.60 ? 19 LEU D C   1 
ATOM   890  O O   . LEU D 1 20 ? -6.346  1.355   -3.376  1.00 18.56 ? 19 LEU D O   1 
ATOM   891  C CB  . LEU D 1 20 ? -3.611  1.731   -1.390  1.00 18.67 ? 19 LEU D CB  1 
ATOM   892  C CG  . LEU D 1 20 ? -3.608  0.213   -1.194  1.00 22.27 ? 19 LEU D CG  1 
ATOM   893  C CD1 . LEU D 1 20 ? -2.714  -0.146  -0.007  1.00 22.92 ? 19 LEU D CD1 1 
ATOM   894  C CD2 . LEU D 1 20 ? -4.988  -0.387  -1.011  1.00 24.01 ? 19 LEU D CD2 1 
ATOM   895  N N   . GLU D 1 21 ? -6.398  3.113   -2.011  1.00 19.26 ? 20 GLU D N   1 
ATOM   896  C CA  . GLU D 1 21 ? -7.852  3.076   -1.900  1.00 19.28 ? 20 GLU D CA  1 
ATOM   897  C C   . GLU D 1 21 ? -8.584  3.485   -3.171  1.00 18.49 ? 20 GLU D C   1 
ATOM   898  O O   . GLU D 1 21 ? -9.703  3.020   -3.422  1.00 20.19 ? 20 GLU D O   1 
ATOM   899  C CB  . GLU D 1 21 ? -8.290  3.932   -0.724  1.00 19.04 ? 20 GLU D CB  1 
ATOM   900  C CG  . GLU D 1 21 ? -7.867  3.328   0.599   1.00 20.48 ? 20 GLU D CG  1 
ATOM   901  C CD  . GLU D 1 21 ? -8.499  3.978   1.814   1.00 23.60 ? 20 GLU D CD  1 
ATOM   902  O OE1 . GLU D 1 21 ? -9.277  4.949   1.676   1.00 25.63 ? 20 GLU D OE1 1 
ATOM   903  O OE2 . GLU D 1 21 ? -8.222  3.490   2.925   1.00 23.79 ? 20 GLU D OE2 1 
ATOM   904  N N   . ASN D 1 22 ? -7.943  4.332   -3.980  1.00 18.88 ? 21 ASN D N   1 
ATOM   905  C CA  . ASN D 1 22 ? -8.426  4.676   -5.322  1.00 18.12 ? 21 ASN D CA  1 
ATOM   906  C C   . ASN D 1 22 ? -8.523  3.411   -6.151  1.00 18.25 ? 21 ASN D C   1 
ATOM   907  O O   . ASN D 1 22 ? -9.520  3.183   -6.825  1.00 18.85 ? 21 ASN D O   1 
ATOM   908  C CB  . ASN D 1 22 ? -7.455  5.631   -6.020  1.00 19.35 ? 21 ASN D CB  1 
ATOM   909  C CG  . ASN D 1 22 ? -7.854  7.073   -5.893  1.00 20.32 ? 21 ASN D CG  1 
ATOM   910  O OD1 . ASN D 1 22 ? -8.691  7.432   -5.063  1.00 21.83 ? 21 ASN D OD1 1 
ATOM   911  N ND2 . ASN D 1 22 ? -7.228  7.921   -6.704  1.00 22.76 ? 21 ASN D ND2 1 
ATOM   912  N N   . ALA D 1 23 ? -7.493  2.577   -6.079  1.00 17.52 ? 22 ALA D N   1 
ATOM   913  C CA  . ALA D 1 23 ? -7.440  1.340   -6.859  1.00 18.49 ? 22 ALA D CA  1 
ATOM   914  C C   . ALA D 1 23 ? -8.508  0.365   -6.400  1.00 19.28 ? 22 ALA D C   1 
ATOM   915  O O   . ALA D 1 23 ? -9.189  -0.250  -7.220  1.00 20.71 ? 22 ALA D O   1 
ATOM   916  C CB  . ALA D 1 23 ? -6.057  0.705   -6.768  1.00 17.26 ? 22 ALA D CB  1 
ATOM   917  N N   . VAL D 1 24 ? -8.635  0.208   -5.090  1.00 20.07 ? 23 VAL D N   1 
ATOM   918  C CA  . VAL D 1 24 ? -9.664  -0.656  -4.504  1.00 21.11 ? 23 VAL D CA  1 
ATOM   919  C C   . VAL D 1 24 ? -11.060 -0.227  -4.954  1.00 22.35 ? 23 VAL D C   1 
ATOM   920  O O   . VAL D 1 24 ? -11.818 -1.042  -5.473  1.00 21.92 ? 23 VAL D O   1 
ATOM   921  C CB  . VAL D 1 24 ? -9.570  -0.658  -2.955  1.00 21.52 ? 23 VAL D CB  1 
ATOM   922  C CG1 . VAL D 1 24 ? -10.790 -1.367  -2.314  1.00 20.75 ? 23 VAL D CG1 1 
ATOM   923  C CG2 . VAL D 1 24 ? -8.264  -1.347  -2.502  1.00 22.75 ? 23 VAL D CG2 1 
ATOM   924  N N   . ALA D 1 25 ? -11.382 1.052   -4.756  1.00 22.86 ? 24 ALA D N   1 
ATOM   925  C CA  . ALA D 1 25 ? -12.721 1.553   -5.042  1.00 22.84 ? 24 ALA D CA  1 
ATOM   926  C C   . ALA D 1 25 ? -13.081 1.348   -6.489  1.00 23.20 ? 24 ALA D C   1 
ATOM   927  O O   . ALA D 1 25 ? -14.211 1.005   -6.822  1.00 24.07 ? 24 ALA D O   1 
ATOM   928  C CB  . ALA D 1 25 ? -12.831 3.010   -4.693  1.00 22.77 ? 24 ALA D CB  1 
ATOM   929  N N   . ARG D 1 26 ? -12.116 1.566   -7.355  1.00 22.90 ? 25 ARG D N   1 
ATOM   930  C CA  . ARG D 1 26 ? -12.403 1.504   -8.773  1.00 23.58 ? 25 ARG D CA  1 
ATOM   931  C C   . ARG D 1 26 ? -12.449 0.070   -9.298  1.00 24.22 ? 25 ARG D C   1 
ATOM   932  O O   . ARG D 1 26 ? -13.274 -0.248  -10.156 1.00 23.71 ? 25 ARG D O   1 
ATOM   933  C CB  . ARG D 1 26 ? -11.474 2.450   -9.540  1.00 23.53 ? 25 ARG D CB  1 
ATOM   934  C CG  . ARG D 1 26 ? -11.831 3.903   -9.189  1.00 23.22 ? 25 ARG D CG  1 
ATOM   935  C CD  . ARG D 1 26 ? -11.349 4.925   -10.145 1.00 26.39 ? 25 ARG D CD  1 
ATOM   936  N NE  . ARG D 1 26 ? -11.947 6.227   -9.815  1.00 23.44 ? 25 ARG D NE  1 
ATOM   937  C CZ  . ARG D 1 26 ? -11.300 7.249   -9.262  1.00 23.97 ? 25 ARG D CZ  1 
ATOM   938  N NH1 . ARG D 1 26 ? -10.018 7.147   -8.980  1.00 23.14 ? 25 ARG D NH1 1 
ATOM   939  N NH2 . ARG D 1 26 ? -11.955 8.392   -9.012  1.00 22.17 ? 25 ARG D NH2 1 
ATOM   940  N N   . LEU D 1 27 ? -11.607 -0.809  -8.754  1.00 24.15 ? 26 LEU D N   1 
ATOM   941  C CA  . LEU D 1 27 ? -11.655 -2.228  -9.129  1.00 24.48 ? 26 LEU D CA  1 
ATOM   942  C C   . LEU D 1 27 ? -12.894 -2.919  -8.560  1.00 25.74 ? 26 LEU D C   1 
ATOM   943  O O   . LEU D 1 27 ? -13.443 -3.810  -9.202  1.00 25.41 ? 26 LEU D O   1 
ATOM   944  C CB  . LEU D 1 27 ? -10.391 -2.990  -8.713  1.00 23.65 ? 26 LEU D CB  1 
ATOM   945  C CG  . LEU D 1 27 ? -9.069  -2.592  -9.376  1.00 21.06 ? 26 LEU D CG  1 
ATOM   946  C CD1 . LEU D 1 27 ? -7.944  -3.317  -8.714  1.00 19.74 ? 26 LEU D CD1 1 
ATOM   947  C CD2 . LEU D 1 27 ? -9.048  -2.907  -10.862 1.00 20.35 ? 26 LEU D CD2 1 
ATOM   948  N N   . LYS D 1 28 ? -13.331 -2.516  -7.363  1.00 26.66 ? 27 LYS D N   1 
ATOM   949  C CA  . LYS D 1 28 ? -14.610 -3.004  -6.829  1.00 28.41 ? 27 LYS D CA  1 
ATOM   950  C C   . LYS D 1 28 ? -15.762 -2.675  -7.773  1.00 29.74 ? 27 LYS D C   1 
ATOM   951  O O   . LYS D 1 28 ? -16.706 -3.456  -7.894  1.00 29.85 ? 27 LYS D O   1 
ATOM   952  C CB  . LYS D 1 28 ? -14.888 -2.467  -5.422  1.00 28.68 ? 27 LYS D CB  1 
ATOM   953  C CG  . LYS D 1 28 ? -14.074 -3.164  -4.346  1.00 29.07 ? 27 LYS D CG  1 
ATOM   954  C CD  . LYS D 1 28 ? -14.725 -3.044  -2.996  1.00 31.41 ? 27 LYS D CD  1 
ATOM   955  C CE  . LYS D 1 28 ? -14.225 -4.128  -2.062  1.00 32.76 ? 27 LYS D CE  1 
ATOM   956  N NZ  . LYS D 1 28 ? -14.652 -5.495  -2.482  1.00 36.02 ? 27 LYS D NZ  1 
ATOM   957  N N   . LYS D 1 29 ? -15.671 -1.539  -8.458  1.00 31.10 ? 28 LYS D N   1 
ATOM   958  C CA  . LYS D 1 29 ? -16.701 -1.133  -9.422  1.00 32.52 ? 28 LYS D CA  1 
ATOM   959  C C   . LYS D 1 29 ? -16.680 -1.973  -10.694 1.00 32.83 ? 28 LYS D C   1 
ATOM   960  O O   . LYS D 1 29 ? -17.725 -2.242  -11.301 1.00 33.16 ? 28 LYS D O   1 
ATOM   961  C CB  . LYS D 1 29 ? -16.565 0.346   -9.772  1.00 32.72 ? 28 LYS D CB  1 
ATOM   962  C CG  . LYS D 1 29 ? -16.958 1.269   -8.639  1.00 34.09 ? 28 LYS D CG  1 
ATOM   963  C CD  . LYS D 1 29 ? -16.413 2.672   -8.846  1.00 35.58 ? 28 LYS D CD  1 
ATOM   964  C CE  . LYS D 1 29 ? -16.548 3.511   -7.581  1.00 36.42 ? 28 LYS D CE  1 
ATOM   965  N NZ  . LYS D 1 29 ? -15.607 4.663   -7.610  1.00 38.40 ? 28 LYS D NZ  1 
ATOM   966  N N   . LEU D 1 30 ? -15.477 -2.365  -11.093 1.00 33.39 ? 29 LEU D N   1 
ATOM   967  C CA  . LEU D 1 30 ? -15.274 -3.308  -12.178 1.00 33.83 ? 29 LEU D CA  1 
ATOM   968  C C   . LEU D 1 30 ? -15.836 -4.696  -11.829 1.00 34.15 ? 29 LEU D C   1 
ATOM   969  O O   . LEU D 1 30 ? -16.491 -5.325  -12.666 1.00 34.77 ? 29 LEU D O   1 
ATOM   970  C CB  . LEU D 1 30 ? -13.781 -3.401  -12.512 1.00 33.71 ? 29 LEU D CB  1 
ATOM   971  C CG  . LEU D 1 30 ? -13.422 -3.828  -13.934 1.00 34.02 ? 29 LEU D CG  1 
ATOM   972  C CD1 . LEU D 1 30 ? -14.007 -2.856  -14.941 1.00 35.70 ? 29 LEU D CD1 1 
ATOM   973  C CD2 . LEU D 1 30 ? -11.928 -3.926  -14.112 1.00 34.19 ? 29 LEU D CD2 1 
ATOM   974  N N   . VAL D 1 31 ? -15.580 -5.162  -10.603 1.00 34.02 ? 30 VAL D N   1 
ATOM   975  C CA  . VAL D 1 31 ? -16.119 -6.441  -10.106 1.00 33.94 ? 30 VAL D CA  1 
ATOM   976  C C   . VAL D 1 31 ? -17.651 -6.417  -10.089 1.00 34.27 ? 30 VAL D C   1 
ATOM   977  O O   . VAL D 1 31 ? -18.300 -7.421  -10.404 1.00 34.17 ? 30 VAL D O   1 
ATOM   978  C CB  . VAL D 1 31 ? -15.596 -6.770  -8.673  1.00 34.04 ? 30 VAL D CB  1 
ATOM   979  C CG1 . VAL D 1 31 ? -16.276 -8.015  -8.078  1.00 34.37 ? 30 VAL D CG1 1 
ATOM   980  C CG2 . VAL D 1 31 ? -14.090 -6.954  -8.669  1.00 33.75 ? 30 VAL D CG2 1 
HETATM 981  O O   . HOH E 2 .  ? -8.491  -3.676  4.420   1.00 25.27 ? 34 HOH A O   1 
HETATM 982  O O   . HOH E 2 .  ? -11.482 -13.917 -3.684  1.00 28.39 ? 35 HOH A O   1 
HETATM 983  O O   . HOH E 2 .  ? -7.950  -16.077 -9.122  1.00 20.89 ? 36 HOH A O   1 
HETATM 984  O O   . HOH E 2 .  ? -8.019  -18.527 -5.869  1.00 24.05 ? 37 HOH A O   1 
HETATM 985  O O   . HOH E 2 .  ? -5.695  -12.054 -9.583  1.00 22.16 ? 38 HOH A O   1 
HETATM 986  O O   . HOH E 2 .  ? -0.849  12.397  15.423  1.00 26.82 ? 39 HOH A O   1 
HETATM 987  O O   . HOH E 2 .  ? -14.664 -16.429 -11.576 1.00 32.38 ? 40 HOH A O   1 
HETATM 988  O O   . HOH E 2 .  ? -10.503 0.219   8.289   1.00 37.78 ? 41 HOH A O   1 
HETATM 989  O O   . HOH E 2 .  ? -5.098  4.114   10.076  1.00 30.35 ? 42 HOH A O   1 
HETATM 990  O O   . HOH E 2 .  ? -11.032 -5.150  4.717   1.00 47.62 ? 43 HOH A O   1 
HETATM 991  O O   . HOH E 2 .  ? -4.959  -11.560 0.491   1.00 30.40 ? 44 HOH A O   1 
HETATM 992  O O   . HOH E 2 .  ? -9.355  -18.314 -10.234 1.00 22.83 ? 45 HOH A O   1 
HETATM 993  O O   . HOH E 2 .  ? 0.980   -5.630  16.416  1.00 26.68 ? 46 HOH A O   1 
HETATM 994  O O   . HOH E 2 .  ? -12.264 -19.276 -10.283 1.00 32.15 ? 47 HOH A O   1 
HETATM 995  O O   . HOH E 2 .  ? -8.859  -1.173  4.156   1.00 29.12 ? 48 HOH A O   1 
HETATM 996  O O   . HOH E 2 .  ? -12.621 -9.553  -3.363  1.00 29.82 ? 49 HOH A O   1 
HETATM 997  O O   . HOH E 2 .  ? 0.027   8.665   21.802  1.00 39.22 ? 50 HOH A O   1 
HETATM 998  O O   . HOH E 2 .  ? -5.400  -16.416 -6.345  1.00 25.20 ? 51 HOH A O   1 
HETATM 999  O O   . HOH E 2 .  ? -15.852 -13.761 -15.405 1.00 44.24 ? 52 HOH A O   1 
HETATM 1000 O O   . HOH E 2 .  ? -3.866  6.597   15.119  1.00 25.38 ? 53 HOH A O   1 
HETATM 1001 O O   . HOH E 2 .  ? -5.025  6.290   11.474  1.00 31.32 ? 54 HOH A O   1 
HETATM 1002 O O   . HOH E 2 .  ? -15.886 -17.150 -15.752 1.00 46.18 ? 55 HOH A O   1 
HETATM 1003 O O   . HOH E 2 .  ? -4.357  8.919   16.396  1.00 35.68 ? 56 HOH A O   1 
HETATM 1004 O O   . HOH E 2 .  ? -11.151 -9.524  1.448   1.00 51.38 ? 57 HOH A O   1 
HETATM 1005 O O   . HOH E 2 .  ? -6.648  8.048   8.554   1.00 43.15 ? 58 HOH A O   1 
HETATM 1006 O O   . HOH E 2 .  ? -3.602  11.368  16.042  1.00 33.15 ? 59 HOH A O   1 
HETATM 1007 O O   . HOH E 2 .  ? -16.353 -15.343 -7.524  1.00 31.17 ? 60 HOH A O   1 
HETATM 1008 O O   . HOH E 2 .  ? -8.876  -2.936  7.338   1.00 35.69 ? 61 HOH A O   1 
HETATM 1009 O O   . HOH E 2 .  ? -0.827  14.781  16.826  1.00 47.07 ? 62 HOH A O   1 
HETATM 1010 O O   . HOH E 2 .  ? -14.031 -14.291 -4.454  1.00 45.29 ? 63 HOH A O   1 
HETATM 1011 O O   . HOH F 2 .  ? 7.890   -6.620  1.634   1.00 21.92 ? 34 HOH B O   1 
HETATM 1012 O O   . HOH F 2 .  ? 2.814   -9.667  -13.875 1.00 25.76 ? 35 HOH B O   1 
HETATM 1013 O O   . HOH F 2 .  ? 11.303  -4.167  11.752  1.00 25.60 ? 36 HOH B O   1 
HETATM 1014 O O   . HOH F 2 .  ? 5.027   -8.153  -12.757 1.00 36.38 ? 37 HOH B O   1 
HETATM 1015 O O   . HOH F 2 .  ? 4.535   -5.600  13.096  1.00 23.70 ? 38 HOH B O   1 
HETATM 1016 O O   . HOH F 2 .  ? 4.839   -6.302  -10.881 1.00 28.35 ? 39 HOH B O   1 
HETATM 1017 O O   . HOH F 2 .  ? -6.450  -14.386 -24.773 1.00 31.82 ? 40 HOH B O   1 
HETATM 1018 O O   . HOH F 2 .  ? 7.543   -8.638  22.408  1.00 29.41 ? 41 HOH B O   1 
HETATM 1019 O O   . HOH F 2 .  ? -2.962  -17.036 -3.932  1.00 40.96 ? 42 HOH B O   1 
HETATM 1020 O O   . HOH F 2 .  ? 4.971   -6.623  -8.448  1.00 24.58 ? 43 HOH B O   1 
HETATM 1021 O O   . HOH F 2 .  ? 9.274   -4.774  0.271   1.00 30.67 ? 44 HOH B O   1 
HETATM 1022 O O   . HOH F 2 .  ? -7.744  -9.563  -18.767 1.00 33.63 ? 45 HOH B O   1 
HETATM 1023 O O   . HOH F 2 .  ? 1.240   -6.059  -18.202 1.00 30.00 ? 46 HOH B O   1 
HETATM 1024 O O   . HOH F 2 .  ? 6.235   -6.778  -15.031 1.00 51.57 ? 47 HOH B O   1 
HETATM 1025 O O   . HOH F 2 .  ? 13.362  -2.437  11.890  1.00 50.43 ? 48 HOH B O   1 
HETATM 1026 O O   . HOH F 2 .  ? 10.583  -5.698  -2.275  1.00 39.31 ? 49 HOH B O   1 
HETATM 1027 O O   . HOH F 2 .  ? -0.979  -10.623 5.675   1.00 32.84 ? 50 HOH B O   1 
HETATM 1028 O O   . HOH F 2 .  ? 2.915   -7.593  10.004  1.00 42.76 ? 51 HOH B O   1 
HETATM 1029 O O   . HOH F 2 .  ? 1.507   2.435   20.185  1.00 45.32 ? 52 HOH B O   1 
HETATM 1030 O O   . HOH F 2 .  ? 2.555   -10.994 -18.315 1.00 34.82 ? 53 HOH B O   1 
HETATM 1031 O O   . HOH F 2 .  ? 7.006   -7.932  7.428   1.00 34.75 ? 54 HOH B O   1 
HETATM 1032 O O   . HOH F 2 .  ? 15.167  -3.135  13.997  1.00 38.26 ? 55 HOH B O   1 
HETATM 1033 O O   . HOH F 2 .  ? 9.814   -7.672  13.106  1.00 44.88 ? 56 HOH B O   1 
HETATM 1034 O O   . HOH F 2 .  ? 11.550  -4.828  1.480   1.00 51.54 ? 57 HOH B O   1 
HETATM 1035 O O   . HOH F 2 .  ? 3.644   1.670   23.410  1.00 36.55 ? 58 HOH B O   1 
HETATM 1036 O O   . HOH F 2 .  ? 6.089   -4.583  -7.274  1.00 31.87 ? 59 HOH B O   1 
HETATM 1037 O O   . HOH F 2 .  ? 3.568   -12.138 -12.741 1.00 34.16 ? 60 HOH B O   1 
HETATM 1038 O O   . HOH F 2 .  ? 13.511  -2.890  2.662   1.00 44.19 ? 61 HOH B O   1 
HETATM 1039 O O   . HOH F 2 .  ? 17.925  -1.556  19.797  1.00 33.19 ? 62 HOH B O   1 
HETATM 1040 O O   . HOH F 2 .  ? 10.821  -6.061  9.498   1.00 34.13 ? 63 HOH B O   1 
HETATM 1041 O O   . HOH F 2 .  ? 16.671  -1.270  16.895  1.00 38.84 ? 64 HOH B O   1 
HETATM 1042 O O   . HOH F 2 .  ? 13.828  -3.711  20.000  1.00 42.14 ? 65 HOH B O   1 
HETATM 1043 O O   . HOH F 2 .  ? 2.475   -10.564 4.455   1.00 29.97 ? 66 HOH B O   1 
HETATM 1044 O O   . HOH F 2 .  ? 7.729   -8.932  -0.898  1.00 49.17 ? 67 HOH B O   1 
HETATM 1045 O O   . HOH F 2 .  ? -9.810  -8.606  -19.823 1.00 43.87 ? 68 HOH B O   1 
HETATM 1046 O O   . HOH F 2 .  ? -3.589  -13.500 -12.175 1.00 44.68 ? 69 HOH B O   1 
HETATM 1047 O O   . HOH F 2 .  ? -8.816  -15.710 -21.951 1.00 30.57 ? 70 HOH B O   1 
HETATM 1048 O O   . HOH F 2 .  ? 14.092  1.965   22.772  1.00 45.44 ? 71 HOH B O   1 
HETATM 1049 O O   . HOH F 2 .  ? 14.866  -7.371  -1.761  1.00 43.26 ? 72 HOH B O   1 
HETATM 1050 O O   . HOH G 2 .  ? 10.260  5.156   -3.304  1.00 21.36 ? 34 HOH C O   1 
HETATM 1051 O O   . HOH G 2 .  ? 12.426  1.395   0.527   1.00 28.85 ? 35 HOH C O   1 
HETATM 1052 O O   . HOH G 2 .  ? 11.791  2.941   -3.629  1.00 23.30 ? 36 HOH C O   1 
HETATM 1053 O O   . HOH G 2 .  ? 14.181  0.427   2.522   1.00 33.60 ? 37 HOH C O   1 
HETATM 1054 O O   . HOH G 2 .  ? -9.488  1.855   -12.294 1.00 32.93 ? 38 HOH C O   1 
HETATM 1055 O O   . HOH G 2 .  ? 13.147  8.580   -0.866  1.00 26.23 ? 39 HOH C O   1 
HETATM 1056 O O   . HOH G 2 .  ? -4.428  9.401   -9.782  1.00 44.30 ? 40 HOH C O   1 
HETATM 1057 O O   . HOH G 2 .  ? 8.751   -1.376  -7.006  1.00 35.70 ? 41 HOH C O   1 
HETATM 1058 O O   . HOH G 2 .  ? -8.018  5.533   -10.210 1.00 31.25 ? 42 HOH C O   1 
HETATM 1059 O O   . HOH G 2 .  ? 6.327   2.059   -7.771  1.00 27.64 ? 43 HOH C O   1 
HETATM 1060 O O   . HOH G 2 .  ? 17.618  0.179   10.442  1.00 37.34 ? 44 HOH C O   1 
HETATM 1061 O O   . HOH G 2 .  ? -0.568  0.941   -16.230 1.00 29.87 ? 45 HOH C O   1 
HETATM 1062 O O   . HOH G 2 .  ? -10.230 3.924   -13.511 1.00 37.16 ? 46 HOH C O   1 
HETATM 1063 O O   . HOH G 2 .  ? -0.272  -1.571  -16.959 1.00 39.96 ? 47 HOH C O   1 
HETATM 1064 O O   . HOH G 2 .  ? -9.408  -0.546  -22.919 1.00 39.68 ? 48 HOH C O   1 
HETATM 1065 O O   . HOH G 2 .  ? 16.744  9.229   5.671   1.00 37.58 ? 49 HOH C O   1 
HETATM 1066 O O   . HOH G 2 .  ? 13.384  10.836  7.846   1.00 38.80 ? 50 HOH C O   1 
HETATM 1067 O O   . HOH G 2 .  ? 3.081   10.733  -6.492  1.00 33.05 ? 51 HOH C O   1 
HETATM 1068 O O   . HOH G 2 .  ? 18.779  1.343   6.365   1.00 46.52 ? 52 HOH C O   1 
HETATM 1069 O O   . HOH G 2 .  ? 15.264  9.004   7.797   1.00 33.45 ? 53 HOH C O   1 
HETATM 1070 O O   . HOH G 2 .  ? -16.764 1.076   -17.506 1.00 37.71 ? 54 HOH C O   1 
HETATM 1071 O O   . HOH G 2 .  ? 15.064  5.834   -1.143  1.00 31.97 ? 55 HOH C O   1 
HETATM 1072 O O   . HOH G 2 .  ? 16.834  0.816   0.658   1.00 42.70 ? 56 HOH C O   1 
HETATM 1073 O O   . HOH G 2 .  ? 17.651  9.505   12.060  1.00 37.63 ? 57 HOH C O   1 
HETATM 1074 O O   . HOH G 2 .  ? -11.374 -5.522  -18.073 1.00 45.65 ? 58 HOH C O   1 
HETATM 1075 O O   . HOH G 2 .  ? 13.610  12.839  6.213   1.00 37.46 ? 59 HOH C O   1 
HETATM 1076 O O   . HOH G 2 .  ? -15.809 -1.191  -19.628 1.00 46.39 ? 60 HOH C O   1 
HETATM 1077 O O   . HOH G 2 .  ? -3.514  -2.466  -23.391 1.00 42.89 ? 61 HOH C O   1 
HETATM 1078 O O   . HOH H 2 .  ? -0.178  12.692  -2.418  1.00 23.97 ? 34 HOH D O   1 
HETATM 1079 O O   . HOH H 2 .  ? 3.426   12.784  -0.169  1.00 22.71 ? 35 HOH D O   1 
HETATM 1080 O O   . HOH H 2 .  ? -8.743  7.035   -2.397  1.00 21.46 ? 36 HOH D O   1 
HETATM 1081 O O   . HOH H 2 .  ? 0.656   11.122  -4.355  1.00 22.35 ? 37 HOH D O   1 
HETATM 1082 O O   . HOH H 2 .  ? 9.275   10.792  3.211   1.00 23.61 ? 38 HOH D O   1 
HETATM 1083 O O   . HOH H 2 .  ? -11.417 2.080   -1.436  1.00 28.71 ? 39 HOH D O   1 
HETATM 1084 O O   . HOH H 2 .  ? -10.953 8.484   -5.941  1.00 35.03 ? 40 HOH D O   1 
HETATM 1085 O O   . HOH H 2 .  ? 7.117   17.226  6.382   1.00 33.33 ? 41 HOH D O   1 
HETATM 1086 O O   . HOH H 2 .  ? 10.746  10.392  7.686   1.00 26.77 ? 42 HOH D O   1 
HETATM 1087 O O   . HOH H 2 .  ? 9.236   9.007   5.414   1.00 35.79 ? 43 HOH D O   1 
HETATM 1088 O O   . HOH H 2 .  ? 6.493   12.256  -1.785  1.00 32.28 ? 44 HOH D O   1 
HETATM 1089 O O   . HOH H 2 .  ? 6.482   18.118  10.359  1.00 33.12 ? 45 HOH D O   1 
HETATM 1090 O O   . HOH H 2 .  ? 6.502   19.359  13.975  1.00 43.31 ? 46 HOH D O   1 
HETATM 1091 O O   . HOH H 2 .  ? -12.273 5.567   -1.866  1.00 41.31 ? 47 HOH D O   1 
HETATM 1092 O O   . HOH H 2 .  ? 9.076   16.831  4.524   1.00 38.25 ? 48 HOH D O   1 
HETATM 1093 O O   . HOH H 2 .  ? -15.479 -6.007  -15.460 1.00 50.73 ? 49 HOH D O   1 
HETATM 1094 O O   . HOH H 2 .  ? 4.248   18.747  8.239   1.00 44.52 ? 50 HOH D O   1 
HETATM 1095 O O   . HOH H 2 .  ? -16.285 1.153   -5.254  1.00 36.66 ? 51 HOH D O   1 
HETATM 1096 O O   . HOH H 2 .  ? 8.458   16.883  8.658   1.00 38.18 ? 52 HOH D O   1 
HETATM 1097 O O   . HOH H 2 .  ? 8.270   13.338  0.013   1.00 42.18 ? 53 HOH D O   1 
# 
